data_5IWI
#
_entry.id   5IWI
#
_cell.length_a   92.897
_cell.length_b   92.897
_cell.length_c   410.784
_cell.angle_alpha   90.00
_cell.angle_beta   90.00
_cell.angle_gamma   120.00
#
_symmetry.space_group_name_H-M   'P 61'
#
loop_
_entity.id
_entity.type
_entity.pdbx_description
1 polymer 'DNA gyrase subunit B,DNA gyrase subunit B'
2 polymer 'DNA gyrase subunit A'
3 polymer "DNA (5'-D(*AP*GP*CP*CP*GP*TP*AP*GP*GP*TP*AP*CP*AP*CP*CP*GP*CP*AP*CP*A)-3')"
4 polymer "DNA (5'-D(*TP*GP*TP*GP*CP*GP*GP*T*GP*TP*AP*CP*CP*TP*AP*CP*GP*GP*CP*T)-3')"
5 polymer "DNA (5'-D(*TP*GP*TP*GP*CP*GP*GP*T*GP*TP*AP*CP*CP*TP*AP*CP*GP*GP*CP*T)-3')"
6 non-polymer 'MANGANESE (II) ION'
7 non-polymer GLYCEROL
8 non-polymer 'CHLORIDE ION'
9 non-polymer (1R)-1-[(4-{[(6,7-dihydro[1,4]dioxino[2,3-c]pyridazin-3-yl)methyl]amino}piperidin-1-yl)methyl]-9-fluoro-1,2-dihydro-4H-pyrrolo[3,2,1-ij]quinolin-4-one
10 water water
#
loop_
_entity_poly.entity_id
_entity_poly.type
_entity_poly.pdbx_seq_one_letter_code
_entity_poly.pdbx_strand_id
1 'polypeptide(L)'
;MDVASLPGKLADCSSKSPEECEIFLVEGDSAGGSTKSGRDSRTQAILPLRGKILNVEKARLDRILNNNEIRQMITAFGTG
IGGDFDLAKARYHKIVIMTDADVDGAHIRTLLLTFFYRFMRPLIEAGYVYIAQPPTGYKGLGEMNADQLWETTMNPEHRA
LLQVKLEDAIEADQTFEMLMGDVVENRRQFIEDNAVYANLDF
;
B,D
2 'polypeptide(L)'
;AELPQSRINERNITSEMRESFLDYAMSVIVARALPDVRDGLKPVHRRILYGLNEQGMTPDKSYKKSARIVGDVMGKYHPH
GDSSIYEAMVRMAQDFSYRYPLVDGQGNFGSMDGDGAAAMRFTEARMTKITLELLRDINKDTIDFIDNYDGNEREPSVLP
ARFPNLLANGASGIAVGMATNIPPHNLTELINGVLSLSKNPDISIAELMEDIEGPDFPTAGLILGKSGIRRAYETGRGSI
QMRSRAVIEERGGGRQRIVVTEIPFQVNKARMIEKIAELVRDKKIDGITDLRDETSLRTGVRVVIDVRKDANASVILNNL
YKQTPLQTSFGVNMIALVNGRPKLINLKEALVHYLEHQKTVVRRRTQYNLRKAKDRAHILEGLRIALDHIDEIISTIRES
DTDKVAMESLQQRFKLSEKQAQAILDMRLRRLTGLERDKIEAEYNELLNYISELETILADEEVLLQLVRDELTEIRDRFG
DDRRTEIQLG
;
A,C
3 'polydeoxyribonucleotide' (DA)(DG)(DC)(DC)(DG)(DT)(DA)(DG)(DG)(DT)(DA)(DC)(DA)(DC)(DC)(DG)(DC)(DA)(DC)(DA) E
4 'polydeoxyribonucleotide' (DT)(DG)(DT)(DG)(DC)(DG)(DG)(DT) F
5 'polydeoxyribonucleotide' (DG)(DT)(DA)(DC)(DC)(DT)(DA)(DC)(DG)(DG)(DC)(DT) G
#
loop_
_chem_comp.id
_chem_comp.type
_chem_comp.name
_chem_comp.formula
6EJ non-polymer (1R)-1-[(4-{[(6,7-dihydro[1,4]dioxino[2,3-c]pyridazin-3-yl)methyl]amino}piperidin-1-yl)methyl]-9-fluoro-1,2-dihydro-4H-pyrrolo[3,2,1-ij]quinolin-4-one 'C24 H26 F N5 O3'
CL non-polymer 'CHLORIDE ION' 'Cl -1'
DA DNA linking 2'-DEOXYADENOSINE-5'-MONOPHOSPHATE 'C10 H14 N5 O6 P'
DC DNA linking 2'-DEOXYCYTIDINE-5'-MONOPHOSPHATE 'C9 H14 N3 O7 P'
DG DNA linking 2'-DEOXYGUANOSINE-5'-MONOPHOSPHATE 'C10 H14 N5 O7 P'
DT DNA linking THYMIDINE-5'-MONOPHOSPHATE 'C10 H15 N2 O8 P'
GOL non-polymer GLYCEROL 'C3 H8 O3'
MN non-polymer 'MANGANESE (II) ION' 'Mn 2'
#
# COMPACT_ATOMS: atom_id res chain seq x y z
N PRO A 7 11.74 -24.54 -19.41
CA PRO A 7 10.87 -23.92 -18.42
C PRO A 7 10.06 -22.74 -18.96
N GLY A 8 8.85 -22.55 -18.45
CA GLY A 8 7.99 -21.46 -18.87
C GLY A 8 8.56 -20.11 -18.46
N LYS A 9 9.16 -20.07 -17.27
CA LYS A 9 9.75 -18.85 -16.73
C LYS A 9 11.15 -18.54 -17.29
N LEU A 10 11.78 -19.53 -17.94
CA LEU A 10 13.12 -19.35 -18.50
C LEU A 10 13.14 -18.40 -19.69
N ALA A 11 13.90 -17.31 -19.58
CA ALA A 11 14.12 -16.43 -20.74
C ALA A 11 15.51 -16.81 -21.24
N ASP A 12 15.57 -17.74 -22.19
CA ASP A 12 16.85 -18.27 -22.66
C ASP A 12 17.65 -17.28 -23.52
N CYS A 13 18.94 -17.55 -23.70
CA CYS A 13 19.79 -16.73 -24.57
C CYS A 13 19.74 -17.29 -26.03
N SER A 14 20.27 -16.54 -27.00
CA SER A 14 20.29 -16.92 -28.45
C SER A 14 21.28 -18.04 -28.76
N SER A 15 22.49 -17.90 -28.25
CA SER A 15 23.53 -18.87 -28.45
C SER A 15 23.13 -20.22 -27.85
N LYS A 16 23.57 -21.30 -28.48
CA LYS A 16 23.30 -22.64 -28.00
C LYS A 16 24.62 -23.30 -27.60
N SER A 17 25.67 -22.48 -27.62
CA SER A 17 27.00 -22.89 -27.27
C SER A 17 27.22 -22.69 -25.77
N PRO A 18 27.09 -23.76 -24.97
CA PRO A 18 27.21 -23.67 -23.51
C PRO A 18 28.44 -22.94 -22.97
N GLU A 19 29.60 -23.13 -23.60
N GLU A 19 29.61 -23.13 -23.57
CA GLU A 19 30.86 -22.51 -23.17
CA GLU A 19 30.84 -22.51 -23.07
C GLU A 19 30.77 -21.00 -22.95
C GLU A 19 30.78 -20.99 -22.94
N GLU A 20 29.93 -20.35 -23.75
CA GLU A 20 29.79 -18.89 -23.68
C GLU A 20 28.47 -18.38 -23.05
N CYS A 21 27.57 -19.30 -22.69
CA CYS A 21 26.28 -18.91 -22.13
C CYS A 21 26.28 -18.93 -20.60
N GLU A 22 25.45 -18.06 -20.04
CA GLU A 22 25.33 -17.88 -18.61
C GLU A 22 23.86 -17.90 -18.25
N ILE A 23 23.51 -18.51 -17.13
CA ILE A 23 22.12 -18.46 -16.67
C ILE A 23 22.10 -17.76 -15.30
N PHE A 24 21.28 -16.73 -15.19
CA PHE A 24 21.17 -15.97 -13.95
C PHE A 24 19.92 -16.43 -13.21
N LEU A 25 20.10 -16.85 -11.95
CA LEU A 25 18.96 -17.26 -11.11
C LEU A 25 18.62 -16.05 -10.20
N VAL A 26 17.40 -15.55 -10.36
N VAL A 26 17.43 -15.48 -10.37
CA VAL A 26 16.87 -14.41 -9.59
CA VAL A 26 17.06 -14.26 -9.60
C VAL A 26 15.63 -14.87 -8.77
C VAL A 26 15.82 -14.42 -8.70
N GLU A 27 15.24 -14.06 -7.79
N GLU A 27 15.80 -13.71 -7.56
CA GLU A 27 14.15 -14.42 -6.85
CA GLU A 27 14.69 -13.81 -6.61
C GLU A 27 12.70 -14.49 -7.39
C GLU A 27 13.31 -13.41 -7.16
N GLY A 28 12.39 -13.74 -8.43
N GLY A 28 12.78 -14.15 -8.13
CA GLY A 28 11.04 -13.74 -8.99
CA GLY A 28 11.43 -13.83 -8.63
C GLY A 28 10.95 -12.85 -10.21
C GLY A 28 11.31 -12.83 -9.77
N ASP A 29 9.74 -12.49 -10.60
N ASP A 29 10.08 -12.70 -10.26
CA ASP A 29 9.55 -11.63 -11.76
CA ASP A 29 9.73 -11.87 -11.43
C ASP A 29 9.86 -10.18 -11.49
C ASP A 29 10.10 -10.39 -11.36
N SER A 30 9.84 -9.76 -10.22
CA SER A 30 10.15 -8.35 -9.94
C SER A 30 11.61 -8.08 -10.35
N ALA A 31 12.49 -9.00 -9.97
CA ALA A 31 13.90 -8.93 -10.32
C ALA A 31 14.12 -9.40 -11.78
N GLY A 32 13.33 -10.37 -12.23
CA GLY A 32 13.44 -10.92 -13.59
C GLY A 32 13.25 -9.91 -14.71
N GLY A 33 12.31 -8.99 -14.54
CA GLY A 33 12.04 -7.97 -15.56
C GLY A 33 13.23 -7.04 -15.79
N SER A 34 13.80 -6.51 -14.70
CA SER A 34 14.97 -5.64 -14.79
C SER A 34 16.17 -6.40 -15.41
N THR A 35 16.33 -7.65 -15.00
N THR A 35 16.34 -7.66 -15.05
CA THR A 35 17.41 -8.52 -15.46
CA THR A 35 17.45 -8.45 -15.59
C THR A 35 17.25 -8.84 -16.94
C THR A 35 17.25 -8.79 -17.06
N LYS A 36 16.01 -9.10 -17.35
N LYS A 36 16.01 -9.14 -17.43
CA LYS A 36 15.72 -9.44 -18.75
CA LYS A 36 15.71 -9.45 -18.83
C LYS A 36 16.03 -8.27 -19.69
C LYS A 36 15.97 -8.26 -19.75
N SER A 37 15.64 -7.06 -19.30
CA SER A 37 15.87 -5.84 -20.09
C SER A 37 17.35 -5.42 -20.16
N GLY A 38 18.07 -5.63 -19.06
CA GLY A 38 19.46 -5.24 -19.00
C GLY A 38 20.48 -6.23 -19.54
N ARG A 39 20.14 -7.52 -19.59
CA ARG A 39 21.07 -8.56 -20.01
C ARG A 39 21.53 -8.45 -21.48
N ASP A 40 22.48 -9.31 -21.82
CA ASP A 40 22.92 -9.48 -23.19
C ASP A 40 22.22 -10.79 -23.60
N SER A 41 21.09 -10.67 -24.31
CA SER A 41 20.28 -11.85 -24.65
C SER A 41 20.96 -12.88 -25.56
N ARG A 42 22.14 -12.57 -26.06
CA ARG A 42 22.82 -13.52 -26.91
C ARG A 42 23.50 -14.59 -26.04
N THR A 43 24.04 -14.19 -24.90
CA THR A 43 24.75 -15.13 -24.03
C THR A 43 24.21 -15.25 -22.59
N GLN A 44 23.15 -14.52 -22.26
CA GLN A 44 22.67 -14.53 -20.87
C GLN A 44 21.20 -14.91 -20.76
N ALA A 45 20.95 -16.06 -20.12
CA ALA A 45 19.59 -16.55 -19.88
C ALA A 45 19.17 -16.13 -18.44
N ILE A 46 17.88 -15.95 -18.21
CA ILE A 46 17.40 -15.61 -16.87
C ILE A 46 16.31 -16.58 -16.46
N LEU A 47 16.42 -17.06 -15.23
CA LEU A 47 15.39 -17.93 -14.65
C LEU A 47 14.97 -17.30 -13.32
N PRO A 48 13.79 -16.66 -13.31
CA PRO A 48 13.20 -16.11 -12.08
C PRO A 48 12.67 -17.27 -11.24
N LEU A 49 12.98 -17.27 -9.94
N LEU A 49 12.96 -17.25 -9.94
CA LEU A 49 12.54 -18.35 -9.03
CA LEU A 49 12.45 -18.28 -9.05
C LEU A 49 11.54 -17.86 -7.97
C LEU A 49 11.12 -17.77 -8.47
N ARG A 50 10.49 -18.64 -7.71
N ARG A 50 10.88 -18.04 -7.19
CA ARG A 50 9.42 -18.30 -6.77
CA ARG A 50 9.68 -17.53 -6.52
C ARG A 50 9.75 -18.27 -5.27
C ARG A 50 9.87 -17.44 -4.99
N GLY A 51 10.44 -17.22 -4.82
N GLY A 51 10.90 -16.72 -4.56
CA GLY A 51 10.74 -17.05 -3.38
CA GLY A 51 11.12 -16.58 -3.13
C GLY A 51 11.63 -18.05 -2.70
C GLY A 51 11.94 -17.69 -2.51
N LYS A 52 11.48 -18.21 -1.38
CA LYS A 52 12.28 -19.18 -0.62
C LYS A 52 12.19 -20.54 -1.27
N ILE A 53 13.36 -21.05 -1.61
CA ILE A 53 13.58 -22.34 -2.25
C ILE A 53 13.47 -23.46 -1.22
N LEU A 54 12.84 -24.56 -1.62
CA LEU A 54 12.79 -25.76 -0.78
C LEU A 54 14.18 -26.16 -0.25
N ASN A 55 14.27 -26.43 1.04
CA ASN A 55 15.52 -26.86 1.66
C ASN A 55 15.61 -28.39 1.41
N VAL A 56 16.45 -28.78 0.46
CA VAL A 56 16.55 -30.22 0.10
C VAL A 56 17.19 -31.07 1.19
N GLU A 57 17.93 -30.44 2.11
CA GLU A 57 18.57 -31.17 3.22
C GLU A 57 17.51 -31.65 4.22
N LYS A 58 16.35 -31.00 4.26
CA LYS A 58 15.27 -31.38 5.15
C LYS A 58 14.15 -32.15 4.45
N ALA A 59 14.15 -32.13 3.13
CA ALA A 59 13.05 -32.74 2.37
C ALA A 59 13.44 -34.09 1.79
N ARG A 60 12.45 -34.94 1.61
CA ARG A 60 12.64 -36.25 1.00
C ARG A 60 12.49 -36.11 -0.52
N LEU A 61 12.99 -37.11 -1.24
CA LEU A 61 13.06 -37.06 -2.70
C LEU A 61 11.78 -36.73 -3.47
N ASP A 62 10.66 -37.34 -3.06
N ASP A 62 10.66 -37.35 -3.09
CA ASP A 62 9.35 -37.13 -3.70
CA ASP A 62 9.39 -37.12 -3.78
C ASP A 62 8.94 -35.67 -3.67
C ASP A 62 8.98 -35.63 -3.70
N ARG A 63 9.17 -35.03 -2.53
CA ARG A 63 8.84 -33.62 -2.37
C ARG A 63 9.79 -32.76 -3.24
N ILE A 64 11.08 -33.09 -3.22
CA ILE A 64 12.06 -32.36 -4.01
C ILE A 64 11.74 -32.42 -5.53
N LEU A 65 11.50 -33.63 -6.05
CA LEU A 65 11.25 -33.83 -7.48
C LEU A 65 9.93 -33.25 -7.95
N ASN A 66 8.99 -33.04 -7.03
CA ASN A 66 7.70 -32.45 -7.40
C ASN A 66 7.66 -30.92 -7.21
N ASN A 67 8.74 -30.33 -6.70
CA ASN A 67 8.80 -28.89 -6.49
C ASN A 67 9.09 -28.17 -7.81
N ASN A 68 8.22 -27.22 -8.15
CA ASN A 68 8.28 -26.50 -9.43
C ASN A 68 9.58 -25.75 -9.71
N GLU A 69 10.16 -25.08 -8.71
CA GLU A 69 11.40 -24.33 -8.90
C GLU A 69 12.60 -25.25 -9.10
N ILE A 70 12.63 -26.35 -8.34
CA ILE A 70 13.67 -27.36 -8.48
C ILE A 70 13.62 -27.94 -9.91
N ARG A 71 12.42 -28.33 -10.34
CA ARG A 71 12.24 -28.90 -11.67
C ARG A 71 12.67 -27.94 -12.80
N GLN A 72 12.37 -26.64 -12.62
CA GLN A 72 12.74 -25.61 -13.60
C GLN A 72 14.24 -25.58 -13.72
N MET A 73 14.93 -25.55 -12.58
CA MET A 73 16.39 -25.49 -12.59
C MET A 73 17.00 -26.74 -13.24
N ILE A 74 16.46 -27.91 -12.93
CA ILE A 74 16.96 -29.17 -13.52
C ILE A 74 16.79 -29.15 -15.03
N THR A 75 15.58 -28.83 -15.49
CA THR A 75 15.27 -28.75 -16.93
C THR A 75 16.18 -27.72 -17.62
N ALA A 76 16.31 -26.53 -17.04
CA ALA A 76 17.15 -25.50 -17.64
C ALA A 76 18.65 -25.86 -17.72
N PHE A 77 19.20 -26.50 -16.69
CA PHE A 77 20.62 -26.83 -16.69
C PHE A 77 20.95 -27.98 -17.64
N GLY A 78 19.98 -28.87 -17.84
CA GLY A 78 20.10 -30.01 -18.76
C GLY A 78 21.07 -31.13 -18.39
N THR A 79 21.64 -31.05 -17.19
CA THR A 79 22.61 -32.05 -16.73
C THR A 79 22.03 -33.31 -16.06
N GLY A 80 20.74 -33.34 -15.75
CA GLY A 80 20.18 -34.43 -14.94
C GLY A 80 20.66 -34.23 -13.50
N ILE A 81 20.34 -35.16 -12.60
CA ILE A 81 20.70 -35.02 -11.18
C ILE A 81 21.26 -36.28 -10.53
N GLY A 82 21.97 -36.08 -9.41
CA GLY A 82 22.55 -37.17 -8.63
C GLY A 82 23.40 -38.13 -9.44
N GLY A 83 23.06 -39.42 -9.36
CA GLY A 83 23.79 -40.46 -10.09
C GLY A 83 23.77 -40.27 -11.59
N ASP A 84 22.71 -39.64 -12.11
CA ASP A 84 22.57 -39.42 -13.56
C ASP A 84 23.10 -38.07 -14.04
N PHE A 85 23.80 -37.35 -13.16
CA PHE A 85 24.34 -36.05 -13.50
C PHE A 85 25.38 -36.22 -14.61
N ASP A 86 25.22 -35.45 -15.68
CA ASP A 86 26.15 -35.49 -16.79
C ASP A 86 26.61 -34.07 -17.14
N LEU A 87 27.79 -33.73 -16.63
CA LEU A 87 28.39 -32.41 -16.85
C LEU A 87 28.43 -32.02 -18.32
N ALA A 88 28.79 -32.99 -19.17
CA ALA A 88 28.89 -32.78 -20.60
C ALA A 88 27.59 -32.23 -21.22
N LYS A 89 26.48 -32.43 -20.54
CA LYS A 89 25.18 -31.95 -21.04
C LYS A 89 24.73 -30.58 -20.50
N ALA A 90 25.59 -29.95 -19.71
CA ALA A 90 25.32 -28.62 -19.13
C ALA A 90 25.01 -27.63 -20.23
N ARG A 91 23.87 -26.95 -20.13
CA ARG A 91 23.49 -25.98 -21.17
C ARG A 91 24.14 -24.61 -20.97
N TYR A 92 24.80 -24.40 -19.83
CA TYR A 92 25.50 -23.16 -19.51
C TYR A 92 26.76 -23.50 -18.75
N HIS A 93 27.84 -22.76 -18.98
CA HIS A 93 29.08 -22.96 -18.23
C HIS A 93 29.20 -22.01 -17.04
N LYS A 94 28.23 -21.11 -16.92
CA LYS A 94 28.15 -20.27 -15.72
C LYS A 94 26.70 -20.27 -15.21
N ILE A 95 26.52 -20.75 -13.99
CA ILE A 95 25.22 -20.74 -13.33
C ILE A 95 25.44 -19.67 -12.27
N VAL A 96 24.76 -18.52 -12.44
CA VAL A 96 25.00 -17.38 -11.57
C VAL A 96 23.85 -17.10 -10.58
N ILE A 97 24.15 -17.24 -9.29
CA ILE A 97 23.17 -16.93 -8.25
C ILE A 97 23.12 -15.43 -8.03
N MET A 98 21.95 -14.85 -8.30
CA MET A 98 21.77 -13.43 -8.19
C MET A 98 20.54 -13.08 -7.35
N THR A 99 20.62 -13.40 -6.07
N THR A 99 20.74 -12.99 -6.03
CA THR A 99 19.55 -13.13 -5.14
CA THR A 99 19.71 -12.60 -5.04
C THR A 99 19.58 -11.64 -4.88
C THR A 99 20.00 -11.24 -4.36
N ASP A 100 18.53 -11.15 -4.23
N ASP A 100 19.00 -10.65 -3.70
CA ASP A 100 18.46 -9.74 -3.85
CA ASP A 100 19.17 -9.35 -3.00
C ASP A 100 19.48 -9.46 -2.76
C ASP A 100 20.42 -9.29 -2.09
N ALA A 101 19.88 -8.20 -2.62
N ALA A 101 20.98 -8.11 -1.93
CA ALA A 101 20.90 -7.80 -1.64
CA ALA A 101 22.13 -7.91 -1.06
C ALA A 101 20.39 -7.60 -0.22
C ALA A 101 21.70 -7.69 0.38
N ASP A 102 19.60 -8.56 0.27
N ASP A 102 20.81 -8.57 0.86
CA ASP A 102 19.10 -8.49 1.65
CA ASP A 102 20.29 -8.49 2.21
C ASP A 102 19.36 -9.83 2.37
C ASP A 102 20.20 -9.89 2.81
N VAL A 103 19.25 -9.85 3.70
N VAL A 103 19.64 -10.03 3.99
CA VAL A 103 19.51 -11.08 4.51
CA VAL A 103 19.61 -11.33 4.66
C VAL A 103 18.75 -12.29 3.99
C VAL A 103 18.69 -12.41 4.06
N ASP A 104 17.54 -12.05 3.47
CA ASP A 104 16.72 -13.10 2.89
C ASP A 104 17.31 -13.61 1.57
N GLY A 105 17.99 -12.73 0.84
CA GLY A 105 18.68 -13.13 -0.39
C GLY A 105 19.83 -14.05 -0.02
N ALA A 106 20.52 -13.74 1.07
CA ALA A 106 21.61 -14.59 1.59
C ALA A 106 21.04 -15.99 1.96
N HIS A 107 19.85 -16.00 2.56
CA HIS A 107 19.20 -17.26 2.92
C HIS A 107 18.91 -18.07 1.64
N ILE A 108 18.36 -17.39 0.62
CA ILE A 108 18.02 -18.06 -0.64
C ILE A 108 19.29 -18.64 -1.28
N ARG A 109 20.39 -17.92 -1.13
CA ARG A 109 21.66 -18.38 -1.65
C ARG A 109 22.10 -19.69 -0.95
N THR A 110 21.95 -19.75 0.38
CA THR A 110 22.30 -20.99 1.10
C THR A 110 21.42 -22.15 0.66
N LEU A 111 20.14 -21.87 0.38
CA LEU A 111 19.21 -22.92 -0.06
C LEU A 111 19.60 -23.43 -1.46
N LEU A 112 19.86 -22.51 -2.38
CA LEU A 112 20.33 -22.88 -3.73
C LEU A 112 21.65 -23.68 -3.68
N LEU A 113 22.62 -23.20 -2.93
CA LEU A 113 23.90 -23.94 -2.79
C LEU A 113 23.69 -25.32 -2.19
N THR A 114 22.75 -25.45 -1.25
CA THR A 114 22.41 -26.76 -0.67
C THR A 114 21.92 -27.72 -1.76
N PHE A 115 21.01 -27.24 -2.60
CA PHE A 115 20.52 -28.03 -3.72
C PHE A 115 21.61 -28.43 -4.70
N PHE A 116 22.47 -27.48 -5.08
CA PHE A 116 23.55 -27.79 -6.04
C PHE A 116 24.53 -28.77 -5.45
N TYR A 117 24.86 -28.59 -4.17
CA TYR A 117 25.81 -29.46 -3.51
C TYR A 117 25.30 -30.90 -3.37
N ARG A 118 24.00 -31.07 -3.13
CA ARG A 118 23.45 -32.39 -2.90
C ARG A 118 22.99 -33.09 -4.17
N PHE A 119 22.69 -32.34 -5.21
CA PHE A 119 22.17 -32.95 -6.43
C PHE A 119 23.01 -32.72 -7.67
N MET A 120 23.92 -31.76 -7.62
CA MET A 120 24.73 -31.41 -8.78
C MET A 120 26.12 -31.03 -8.33
N ARG A 121 26.68 -31.80 -7.42
CA ARG A 121 28.00 -31.49 -6.91
C ARG A 121 29.11 -31.29 -7.98
N PRO A 122 29.08 -32.09 -9.09
CA PRO A 122 30.14 -31.90 -10.09
C PRO A 122 30.05 -30.56 -10.81
N LEU A 123 28.87 -29.96 -10.81
CA LEU A 123 28.67 -28.63 -11.38
C LEU A 123 29.52 -27.64 -10.58
N ILE A 124 29.57 -27.82 -9.26
CA ILE A 124 30.38 -26.96 -8.40
C ILE A 124 31.88 -27.26 -8.58
N GLU A 125 32.21 -28.56 -8.57
CA GLU A 125 33.59 -29.01 -8.76
C GLU A 125 34.22 -28.49 -10.05
N ALA A 126 33.42 -28.36 -11.10
CA ALA A 126 33.87 -27.87 -12.40
C ALA A 126 34.01 -26.34 -12.47
N GLY A 127 33.65 -25.65 -11.40
CA GLY A 127 33.72 -24.19 -11.37
C GLY A 127 32.63 -23.48 -12.17
N TYR A 128 31.50 -24.14 -12.36
CA TYR A 128 30.37 -23.57 -13.13
C TYR A 128 29.42 -22.70 -12.29
N VAL A 129 29.56 -22.74 -10.97
CA VAL A 129 28.66 -21.99 -10.07
C VAL A 129 29.28 -20.70 -9.59
N TYR A 130 28.58 -19.60 -9.84
CA TYR A 130 29.02 -18.26 -9.45
C TYR A 130 28.00 -17.53 -8.56
N ILE A 131 28.47 -16.50 -7.86
CA ILE A 131 27.62 -15.67 -7.05
C ILE A 131 27.82 -14.25 -7.51
N ALA A 132 26.75 -13.66 -8.04
CA ALA A 132 26.74 -12.26 -8.48
C ALA A 132 26.84 -11.36 -7.27
N GLN A 133 27.22 -10.10 -7.48
CA GLN A 133 27.35 -9.16 -6.38
C GLN A 133 26.65 -7.83 -6.62
N PRO A 134 25.31 -7.86 -6.65
CA PRO A 134 24.59 -6.62 -6.92
C PRO A 134 24.83 -5.62 -5.79
N PRO A 135 24.79 -4.31 -6.08
CA PRO A 135 25.07 -3.38 -5.00
C PRO A 135 24.05 -3.42 -3.86
N THR A 136 24.53 -3.17 -2.64
CA THR A 136 23.67 -3.07 -1.46
C THR A 136 22.97 -1.71 -1.52
N GLY A 137 21.94 -1.53 -0.70
CA GLY A 137 21.18 -0.26 -0.69
C GLY A 137 19.94 -0.32 -1.56
N TYR A 138 19.65 -1.51 -2.10
CA TYR A 138 18.47 -1.74 -2.91
C TYR A 138 17.74 -2.91 -2.30
N LYS A 139 16.44 -2.77 -2.02
N LYS A 139 16.44 -2.70 -2.06
CA LYS A 139 15.68 -3.86 -1.39
CA LYS A 139 15.54 -3.71 -1.56
C LYS A 139 15.54 -5.12 -2.25
C LYS A 139 15.10 -4.49 -2.78
N GLY A 140 15.69 -4.93 -3.56
N GLY A 140 15.48 -5.75 -2.85
CA GLY A 140 15.60 -6.02 -4.53
CA GLY A 140 15.16 -6.55 -4.01
C GLY A 140 16.07 -5.51 -5.88
C GLY A 140 15.80 -5.86 -5.20
N LEU A 141 16.27 -6.42 -6.83
N LEU A 141 16.08 -6.64 -6.24
CA LEU A 141 16.73 -6.05 -8.16
CA LEU A 141 16.67 -6.10 -7.42
C LEU A 141 15.65 -5.28 -8.93
C LEU A 141 15.64 -5.24 -8.15
N GLY A 142 14.39 -5.45 -8.50
N GLY A 142 14.38 -5.40 -7.76
CA GLY A 142 13.24 -4.77 -9.09
CA GLY A 142 13.26 -4.72 -8.40
C GLY A 142 13.19 -3.29 -8.77
C GLY A 142 13.31 -3.21 -8.34
N GLU A 143 14.05 -2.87 -7.82
N GLU A 143 14.14 -2.70 -7.44
CA GLU A 143 14.17 -1.49 -7.39
CA GLU A 143 14.30 -1.27 -7.24
C GLU A 143 15.22 -0.79 -8.28
C GLU A 143 15.35 -0.72 -8.19
N MET A 144 16.09 -1.61 -8.88
CA MET A 144 17.15 -1.14 -9.79
C MET A 144 16.70 -0.94 -11.23
N ASN A 145 17.26 0.05 -11.90
CA ASN A 145 16.99 0.24 -13.34
C ASN A 145 17.80 -0.81 -14.09
N ALA A 146 17.34 -1.20 -15.27
CA ALA A 146 18.00 -2.25 -16.06
C ALA A 146 19.47 -1.95 -16.41
N ASP A 147 19.78 -0.67 -16.67
CA ASP A 147 21.14 -0.28 -17.00
C ASP A 147 22.06 -0.37 -15.79
N GLN A 148 21.53 -0.07 -14.60
CA GLN A 148 22.35 -0.14 -13.38
C GLN A 148 22.66 -1.62 -13.09
N LEU A 149 21.67 -2.49 -13.28
CA LEU A 149 21.85 -3.92 -13.04
C LEU A 149 22.91 -4.49 -14.00
N TRP A 150 22.76 -4.20 -15.29
CA TRP A 150 23.73 -4.60 -16.30
C TRP A 150 25.14 -4.12 -15.93
N GLU A 151 25.31 -2.82 -15.74
CA GLU A 151 26.63 -2.22 -15.48
C GLU A 151 27.32 -2.72 -14.23
N THR A 152 26.60 -2.77 -13.12
CA THR A 152 27.22 -3.16 -11.85
C THR A 152 27.36 -4.67 -11.65
N THR A 153 26.46 -5.44 -12.27
CA THR A 153 26.34 -6.85 -11.91
C THR A 153 26.43 -7.89 -13.03
N MET A 154 25.97 -7.55 -14.24
CA MET A 154 25.92 -8.52 -15.35
C MET A 154 26.93 -8.29 -16.50
N ASN A 155 27.38 -7.06 -16.68
CA ASN A 155 28.36 -6.69 -17.73
C ASN A 155 29.72 -7.31 -17.39
N PRO A 156 30.18 -8.26 -18.21
CA PRO A 156 31.49 -8.90 -17.94
C PRO A 156 32.69 -7.93 -17.87
N GLU A 157 32.57 -6.76 -18.48
N GLU A 157 32.57 -6.75 -18.49
CA GLU A 157 33.64 -5.76 -18.47
CA GLU A 157 33.65 -5.76 -18.47
C GLU A 157 33.80 -5.09 -17.11
C GLU A 157 33.80 -5.09 -17.11
N HIS A 158 32.72 -5.05 -16.32
CA HIS A 158 32.77 -4.40 -15.01
C HIS A 158 32.37 -5.27 -13.82
N ARG A 159 31.60 -6.33 -14.04
CA ARG A 159 31.08 -7.15 -12.93
C ARG A 159 32.15 -7.87 -12.13
N ALA A 160 31.83 -8.19 -10.88
CA ALA A 160 32.72 -9.01 -10.05
C ALA A 160 31.97 -10.28 -9.63
N LEU A 161 32.06 -11.33 -10.43
CA LEU A 161 31.46 -12.62 -10.07
C LEU A 161 32.38 -13.43 -9.12
N LEU A 162 31.77 -14.13 -8.16
CA LEU A 162 32.52 -14.99 -7.24
C LEU A 162 32.34 -16.40 -7.72
N GLN A 163 33.45 -17.08 -8.03
CA GLN A 163 33.37 -18.45 -8.45
C GLN A 163 33.36 -19.30 -7.20
N VAL A 164 32.34 -20.13 -7.06
CA VAL A 164 32.21 -20.96 -5.87
C VAL A 164 33.20 -22.13 -5.94
N LYS A 165 33.97 -22.31 -4.86
CA LYS A 165 35.02 -23.36 -4.78
C LYS A 165 34.79 -24.39 -3.68
N LEU A 166 34.90 -25.67 -4.04
CA LEU A 166 34.82 -26.75 -3.08
C LEU A 166 36.26 -27.18 -2.77
N GLU A 167 36.76 -26.85 -1.57
N GLU A 167 36.76 -26.85 -1.58
CA GLU A 167 38.14 -27.13 -1.17
CA GLU A 167 38.12 -27.23 -1.22
C GLU A 167 38.35 -28.32 -0.22
C GLU A 167 38.21 -28.57 -0.50
N ASP A 168 37.28 -28.79 0.43
CA ASP A 168 37.31 -29.96 1.31
C ASP A 168 35.90 -30.50 1.46
N ALA A 169 35.63 -31.63 0.81
CA ALA A 169 34.30 -32.25 0.75
C ALA A 169 33.75 -32.77 2.07
N ILE A 170 34.62 -33.30 2.93
CA ILE A 170 34.21 -33.79 4.25
C ILE A 170 33.68 -32.63 5.09
N GLU A 171 34.40 -31.51 5.07
CA GLU A 171 34.04 -30.32 5.80
C GLU A 171 32.74 -29.70 5.24
N ALA A 172 32.60 -29.70 3.91
CA ALA A 172 31.39 -29.19 3.26
C ALA A 172 30.18 -30.07 3.61
N ASP A 173 30.35 -31.39 3.61
CA ASP A 173 29.27 -32.31 3.99
C ASP A 173 28.77 -32.01 5.41
N GLN A 174 29.70 -31.79 6.33
CA GLN A 174 29.38 -31.49 7.73
C GLN A 174 28.73 -30.11 7.86
N THR A 175 29.18 -29.15 7.06
CA THR A 175 28.65 -27.80 7.06
C THR A 175 27.20 -27.77 6.58
N PHE A 176 26.91 -28.46 5.47
CA PHE A 176 25.53 -28.59 4.96
C PHE A 176 24.61 -29.30 5.93
N GLU A 177 25.08 -30.38 6.53
N GLU A 177 25.10 -30.37 6.56
CA GLU A 177 24.29 -31.14 7.50
CA GLU A 177 24.30 -31.11 7.54
C GLU A 177 23.99 -30.29 8.73
C GLU A 177 24.00 -30.23 8.75
N MET A 178 24.99 -29.58 9.23
N MET A 178 25.03 -29.58 9.28
CA MET A 178 24.83 -28.77 10.43
CA MET A 178 24.87 -28.72 10.44
C MET A 178 23.88 -27.57 10.21
C MET A 178 23.89 -27.57 10.21
N LEU A 179 24.17 -26.76 9.19
CA LEU A 179 23.40 -25.57 8.89
C LEU A 179 22.00 -25.81 8.33
N MET A 180 21.88 -26.77 7.44
CA MET A 180 20.64 -26.97 6.71
C MET A 180 19.87 -28.21 7.12
N GLY A 181 20.46 -29.07 7.94
CA GLY A 181 19.82 -30.32 8.36
C GLY A 181 18.71 -30.17 9.38
N ASP A 182 18.04 -31.29 9.68
CA ASP A 182 16.90 -31.29 10.60
C ASP A 182 17.19 -31.15 12.10
N VAL A 183 18.44 -31.33 12.52
CA VAL A 183 18.80 -31.19 13.94
C VAL A 183 19.02 -29.73 14.36
N VAL A 184 18.05 -29.19 15.07
CA VAL A 184 18.07 -27.80 15.53
C VAL A 184 19.26 -27.51 16.47
N GLU A 185 19.49 -28.38 17.43
CA GLU A 185 20.56 -28.15 18.42
C GLU A 185 21.93 -27.75 17.85
N ASN A 186 22.37 -28.40 16.79
CA ASN A 186 23.71 -28.14 16.22
C ASN A 186 23.76 -26.80 15.50
N ARG A 187 22.62 -26.42 14.95
CA ARG A 187 22.49 -25.15 14.31
C ARG A 187 22.44 -24.08 15.43
N ARG A 188 21.71 -24.34 16.52
CA ARG A 188 21.68 -23.39 17.66
C ARG A 188 23.10 -23.20 18.23
N GLN A 189 23.84 -24.30 18.39
CA GLN A 189 25.22 -24.24 18.89
C GLN A 189 26.13 -23.41 17.97
N PHE A 190 26.00 -23.62 16.66
CA PHE A 190 26.79 -22.86 15.71
C PHE A 190 26.53 -21.36 15.83
N ILE A 191 25.25 -20.99 15.96
CA ILE A 191 24.87 -19.58 16.11
C ILE A 191 25.49 -19.04 17.39
N GLU A 192 25.32 -19.76 18.50
CA GLU A 192 25.86 -19.33 19.78
C GLU A 192 27.39 -19.14 19.75
N ASP A 193 28.11 -20.08 19.13
CA ASP A 193 29.56 -20.01 19.05
C ASP A 193 30.06 -18.93 18.11
N ASN A 194 29.24 -18.55 17.14
CA ASN A 194 29.72 -17.64 16.11
C ASN A 194 29.09 -16.28 16.08
N ALA A 195 27.98 -16.12 16.79
CA ALA A 195 27.27 -14.86 16.82
C ALA A 195 28.02 -13.76 17.54
N VAL A 196 28.30 -12.70 16.80
N VAL A 196 28.26 -12.67 16.83
CA VAL A 196 28.94 -11.53 17.36
CA VAL A 196 28.83 -11.47 17.43
C VAL A 196 27.90 -10.42 17.39
C VAL A 196 27.79 -10.38 17.21
N TYR A 197 27.31 -10.20 18.56
N TYR A 197 26.98 -10.12 18.24
CA TYR A 197 26.28 -9.20 18.74
CA TYR A 197 25.90 -9.13 18.14
C TYR A 197 26.87 -7.81 18.86
C TYR A 197 26.36 -7.67 18.33
N ALA A 198 27.55 -7.36 17.81
CA ALA A 198 28.17 -6.02 17.85
C ALA A 198 27.94 -5.24 16.55
N ILE B 8 35.88 -10.39 -4.59
CA ILE B 8 37.19 -10.80 -5.18
C ILE B 8 36.99 -11.55 -6.50
N ASN B 9 37.36 -12.83 -6.52
CA ASN B 9 37.23 -13.67 -7.69
C ASN B 9 36.73 -15.06 -7.32
N GLU B 10 37.12 -15.53 -6.14
CA GLU B 10 36.76 -16.85 -5.67
C GLU B 10 36.08 -16.84 -4.31
N ARG B 11 35.29 -17.87 -4.06
CA ARG B 11 34.57 -17.98 -2.82
C ARG B 11 34.42 -19.43 -2.41
N ASN B 12 35.04 -19.78 -1.28
CA ASN B 12 34.97 -21.13 -0.73
C ASN B 12 33.52 -21.44 -0.28
N ILE B 13 32.95 -22.57 -0.74
CA ILE B 13 31.55 -22.92 -0.45
C ILE B 13 31.22 -23.00 1.04
N THR B 14 32.11 -23.61 1.82
CA THR B 14 31.97 -23.76 3.25
C THR B 14 31.90 -22.41 3.94
N SER B 15 32.81 -21.50 3.58
CA SER B 15 32.83 -20.15 4.14
C SER B 15 31.60 -19.36 3.75
N GLU B 16 31.15 -19.53 2.50
CA GLU B 16 29.97 -18.84 2.02
C GLU B 16 28.74 -19.26 2.82
N MET B 17 28.57 -20.58 3.00
CA MET B 17 27.45 -21.14 3.73
C MET B 17 27.43 -20.67 5.17
N ARG B 18 28.58 -20.74 5.85
CA ARG B 18 28.66 -20.34 7.25
C ARG B 18 28.38 -18.87 7.44
N GLU B 19 28.95 -18.03 6.59
CA GLU B 19 28.75 -16.61 6.70
C GLU B 19 27.35 -16.16 6.28
N SER B 20 26.87 -16.65 5.15
CA SER B 20 25.53 -16.27 4.70
C SER B 20 24.46 -16.77 5.68
N PHE B 21 24.60 -18.01 6.15
CA PHE B 21 23.58 -18.55 7.05
C PHE B 21 23.55 -17.84 8.40
N LEU B 22 24.73 -17.57 8.95
CA LEU B 22 24.85 -16.86 10.22
C LEU B 22 24.25 -15.46 10.09
N ASP B 23 24.51 -14.80 8.95
N ASP B 23 24.52 -14.77 8.98
CA ASP B 23 23.98 -13.46 8.67
CA ASP B 23 23.95 -13.44 8.78
C ASP B 23 22.46 -13.50 8.75
C ASP B 23 22.42 -13.51 8.80
N TYR B 24 21.85 -14.46 8.05
CA TYR B 24 20.39 -14.62 8.08
C TYR B 24 19.85 -14.97 9.49
N ALA B 25 20.48 -15.95 10.12
CA ALA B 25 20.04 -16.44 11.45
C ALA B 25 20.05 -15.33 12.48
N MET B 26 21.16 -14.60 12.57
N MET B 26 21.17 -14.61 12.56
CA MET B 26 21.30 -13.50 13.52
CA MET B 26 21.31 -13.49 13.49
C MET B 26 20.26 -12.42 13.28
C MET B 26 20.25 -12.42 13.26
N SER B 27 20.00 -12.10 12.00
CA SER B 27 19.02 -11.06 11.65
C SER B 27 17.59 -11.46 12.04
N VAL B 28 17.27 -12.72 11.85
CA VAL B 28 15.94 -13.24 12.20
C VAL B 28 15.76 -13.22 13.73
N ILE B 29 16.83 -13.59 14.43
CA ILE B 29 16.85 -13.64 15.90
C ILE B 29 16.73 -12.26 16.54
N VAL B 30 17.56 -11.32 16.09
CA VAL B 30 17.63 -10.03 16.75
C VAL B 30 16.78 -8.95 16.10
N ALA B 31 16.26 -9.20 14.90
CA ALA B 31 15.52 -8.15 14.19
C ALA B 31 14.35 -8.68 13.35
N ARG B 32 13.62 -9.67 13.88
CA ARG B 32 12.43 -10.17 13.20
C ARG B 32 11.44 -10.95 14.05
N ALA B 33 11.88 -12.12 14.49
CA ALA B 33 11.01 -13.12 15.13
C ALA B 33 10.89 -13.14 16.65
N LEU B 34 11.79 -12.43 17.34
CA LEU B 34 11.80 -12.47 18.81
C LEU B 34 11.48 -11.10 19.42
N PRO B 35 10.68 -11.10 20.50
CA PRO B 35 10.34 -9.84 21.16
C PRO B 35 11.44 -9.32 22.09
N ASP B 36 11.50 -8.00 22.22
CA ASP B 36 12.41 -7.40 23.16
C ASP B 36 11.79 -7.57 24.55
N VAL B 37 12.61 -7.92 25.55
CA VAL B 37 12.12 -8.12 26.92
C VAL B 37 11.55 -6.82 27.54
N ARG B 38 12.06 -5.68 27.09
CA ARG B 38 11.66 -4.39 27.66
C ARG B 38 10.26 -3.91 27.24
N ASP B 39 9.96 -3.94 25.95
CA ASP B 39 8.64 -3.47 25.49
C ASP B 39 7.73 -4.58 24.96
N GLY B 40 8.24 -5.82 24.92
CA GLY B 40 7.46 -6.96 24.44
C GLY B 40 7.29 -7.02 22.92
N LEU B 41 7.98 -6.15 22.19
CA LEU B 41 7.73 -6.05 20.76
C LEU B 41 8.82 -6.59 19.85
N LYS B 42 8.38 -6.97 18.65
CA LYS B 42 9.24 -7.34 17.52
C LYS B 42 9.32 -6.08 16.65
N PRO B 43 10.29 -6.01 15.72
CA PRO B 43 10.43 -4.79 14.90
C PRO B 43 9.18 -4.40 14.13
N VAL B 44 8.48 -5.35 13.49
CA VAL B 44 7.32 -4.92 12.69
C VAL B 44 6.24 -4.24 13.56
N HIS B 45 5.96 -4.81 14.73
CA HIS B 45 4.94 -4.24 15.62
C HIS B 45 5.38 -2.90 16.17
N ARG B 46 6.66 -2.80 16.56
CA ARG B 46 7.17 -1.53 17.06
C ARG B 46 7.09 -0.43 16.00
N ARG B 47 7.41 -0.78 14.75
CA ARG B 47 7.37 0.17 13.65
C ARG B 47 5.93 0.60 13.34
N ILE B 48 5.00 -0.35 13.45
CA ILE B 48 3.59 -0.04 13.25
C ILE B 48 3.13 0.96 14.32
N LEU B 49 3.42 0.70 15.58
CA LEU B 49 2.97 1.59 16.66
C LEU B 49 3.64 2.96 16.55
N TYR B 50 4.95 2.98 16.29
CA TYR B 50 5.65 4.25 16.07
C TYR B 50 5.05 5.03 14.88
N GLY B 51 4.73 4.31 13.80
CA GLY B 51 4.10 4.89 12.62
C GLY B 51 2.79 5.55 13.00
N LEU B 52 1.94 4.84 13.76
CA LEU B 52 0.66 5.40 14.22
C LEU B 52 0.86 6.67 15.06
N ASN B 53 1.87 6.64 15.94
CA ASN B 53 2.20 7.78 16.78
C ASN B 53 2.67 8.99 15.94
N GLU B 54 3.61 8.75 15.01
CA GLU B 54 4.12 9.80 14.13
C GLU B 54 3.08 10.41 13.20
N GLN B 55 2.11 9.62 12.75
N GLN B 55 2.12 9.58 12.78
CA GLN B 55 1.06 10.20 11.92
CA GLN B 55 1.01 9.98 11.93
C GLN B 55 -0.10 10.74 12.75
C GLN B 55 -0.11 10.67 12.74
N GLY B 56 0.04 10.70 14.07
CA GLY B 56 -0.97 11.26 15.00
C GLY B 56 -2.28 10.49 15.06
N MET B 57 -2.21 9.18 14.87
N MET B 57 -2.20 9.17 14.87
CA MET B 57 -3.41 8.33 14.86
CA MET B 57 -3.38 8.28 14.89
C MET B 57 -3.84 7.87 16.26
C MET B 57 -3.79 7.85 16.29
N THR B 58 -4.05 8.84 17.15
CA THR B 58 -4.44 8.58 18.53
C THR B 58 -5.93 8.23 18.65
N PRO B 59 -6.35 7.61 19.79
CA PRO B 59 -7.75 7.18 20.02
C PRO B 59 -8.83 8.25 19.87
N ASP B 60 -8.47 9.52 20.00
CA ASP B 60 -9.43 10.65 19.89
C ASP B 60 -9.64 11.12 18.44
N LYS B 61 -8.79 10.65 17.53
CA LYS B 61 -8.89 11.04 16.12
C LYS B 61 -9.63 9.98 15.32
N SER B 62 -10.15 10.35 14.16
CA SER B 62 -10.90 9.40 13.36
C SER B 62 -10.00 8.27 12.86
N TYR B 63 -10.60 7.14 12.51
CA TYR B 63 -9.85 6.01 11.97
C TYR B 63 -9.22 6.41 10.65
N LYS B 64 -8.02 5.88 10.39
N LYS B 64 -8.07 5.80 10.34
CA LYS B 64 -7.31 6.15 9.15
CA LYS B 64 -7.32 6.06 9.12
C LYS B 64 -7.25 4.86 8.35
C LYS B 64 -7.25 4.79 8.25
N LYS B 65 -7.24 4.99 7.03
N LYS B 65 -7.28 4.95 6.93
CA LYS B 65 -7.22 3.86 6.13
CA LYS B 65 -7.24 3.81 6.04
C LYS B 65 -6.00 2.96 6.38
C LYS B 65 -6.01 2.94 6.27
N SER B 66 -6.25 1.66 6.50
CA SER B 66 -5.18 0.67 6.73
C SER B 66 -4.10 0.71 5.63
N ALA B 67 -4.50 0.83 4.37
CA ALA B 67 -3.54 0.89 3.25
C ALA B 67 -2.54 2.04 3.36
N ARG B 68 -3.01 3.15 3.88
CA ARG B 68 -2.19 4.32 4.06
C ARG B 68 -1.21 4.15 5.22
N ILE B 69 -1.72 3.61 6.33
CA ILE B 69 -0.87 3.31 7.49
C ILE B 69 0.27 2.39 7.06
N VAL B 70 -0.08 1.34 6.34
CA VAL B 70 0.89 0.34 5.90
C VAL B 70 1.91 0.93 4.89
N GLY B 71 1.42 1.74 3.98
CA GLY B 71 2.31 2.42 3.02
C GLY B 71 3.35 3.29 3.74
N ASP B 72 2.90 4.06 4.74
N ASP B 72 2.89 4.04 4.75
CA ASP B 72 3.80 4.94 5.50
CA ASP B 72 3.78 4.91 5.53
C ASP B 72 4.86 4.15 6.30
C ASP B 72 4.87 4.09 6.22
N VAL B 73 4.43 3.06 6.96
CA VAL B 73 5.35 2.20 7.72
C VAL B 73 6.38 1.53 6.79
N MET B 74 5.89 1.10 5.64
CA MET B 74 6.68 0.40 4.63
C MET B 74 7.80 1.30 4.07
N GLY B 75 7.43 2.51 3.69
CA GLY B 75 8.38 3.47 3.16
C GLY B 75 9.39 4.00 4.18
N LYS B 76 8.92 4.36 5.37
CA LYS B 76 9.79 4.93 6.40
C LYS B 76 10.57 3.98 7.30
N TYR B 77 9.99 2.85 7.66
CA TYR B 77 10.62 2.01 8.69
C TYR B 77 10.84 0.54 8.41
N HIS B 78 9.95 -0.07 7.63
CA HIS B 78 9.99 -1.51 7.51
C HIS B 78 10.11 -1.96 6.05
N PRO B 79 11.34 -2.29 5.60
CA PRO B 79 11.55 -2.57 4.20
C PRO B 79 11.20 -4.02 3.82
N HIS B 80 9.94 -4.37 3.99
CA HIS B 80 9.49 -5.73 3.74
C HIS B 80 8.10 -5.65 3.13
N GLY B 81 7.50 -6.82 2.93
CA GLY B 81 6.19 -6.93 2.29
C GLY B 81 5.05 -6.29 3.03
N ASP B 82 4.14 -5.67 2.27
CA ASP B 82 2.92 -5.07 2.83
C ASP B 82 2.05 -6.11 3.57
N SER B 83 2.10 -7.37 3.16
CA SER B 83 1.26 -8.41 3.82
C SER B 83 1.74 -8.69 5.24
N SER B 84 3.06 -8.71 5.46
CA SER B 84 3.60 -8.94 6.78
C SER B 84 3.17 -7.82 7.73
N ILE B 85 3.23 -6.58 7.25
CA ILE B 85 2.84 -5.41 8.05
C ILE B 85 1.35 -5.39 8.40
N TYR B 86 0.51 -5.51 7.38
CA TYR B 86 -0.94 -5.49 7.58
C TYR B 86 -1.42 -6.62 8.50
N GLU B 87 -0.94 -7.84 8.27
CA GLU B 87 -1.33 -8.97 9.12
C GLU B 87 -0.88 -8.81 10.58
N ALA B 88 0.27 -8.18 10.79
CA ALA B 88 0.74 -7.91 12.16
C ALA B 88 -0.18 -6.88 12.80
N MET B 89 -0.54 -5.86 12.02
CA MET B 89 -1.46 -4.83 12.50
C MET B 89 -2.84 -5.41 12.85
N VAL B 90 -3.36 -6.26 11.96
CA VAL B 90 -4.64 -6.93 12.16
C VAL B 90 -4.65 -7.73 13.48
N ARG B 91 -3.64 -8.56 13.70
CA ARG B 91 -3.58 -9.33 14.94
C ARG B 91 -3.62 -8.46 16.18
N MET B 92 -2.90 -7.34 16.15
CA MET B 92 -2.89 -6.41 17.29
C MET B 92 -4.25 -5.80 17.59
N ALA B 93 -5.15 -5.91 16.61
CA ALA B 93 -6.52 -5.40 16.73
C ALA B 93 -7.56 -6.45 17.14
N GLN B 94 -7.16 -7.72 17.21
CA GLN B 94 -8.10 -8.80 17.49
C GLN B 94 -8.18 -9.09 18.99
N ASP B 95 -9.39 -9.00 19.54
CA ASP B 95 -9.58 -9.21 20.97
C ASP B 95 -9.49 -10.68 21.38
N PHE B 96 -9.50 -11.58 20.39
CA PHE B 96 -9.26 -13.01 20.66
C PHE B 96 -7.77 -13.38 20.55
N SER B 97 -6.93 -12.42 20.12
CA SER B 97 -5.50 -12.66 19.98
C SER B 97 -4.64 -11.94 21.00
N TYR B 98 -4.94 -10.65 21.22
CA TYR B 98 -4.21 -9.81 22.14
C TYR B 98 -5.01 -9.61 23.41
N ARG B 99 -4.39 -9.93 24.54
CA ARG B 99 -5.05 -9.80 25.87
C ARG B 99 -5.40 -8.34 26.14
N TYR B 100 -4.56 -7.42 25.63
CA TYR B 100 -4.75 -5.96 25.68
C TYR B 100 -4.46 -5.43 24.26
N PRO B 101 -5.51 -5.38 23.41
CA PRO B 101 -5.30 -4.96 22.03
C PRO B 101 -4.57 -3.60 21.91
N LEU B 102 -3.64 -3.53 20.97
CA LEU B 102 -2.83 -2.33 20.76
C LEU B 102 -3.35 -1.48 19.60
N VAL B 103 -4.21 -2.08 18.77
CA VAL B 103 -4.79 -1.39 17.63
C VAL B 103 -6.31 -1.49 17.72
N ASP B 104 -6.97 -0.38 17.40
CA ASP B 104 -8.42 -0.25 17.41
C ASP B 104 -8.79 -0.28 15.94
N GLY B 105 -9.41 -1.38 15.52
CA GLY B 105 -9.75 -1.57 14.11
C GLY B 105 -11.21 -1.31 13.77
N GLN B 106 -11.43 -0.79 12.57
CA GLN B 106 -12.79 -0.59 12.04
C GLN B 106 -12.97 -1.45 10.81
N GLY B 107 -14.00 -2.29 10.82
CA GLY B 107 -14.25 -3.16 9.70
C GLY B 107 -13.97 -4.61 9.99
N ASN B 108 -13.87 -5.41 8.96
CA ASN B 108 -13.65 -6.83 9.12
C ASN B 108 -12.18 -7.10 9.45
N PHE B 109 -11.93 -7.44 10.73
CA PHE B 109 -10.57 -7.73 11.19
C PHE B 109 -10.31 -9.20 11.48
N GLY B 110 -11.12 -10.06 10.89
CA GLY B 110 -10.95 -11.53 11.02
C GLY B 110 -11.72 -12.10 12.20
N SER B 111 -11.83 -13.42 12.28
CA SER B 111 -12.62 -14.04 13.35
C SER B 111 -11.87 -15.21 13.99
N MET B 112 -12.47 -15.80 15.02
CA MET B 112 -11.90 -16.98 15.69
C MET B 112 -11.98 -18.23 14.83
N ASP B 113 -12.69 -18.15 13.70
CA ASP B 113 -12.76 -19.24 12.73
C ASP B 113 -11.65 -19.22 11.66
N GLY B 114 -10.68 -18.33 11.81
CA GLY B 114 -9.57 -18.30 10.86
C GLY B 114 -9.85 -17.49 9.61
N ASP B 115 -10.99 -16.77 9.60
CA ASP B 115 -11.33 -15.87 8.53
C ASP B 115 -10.29 -14.76 8.64
N GLY B 116 -9.68 -14.40 7.54
CA GLY B 116 -8.71 -13.29 7.63
C GLY B 116 -9.47 -11.98 7.65
N ALA B 117 -8.72 -10.90 7.83
CA ALA B 117 -9.27 -9.58 7.78
C ALA B 117 -9.68 -9.25 6.33
N ALA B 118 -10.49 -8.21 6.16
CA ALA B 118 -10.84 -7.71 4.84
C ALA B 118 -9.55 -7.10 4.25
N ALA B 119 -9.47 -6.95 2.92
CA ALA B 119 -8.29 -6.35 2.27
C ALA B 119 -8.02 -5.00 2.91
N MET B 120 -6.74 -4.60 2.96
CA MET B 120 -6.38 -3.36 3.63
C MET B 120 -7.06 -2.12 3.05
N ARG B 121 -7.48 -2.22 1.80
N ARG B 121 -7.52 -2.23 1.79
CA ARG B 121 -8.20 -1.15 1.13
CA ARG B 121 -8.23 -1.14 1.12
C ARG B 121 -9.55 -0.81 1.84
C ARG B 121 -9.60 -0.83 1.76
N PHE B 122 -10.16 -1.80 2.47
CA PHE B 122 -11.45 -1.63 3.15
C PHE B 122 -11.40 -1.24 4.62
N THR B 123 -10.39 -1.71 5.34
CA THR B 123 -10.30 -1.47 6.79
C THR B 123 -9.64 -0.15 7.18
N GLU B 124 -9.89 0.26 8.41
CA GLU B 124 -9.35 1.49 8.98
C GLU B 124 -8.85 1.19 10.39
N ALA B 125 -7.89 1.96 10.88
CA ALA B 125 -7.37 1.66 12.21
C ALA B 125 -6.85 2.91 12.91
N ARG B 126 -6.65 2.78 14.23
CA ARG B 126 -5.99 3.81 15.06
C ARG B 126 -5.46 3.09 16.31
N MET B 127 -4.68 3.81 17.13
CA MET B 127 -4.19 3.26 18.40
C MET B 127 -5.34 3.05 19.39
N THR B 128 -5.17 2.11 20.32
CA THR B 128 -6.09 1.97 21.41
C THR B 128 -5.54 2.87 22.50
N LYS B 129 -6.36 3.15 23.51
CA LYS B 129 -5.91 3.94 24.64
C LYS B 129 -4.70 3.34 25.37
N ILE B 130 -4.65 2.03 25.52
CA ILE B 130 -3.52 1.44 26.26
C ILE B 130 -2.20 1.60 25.51
N THR B 131 -2.28 1.68 24.17
CA THR B 131 -1.07 1.87 23.37
C THR B 131 -0.42 3.20 23.69
N LEU B 132 -1.22 4.20 24.09
CA LEU B 132 -0.64 5.50 24.46
C LEU B 132 0.37 5.30 25.59
N GLU B 133 0.14 4.29 26.43
CA GLU B 133 1.05 3.98 27.54
C GLU B 133 2.36 3.37 27.07
N LEU B 134 2.34 2.69 25.90
CA LEU B 134 3.56 2.12 25.32
C LEU B 134 4.45 3.22 24.78
N LEU B 135 3.80 4.24 24.21
CA LEU B 135 4.44 5.40 23.59
C LEU B 135 4.71 6.60 24.53
N ARG B 136 4.07 6.62 25.68
CA ARG B 136 4.19 7.71 26.65
C ARG B 136 5.66 8.03 26.99
N ASP B 137 6.03 9.31 26.87
CA ASP B 137 7.38 9.81 27.18
C ASP B 137 8.43 9.53 26.10
N ILE B 138 8.02 9.01 24.95
CA ILE B 138 8.97 8.69 23.86
C ILE B 138 9.74 9.91 23.34
N ASN B 139 9.15 11.10 23.46
CA ASN B 139 9.79 12.34 22.99
C ASN B 139 10.48 13.13 24.11
N LYS B 140 10.80 12.43 25.20
CA LYS B 140 11.49 13.04 26.36
C LYS B 140 12.82 12.33 26.63
N ASP B 141 13.46 11.92 25.53
CA ASP B 141 14.77 11.30 25.55
C ASP B 141 14.84 10.14 26.56
N THR B 142 13.80 9.32 26.56
CA THR B 142 13.72 8.16 27.45
C THR B 142 14.30 6.89 26.82
N ILE B 143 14.31 6.85 25.49
CA ILE B 143 14.77 5.67 24.76
C ILE B 143 15.68 6.12 23.63
N ASP B 144 16.60 5.26 23.22
CA ASP B 144 17.52 5.62 22.13
C ASP B 144 16.91 5.44 20.75
N PHE B 145 17.04 6.48 19.92
CA PHE B 145 16.59 6.43 18.55
C PHE B 145 17.75 5.98 17.69
N ILE B 146 17.45 5.32 16.58
CA ILE B 146 18.48 4.84 15.66
C ILE B 146 18.11 5.29 14.25
N ASP B 147 19.05 5.20 13.33
CA ASP B 147 18.77 5.49 11.93
C ASP B 147 17.90 4.36 11.40
N ASN B 148 16.98 4.69 10.49
CA ASN B 148 16.15 3.66 9.83
C ASN B 148 17.00 2.91 8.79
N TYR B 149 16.37 2.02 8.02
CA TYR B 149 17.07 1.15 7.06
C TYR B 149 17.85 1.86 5.94
N ASP B 150 17.41 3.03 5.50
CA ASP B 150 18.09 3.75 4.41
C ASP B 150 18.75 5.07 4.83
N GLY B 151 18.71 5.41 6.11
CA GLY B 151 19.32 6.64 6.60
C GLY B 151 18.47 7.89 6.42
N ASN B 152 17.24 7.75 5.92
CA ASN B 152 16.39 8.91 5.74
C ASN B 152 15.47 9.20 6.93
N GLU B 153 15.39 8.28 7.90
CA GLU B 153 14.50 8.50 9.04
C GLU B 153 15.13 8.06 10.35
N ARG B 154 14.45 8.40 11.45
CA ARG B 154 14.87 7.97 12.77
C ARG B 154 13.75 7.07 13.29
N GLU B 155 14.12 6.00 14.00
CA GLU B 155 13.09 5.15 14.60
C GLU B 155 13.51 4.75 16.01
N PRO B 156 12.55 4.35 16.86
CA PRO B 156 12.94 4.00 18.21
C PRO B 156 13.50 2.58 18.32
N SER B 157 14.57 2.41 19.10
CA SER B 157 15.13 1.07 19.28
C SER B 157 14.21 0.26 20.19
N VAL B 158 13.41 0.95 21.01
CA VAL B 158 12.52 0.30 21.99
C VAL B 158 11.53 1.39 22.42
N LEU B 159 10.35 0.98 22.87
CA LEU B 159 9.38 1.97 23.35
C LEU B 159 9.47 2.08 24.88
N PRO B 160 9.05 3.24 25.45
CA PRO B 160 9.05 3.43 26.90
C PRO B 160 8.28 2.32 27.61
N ALA B 161 7.18 1.86 27.01
CA ALA B 161 6.42 0.71 27.52
C ALA B 161 6.07 0.88 28.99
N ARG B 162 5.16 1.82 29.28
CA ARG B 162 4.82 2.14 30.66
C ARG B 162 3.98 1.05 31.38
N PHE B 163 3.63 -0.04 30.67
CA PHE B 163 3.05 -1.25 31.30
C PHE B 163 3.87 -2.46 30.82
N PRO B 164 3.90 -3.58 31.59
CA PRO B 164 4.72 -4.78 31.23
C PRO B 164 4.13 -5.55 30.04
N ASN B 165 4.35 -5.03 28.85
CA ASN B 165 3.72 -5.57 27.65
C ASN B 165 4.14 -6.99 27.23
N LEU B 166 5.41 -7.33 27.43
CA LEU B 166 5.88 -8.66 27.02
C LEU B 166 4.98 -9.70 27.65
N LEU B 167 4.87 -9.65 28.97
CA LEU B 167 4.05 -10.59 29.68
C LEU B 167 2.55 -10.37 29.54
N ALA B 168 2.11 -9.10 29.40
CA ALA B 168 0.66 -8.88 29.30
C ALA B 168 0.06 -9.50 28.04
N ASN B 169 0.67 -9.21 26.89
CA ASN B 169 0.18 -9.71 25.61
C ASN B 169 0.83 -11.00 25.13
N GLY B 170 1.97 -11.35 25.73
CA GLY B 170 2.68 -12.57 25.32
C GLY B 170 3.35 -12.40 23.97
N ALA B 171 3.85 -13.50 23.42
CA ALA B 171 4.54 -13.51 22.14
C ALA B 171 4.76 -14.94 21.66
N SER B 172 4.74 -15.11 20.35
CA SER B 172 5.14 -16.38 19.76
C SER B 172 5.97 -16.03 18.51
N GLY B 173 7.03 -16.79 18.26
CA GLY B 173 7.90 -16.52 17.12
C GLY B 173 8.75 -17.74 16.79
N ILE B 174 8.94 -17.99 15.51
CA ILE B 174 9.76 -19.11 15.06
C ILE B 174 10.94 -18.41 14.44
N ALA B 175 12.11 -18.53 15.07
CA ALA B 175 13.31 -17.88 14.55
C ALA B 175 14.18 -18.90 13.83
N VAL B 176 15.50 -18.89 14.09
CA VAL B 176 16.43 -19.86 13.51
C VAL B 176 17.24 -20.35 14.72
N GLY B 177 17.32 -21.67 14.89
CA GLY B 177 17.99 -22.27 16.04
C GLY B 177 17.18 -22.23 17.33
N MET B 178 16.05 -21.52 17.31
CA MET B 178 15.23 -21.36 18.51
C MET B 178 13.90 -20.74 18.15
N ALA B 179 13.01 -20.70 19.11
CA ALA B 179 11.69 -20.12 18.94
C ALA B 179 11.30 -19.54 20.28
N THR B 180 10.12 -18.95 20.35
CA THR B 180 9.62 -18.42 21.62
C THR B 180 8.12 -18.61 21.73
N ASN B 181 7.64 -18.84 22.95
CA ASN B 181 6.21 -18.99 23.20
C ASN B 181 5.95 -18.48 24.63
N ILE B 182 5.49 -17.23 24.74
CA ILE B 182 5.20 -16.55 26.02
C ILE B 182 3.69 -16.29 26.06
N PRO B 183 2.98 -16.84 27.07
CA PRO B 183 1.53 -16.66 27.17
C PRO B 183 1.18 -15.28 27.72
N PRO B 184 -0.05 -14.81 27.45
CA PRO B 184 -0.46 -13.50 27.96
C PRO B 184 -0.83 -13.62 29.44
N HIS B 185 -0.90 -12.47 30.12
CA HIS B 185 -1.17 -12.42 31.54
C HIS B 185 -2.12 -11.28 31.88
N ASN B 186 -2.68 -11.34 33.10
CA ASN B 186 -3.57 -10.30 33.58
C ASN B 186 -2.76 -9.09 33.99
N LEU B 187 -3.14 -7.91 33.49
CA LEU B 187 -2.40 -6.69 33.77
C LEU B 187 -2.39 -6.29 35.27
N THR B 188 -3.52 -6.44 35.94
CA THR B 188 -3.59 -6.14 37.40
C THR B 188 -2.56 -6.98 38.16
N GLU B 189 -2.58 -8.28 37.91
CA GLU B 189 -1.66 -9.23 38.53
C GLU B 189 -0.22 -8.90 38.22
N LEU B 190 0.07 -8.62 36.95
CA LEU B 190 1.45 -8.28 36.55
C LEU B 190 1.96 -7.04 37.27
N ILE B 191 1.18 -5.95 37.24
CA ILE B 191 1.63 -4.74 37.93
C ILE B 191 1.78 -4.99 39.44
N ASN B 192 0.86 -5.71 40.04
CA ASN B 192 1.04 -6.06 41.47
C ASN B 192 2.35 -6.81 41.70
N GLY B 193 2.69 -7.73 40.79
CA GLY B 193 3.96 -8.47 40.86
C GLY B 193 5.17 -7.54 40.75
N VAL B 194 5.14 -6.62 39.78
CA VAL B 194 6.23 -5.66 39.61
C VAL B 194 6.39 -4.81 40.91
N LEU B 195 5.26 -4.40 41.47
CA LEU B 195 5.29 -3.62 42.73
C LEU B 195 5.92 -4.41 43.89
N SER B 196 5.48 -5.66 44.09
CA SER B 196 6.05 -6.54 45.14
C SER B 196 7.56 -6.70 44.92
N LEU B 197 7.97 -6.95 43.67
CA LEU B 197 9.38 -7.01 43.32
C LEU B 197 10.15 -5.70 43.64
N SER B 198 9.55 -4.55 43.32
CA SER B 198 10.21 -3.26 43.57
C SER B 198 10.48 -3.03 45.07
N LYS B 199 9.74 -3.72 45.92
CA LYS B 199 9.92 -3.59 47.37
C LYS B 199 10.75 -4.73 47.94
N ASN B 200 11.09 -5.71 47.10
CA ASN B 200 11.89 -6.82 47.58
C ASN B 200 12.68 -7.49 46.45
N PRO B 201 13.92 -7.03 46.20
CA PRO B 201 14.74 -7.61 45.14
C PRO B 201 14.95 -9.11 45.29
N ASP B 202 14.78 -9.61 46.51
CA ASP B 202 14.99 -11.01 46.82
C ASP B 202 13.74 -11.84 46.82
N ILE B 203 12.65 -11.29 46.28
CA ILE B 203 11.40 -12.02 46.23
C ILE B 203 11.58 -13.33 45.43
N SER B 204 10.95 -14.40 45.90
CA SER B 204 11.02 -15.70 45.23
C SER B 204 9.88 -15.80 44.19
N ILE B 205 9.96 -16.82 43.32
CA ILE B 205 8.95 -17.11 42.31
C ILE B 205 7.61 -17.46 42.99
N ALA B 206 7.67 -18.28 44.04
CA ALA B 206 6.46 -18.64 44.75
C ALA B 206 5.75 -17.40 45.31
N GLU B 207 6.49 -16.45 45.86
CA GLU B 207 5.89 -15.22 46.36
C GLU B 207 5.32 -14.39 45.20
N LEU B 208 6.06 -14.29 44.10
CA LEU B 208 5.57 -13.57 42.93
C LEU B 208 4.26 -14.18 42.45
N MET B 209 4.14 -15.51 42.59
CA MET B 209 2.91 -16.21 42.20
C MET B 209 1.68 -15.90 43.07
N GLU B 210 1.92 -15.23 44.20
CA GLU B 210 0.80 -14.73 45.04
C GLU B 210 0.11 -13.55 44.31
N ASP B 211 0.86 -12.83 43.48
CA ASP B 211 0.30 -11.76 42.63
C ASP B 211 -0.10 -12.32 41.25
N ILE B 212 0.82 -13.06 40.61
CA ILE B 212 0.67 -13.59 39.25
C ILE B 212 0.31 -15.07 39.34
N GLU B 213 -0.98 -15.34 39.28
N GLU B 213 -0.98 -15.38 39.30
CA GLU B 213 -1.52 -16.70 39.43
CA GLU B 213 -1.43 -16.76 39.45
C GLU B 213 -1.20 -17.64 38.26
C GLU B 213 -1.01 -17.66 38.28
N GLY B 214 -0.90 -17.08 37.10
CA GLY B 214 -0.57 -17.85 35.90
C GLY B 214 -1.06 -17.06 34.68
N PRO B 215 -1.02 -17.67 33.49
CA PRO B 215 -1.48 -16.92 32.32
C PRO B 215 -2.93 -16.55 32.41
N ASP B 216 -3.31 -15.56 31.59
CA ASP B 216 -4.70 -15.11 31.50
C ASP B 216 -4.95 -14.85 30.01
N PHE B 217 -5.63 -15.77 29.34
CA PHE B 217 -5.82 -15.68 27.90
C PHE B 217 -6.96 -14.76 27.51
N PRO B 218 -6.83 -14.09 26.36
CA PRO B 218 -7.93 -13.21 25.97
C PRO B 218 -9.21 -14.03 25.77
N THR B 219 -9.03 -15.32 25.45
CA THR B 219 -10.10 -16.27 25.17
C THR B 219 -10.67 -16.96 26.43
N ALA B 220 -10.17 -16.58 27.60
CA ALA B 220 -10.64 -17.12 28.88
C ALA B 220 -10.35 -18.64 29.02
N GLY B 221 -11.39 -19.45 29.18
CA GLY B 221 -11.18 -20.89 29.37
C GLY B 221 -10.64 -21.25 30.74
N LEU B 222 -10.09 -22.45 30.85
CA LEU B 222 -9.55 -22.98 32.10
C LEU B 222 -8.13 -23.48 31.90
N ILE B 223 -7.35 -23.45 32.97
CA ILE B 223 -6.03 -24.04 33.02
C ILE B 223 -6.17 -25.13 34.08
N LEU B 224 -5.66 -26.31 33.78
CA LEU B 224 -5.68 -27.45 34.72
C LEU B 224 -4.44 -27.52 35.59
N GLY B 225 -4.57 -27.17 36.86
CA GLY B 225 -3.44 -27.26 37.77
C GLY B 225 -2.40 -26.15 37.68
N LYS B 226 -1.50 -26.19 38.65
CA LYS B 226 -0.47 -25.18 38.78
C LYS B 226 0.93 -25.71 38.55
N SER B 227 1.06 -27.02 38.28
CA SER B 227 2.38 -27.63 38.04
C SER B 227 3.10 -27.09 36.81
N GLY B 228 2.40 -27.04 35.69
CA GLY B 228 2.98 -26.55 34.45
C GLY B 228 3.32 -25.08 34.60
N ILE B 229 2.39 -24.30 35.16
CA ILE B 229 2.61 -22.88 35.42
C ILE B 229 3.86 -22.68 36.30
N ARG B 230 3.94 -23.41 37.42
N ARG B 230 3.97 -23.42 37.41
CA ARG B 230 5.05 -23.28 38.36
CA ARG B 230 5.15 -23.28 38.29
C ARG B 230 6.40 -23.51 37.68
C ARG B 230 6.45 -23.60 37.56
N ARG B 231 6.53 -24.59 36.91
N ARG B 231 6.46 -24.69 36.81
CA ARG B 231 7.79 -24.85 36.23
CA ARG B 231 7.65 -25.09 36.05
C ARG B 231 8.09 -23.79 35.16
C ARG B 231 8.05 -24.00 35.04
N ALA B 232 7.06 -23.39 34.41
CA ALA B 232 7.26 -22.35 33.39
C ALA B 232 7.82 -21.06 34.03
N TYR B 233 7.29 -20.67 35.19
CA TYR B 233 7.76 -19.47 35.89
C TYR B 233 9.14 -19.63 36.52
N GLU B 234 9.45 -20.84 36.97
N GLU B 234 9.45 -20.84 36.98
CA GLU B 234 10.74 -21.13 37.60
CA GLU B 234 10.74 -21.13 37.60
C GLU B 234 11.86 -21.27 36.58
C GLU B 234 11.87 -21.25 36.57
N THR B 235 11.55 -21.83 35.42
CA THR B 235 12.59 -22.13 34.42
C THR B 235 12.48 -21.48 33.06
N GLY B 236 11.31 -20.93 32.74
CA GLY B 236 11.07 -20.35 31.41
C GLY B 236 10.43 -21.37 30.47
N ARG B 237 10.33 -22.62 30.94
CA ARG B 237 9.76 -23.74 30.17
C ARG B 237 8.79 -24.59 30.98
N GLY B 238 7.68 -24.95 30.36
CA GLY B 238 6.69 -25.80 31.01
C GLY B 238 5.46 -25.97 30.14
N SER B 239 4.73 -27.05 30.36
CA SER B 239 3.55 -27.38 29.59
C SER B 239 2.32 -26.97 30.39
N ILE B 240 1.45 -26.15 29.81
CA ILE B 240 0.24 -25.69 30.51
C ILE B 240 -1.01 -26.23 29.78
N GLN B 241 -1.82 -27.03 30.48
CA GLN B 241 -3.01 -27.63 29.88
C GLN B 241 -4.16 -26.64 29.92
N MET B 242 -4.68 -26.30 28.74
CA MET B 242 -5.80 -25.37 28.61
C MET B 242 -7.04 -26.19 28.26
N ARG B 243 -8.13 -25.89 28.94
CA ARG B 243 -9.31 -26.63 28.65
C ARG B 243 -10.43 -25.64 28.33
N SER B 244 -11.27 -26.02 27.37
CA SER B 244 -12.45 -25.22 27.02
C SER B 244 -13.39 -25.10 28.20
N ARG B 245 -14.24 -24.08 28.20
CA ARG B 245 -15.26 -23.99 29.24
C ARG B 245 -16.48 -24.72 28.70
N ALA B 246 -16.83 -25.83 29.34
CA ALA B 246 -17.94 -26.66 28.85
C ALA B 246 -18.85 -27.09 30.00
N VAL B 247 -20.15 -27.13 29.72
CA VAL B 247 -21.09 -27.64 30.72
C VAL B 247 -22.02 -28.64 30.06
N ILE B 248 -22.66 -29.46 30.88
CA ILE B 248 -23.64 -30.44 30.42
C ILE B 248 -25.02 -29.93 30.84
N GLU B 249 -25.97 -29.90 29.91
CA GLU B 249 -27.32 -29.43 30.24
C GLU B 249 -28.37 -30.23 29.48
N GLU B 250 -29.59 -30.20 30.02
CA GLU B 250 -30.74 -30.88 29.40
C GLU B 250 -31.23 -30.15 28.16
N ARG B 251 -31.82 -30.88 27.23
CA ARG B 251 -32.32 -30.24 26.01
C ARG B 251 -33.77 -30.64 25.69
N GLY B 252 -34.40 -31.39 26.60
CA GLY B 252 -35.77 -31.83 26.43
C GLY B 252 -35.88 -33.32 26.21
N GLY B 253 -37.04 -33.87 26.59
CA GLY B 253 -37.35 -35.30 26.45
C GLY B 253 -36.31 -36.24 27.03
N GLY B 254 -35.68 -35.83 28.13
CA GLY B 254 -34.69 -36.66 28.81
C GLY B 254 -33.32 -36.72 28.14
N ARG B 255 -33.10 -35.87 27.14
CA ARG B 255 -31.81 -35.84 26.44
C ARG B 255 -30.92 -34.70 26.95
N GLN B 256 -29.62 -34.77 26.63
CA GLN B 256 -28.65 -33.75 27.06
C GLN B 256 -27.74 -33.27 25.93
N ARG B 257 -27.01 -32.20 26.23
CA ARG B 257 -26.05 -31.66 25.29
C ARG B 257 -24.89 -31.07 26.10
N ILE B 258 -23.74 -30.98 25.44
CA ILE B 258 -22.56 -30.34 26.00
C ILE B 258 -22.54 -28.99 25.31
N VAL B 259 -22.36 -27.93 26.09
CA VAL B 259 -22.32 -26.56 25.55
C VAL B 259 -20.96 -25.93 25.89
N VAL B 260 -20.23 -25.53 24.86
CA VAL B 260 -18.90 -24.96 25.00
C VAL B 260 -19.02 -23.48 24.75
N THR B 261 -18.58 -22.67 25.71
CA THR B 261 -18.70 -21.21 25.59
C THR B 261 -17.36 -20.49 25.54
N GLU B 262 -16.28 -21.20 25.85
CA GLU B 262 -14.93 -20.62 25.79
C GLU B 262 -14.04 -21.73 25.28
N ILE B 263 -13.08 -21.38 24.42
CA ILE B 263 -12.14 -22.37 23.87
C ILE B 263 -10.70 -21.97 24.21
N PRO B 264 -9.72 -22.90 24.01
CA PRO B 264 -8.35 -22.55 24.36
C PRO B 264 -7.74 -21.50 23.46
N PHE B 265 -6.75 -20.80 23.97
CA PHE B 265 -6.06 -19.74 23.26
C PHE B 265 -5.44 -20.28 21.98
N GLN B 266 -5.59 -19.52 20.89
CA GLN B 266 -5.02 -19.88 19.58
C GLN B 266 -5.65 -21.09 18.89
N VAL B 267 -6.76 -21.58 19.42
CA VAL B 267 -7.47 -22.67 18.77
C VAL B 267 -8.46 -22.06 17.78
N ASN B 268 -8.42 -22.53 16.53
CA ASN B 268 -9.36 -22.09 15.51
C ASN B 268 -10.69 -22.85 15.75
N LYS B 269 -11.75 -22.11 16.10
CA LYS B 269 -13.05 -22.72 16.41
C LYS B 269 -13.64 -23.60 15.30
N ALA B 270 -13.71 -23.10 14.07
CA ALA B 270 -14.23 -23.91 12.95
C ALA B 270 -13.43 -25.19 12.79
N ARG B 271 -12.11 -25.11 12.93
CA ARG B 271 -11.27 -26.31 12.73
C ARG B 271 -11.46 -27.31 13.87
N MET B 272 -11.67 -26.82 15.09
CA MET B 272 -11.93 -27.70 16.23
C MET B 272 -13.25 -28.45 15.96
N ILE B 273 -14.26 -27.72 15.50
CA ILE B 273 -15.56 -28.32 15.14
C ILE B 273 -15.39 -29.38 14.02
N GLU B 274 -14.61 -29.08 12.98
N GLU B 274 -14.59 -29.05 13.01
CA GLU B 274 -14.39 -30.06 11.93
CA GLU B 274 -14.29 -29.98 11.91
C GLU B 274 -13.69 -31.30 12.47
C GLU B 274 -13.65 -31.26 12.43
N LYS B 275 -12.77 -31.12 13.42
CA LYS B 275 -12.11 -32.25 14.04
C LYS B 275 -13.08 -33.13 14.80
N ILE B 276 -14.01 -32.51 15.52
CA ILE B 276 -15.01 -33.28 16.27
C ILE B 276 -15.88 -34.04 15.27
N ALA B 277 -16.35 -33.33 14.24
CA ALA B 277 -17.15 -33.93 13.19
C ALA B 277 -16.43 -35.12 12.52
N GLU B 278 -15.11 -34.97 12.28
N GLU B 278 -15.13 -34.99 12.28
CA GLU B 278 -14.30 -36.03 11.69
CA GLU B 278 -14.35 -36.07 11.66
C GLU B 278 -14.30 -37.28 12.57
C GLU B 278 -14.26 -37.30 12.57
N LEU B 279 -14.12 -37.07 13.88
CA LEU B 279 -14.10 -38.15 14.86
C LEU B 279 -15.39 -38.94 14.86
N VAL B 280 -16.51 -38.22 14.71
CA VAL B 280 -17.85 -38.83 14.69
C VAL B 280 -18.03 -39.63 13.40
N ARG B 281 -17.73 -38.98 12.27
CA ARG B 281 -17.87 -39.58 10.97
C ARG B 281 -17.06 -40.87 10.84
N ASP B 282 -15.84 -40.88 11.38
CA ASP B 282 -14.94 -42.04 11.36
C ASP B 282 -15.17 -42.98 12.54
N LYS B 283 -16.22 -42.68 13.32
CA LYS B 283 -16.63 -43.49 14.47
C LYS B 283 -15.51 -43.74 15.49
N LYS B 284 -14.71 -42.70 15.72
CA LYS B 284 -13.65 -42.78 16.71
C LYS B 284 -14.13 -42.29 18.08
N ILE B 285 -15.38 -41.84 18.14
CA ILE B 285 -16.00 -41.42 19.41
C ILE B 285 -17.46 -41.82 19.38
N ASP B 286 -17.96 -42.33 20.49
CA ASP B 286 -19.36 -42.77 20.57
C ASP B 286 -20.30 -41.80 21.32
N GLY B 287 -21.56 -41.70 20.88
CA GLY B 287 -22.59 -40.96 21.60
C GLY B 287 -23.03 -39.57 21.18
N ILE B 288 -22.48 -39.09 20.07
CA ILE B 288 -22.79 -37.74 19.58
C ILE B 288 -23.80 -37.81 18.46
N THR B 289 -24.87 -37.01 18.57
CA THR B 289 -25.95 -37.02 17.58
C THR B 289 -26.07 -35.74 16.77
N ASP B 290 -25.40 -34.67 17.19
CA ASP B 290 -25.47 -33.41 16.45
C ASP B 290 -24.38 -32.47 16.93
N LEU B 291 -23.95 -31.56 16.08
CA LEU B 291 -22.86 -30.64 16.36
C LEU B 291 -23.23 -29.36 15.66
N ARG B 292 -23.32 -28.25 16.40
CA ARG B 292 -23.68 -26.98 15.79
C ARG B 292 -22.87 -25.84 16.39
N ASP B 293 -22.53 -24.85 15.58
CA ASP B 293 -21.87 -23.69 16.10
C ASP B 293 -22.96 -22.64 16.22
N GLU B 294 -23.41 -22.38 17.45
CA GLU B 294 -24.47 -21.39 17.68
C GLU B 294 -23.92 -20.04 18.11
N THR B 295 -22.62 -19.85 17.93
CA THR B 295 -21.96 -18.59 18.26
C THR B 295 -22.65 -17.42 17.56
N SER B 296 -22.88 -16.33 18.30
CA SER B 296 -23.42 -15.10 17.68
C SER B 296 -22.84 -13.90 18.42
N LEU B 297 -22.94 -12.70 17.85
CA LEU B 297 -22.44 -11.50 18.52
C LEU B 297 -23.21 -11.21 19.80
N ARG B 298 -24.47 -11.60 19.82
CA ARG B 298 -25.34 -11.37 20.96
C ARG B 298 -25.11 -12.39 22.06
N THR B 299 -25.02 -13.67 21.71
CA THR B 299 -24.84 -14.73 22.71
C THR B 299 -23.37 -15.07 23.05
N GLY B 300 -22.41 -14.65 22.22
CA GLY B 300 -21.00 -15.02 22.43
C GLY B 300 -20.78 -16.43 21.87
N VAL B 301 -19.58 -16.99 22.06
CA VAL B 301 -19.23 -18.33 21.59
C VAL B 301 -20.18 -19.37 22.18
N ARG B 302 -20.76 -20.23 21.35
CA ARG B 302 -21.66 -21.28 21.81
C ARG B 302 -21.60 -22.48 20.85
N VAL B 303 -20.85 -23.52 21.23
CA VAL B 303 -20.73 -24.71 20.40
C VAL B 303 -21.50 -25.80 21.13
N VAL B 304 -22.47 -26.37 20.43
CA VAL B 304 -23.36 -27.37 21.00
C VAL B 304 -23.09 -28.77 20.44
N ILE B 305 -22.95 -29.74 21.32
CA ILE B 305 -22.74 -31.12 20.97
C ILE B 305 -23.88 -31.94 21.61
N ASP B 306 -24.85 -32.35 20.81
CA ASP B 306 -25.94 -33.20 21.30
C ASP B 306 -25.48 -34.62 21.61
N VAL B 307 -25.92 -35.13 22.75
CA VAL B 307 -25.55 -36.45 23.22
C VAL B 307 -26.78 -37.37 23.06
N ARG B 308 -26.51 -38.64 22.76
CA ARG B 308 -27.55 -39.64 22.58
C ARG B 308 -28.25 -39.94 23.91
N LYS B 309 -29.59 -40.05 23.85
CA LYS B 309 -30.38 -40.35 25.05
C LYS B 309 -29.76 -41.51 25.82
N ASP B 310 -29.59 -41.32 27.13
CA ASP B 310 -29.02 -42.35 27.98
C ASP B 310 -27.49 -42.54 27.91
N ALA B 311 -26.80 -41.90 26.94
CA ALA B 311 -25.33 -41.97 26.92
C ALA B 311 -24.82 -41.02 28.01
N ASN B 312 -23.69 -41.37 28.64
CA ASN B 312 -23.10 -40.53 29.69
C ASN B 312 -22.35 -39.33 29.07
N ALA B 313 -22.95 -38.14 29.18
CA ALA B 313 -22.38 -36.92 28.60
C ALA B 313 -20.98 -36.55 29.12
N SER B 314 -20.68 -36.91 30.37
CA SER B 314 -19.36 -36.58 30.96
C SER B 314 -18.25 -37.45 30.37
N VAL B 315 -18.59 -38.70 30.04
CA VAL B 315 -17.64 -39.62 29.40
C VAL B 315 -17.31 -39.06 28.02
N ILE B 316 -18.35 -38.65 27.30
CA ILE B 316 -18.21 -38.08 25.97
C ILE B 316 -17.35 -36.81 26.00
N LEU B 317 -17.64 -35.91 26.93
CA LEU B 317 -16.87 -34.68 27.12
C LEU B 317 -15.38 -35.02 27.40
N ASN B 318 -15.11 -35.94 28.32
CA ASN B 318 -13.73 -36.36 28.60
C ASN B 318 -13.00 -36.90 27.37
N ASN B 319 -13.71 -37.69 26.57
CA ASN B 319 -13.19 -38.20 25.31
C ASN B 319 -12.89 -37.06 24.35
N LEU B 320 -13.79 -36.07 24.28
CA LEU B 320 -13.55 -34.90 23.45
C LEU B 320 -12.29 -34.15 23.88
N TYR B 321 -12.04 -34.05 25.19
CA TYR B 321 -10.82 -33.39 25.68
C TYR B 321 -9.54 -34.12 25.23
N LYS B 322 -9.57 -35.45 25.31
N LYS B 322 -9.57 -35.45 25.31
CA LYS B 322 -8.42 -36.28 24.93
CA LYS B 322 -8.42 -36.26 24.92
C LYS B 322 -8.20 -36.32 23.42
C LYS B 322 -8.20 -36.26 23.41
N GLN B 323 -9.29 -36.38 22.66
CA GLN B 323 -9.20 -36.54 21.20
C GLN B 323 -9.25 -35.33 20.30
N THR B 324 -9.54 -34.15 20.85
CA THR B 324 -9.68 -32.97 19.99
C THR B 324 -9.02 -31.80 20.69
N PRO B 325 -8.87 -30.63 20.00
CA PRO B 325 -8.29 -29.46 20.65
C PRO B 325 -9.22 -28.80 21.71
N LEU B 326 -10.37 -29.42 22.02
CA LEU B 326 -11.23 -28.90 23.10
C LEU B 326 -10.35 -28.75 24.35
N GLN B 327 -9.33 -29.60 24.47
CA GLN B 327 -8.25 -29.44 25.46
C GLN B 327 -6.96 -29.36 24.63
N THR B 328 -6.13 -28.34 24.90
CA THR B 328 -4.90 -28.10 24.16
C THR B 328 -3.83 -27.64 25.15
N SER B 329 -2.58 -27.98 24.89
CA SER B 329 -1.51 -27.51 25.78
C SER B 329 -0.81 -26.28 25.22
N PHE B 330 -0.36 -25.42 26.13
CA PHE B 330 0.44 -24.27 25.73
C PHE B 330 1.86 -24.60 26.20
N GLY B 331 2.78 -24.80 25.25
CA GLY B 331 4.18 -25.10 25.59
C GLY B 331 4.93 -23.80 25.80
N VAL B 332 5.12 -23.43 27.07
CA VAL B 332 5.83 -22.19 27.39
C VAL B 332 7.32 -22.32 27.09
N ASN B 333 7.86 -21.33 26.41
CA ASN B 333 9.27 -21.32 26.07
C ASN B 333 9.65 -19.84 26.02
N MET B 334 9.99 -19.27 27.18
CA MET B 334 10.18 -17.83 27.28
C MET B 334 11.52 -17.27 26.84
N ILE B 335 11.66 -17.10 25.53
CA ILE B 335 12.86 -16.51 24.93
C ILE B 335 12.57 -15.07 24.47
N ALA B 336 13.40 -14.14 24.92
CA ALA B 336 13.26 -12.73 24.55
C ALA B 336 14.65 -12.14 24.40
N LEU B 337 14.74 -11.00 23.72
CA LEU B 337 16.01 -10.34 23.57
C LEU B 337 16.30 -9.54 24.85
N VAL B 338 17.45 -9.85 25.44
CA VAL B 338 17.94 -9.22 26.68
C VAL B 338 19.29 -8.65 26.28
N ASN B 339 19.42 -7.32 26.33
N ASN B 339 19.39 -7.32 26.33
CA ASN B 339 20.66 -6.68 25.88
CA ASN B 339 20.57 -6.57 25.87
C ASN B 339 20.98 -7.07 24.44
C ASN B 339 20.96 -7.00 24.45
N GLY B 340 19.96 -7.13 23.59
CA GLY B 340 20.14 -7.50 22.17
C GLY B 340 20.53 -8.94 21.84
N ARG B 341 20.41 -9.85 22.80
CA ARG B 341 20.76 -11.26 22.61
C ARG B 341 19.60 -12.12 23.09
N PRO B 342 19.34 -13.25 22.41
CA PRO B 342 18.23 -14.08 22.85
C PRO B 342 18.57 -14.78 24.15
N LYS B 343 17.61 -14.85 25.06
N LYS B 343 17.64 -14.80 25.09
CA LYS B 343 17.85 -15.50 26.34
CA LYS B 343 17.87 -15.50 26.37
C LYS B 343 16.58 -16.17 26.84
C LYS B 343 16.58 -16.17 26.84
N LEU B 344 16.72 -17.39 27.37
CA LEU B 344 15.60 -18.10 27.97
C LEU B 344 15.53 -17.49 29.37
N ILE B 345 14.38 -16.92 29.72
CA ILE B 345 14.23 -16.24 31.00
C ILE B 345 13.07 -16.80 31.83
N ASN B 346 13.18 -16.70 33.15
CA ASN B 346 12.08 -17.17 33.98
C ASN B 346 11.18 -15.96 34.32
N LEU B 347 10.12 -16.17 35.10
CA LEU B 347 9.19 -15.07 35.42
C LEU B 347 9.86 -13.91 36.11
N LYS B 348 10.69 -14.18 37.12
CA LYS B 348 11.37 -13.10 37.83
C LYS B 348 12.32 -12.28 36.95
N GLU B 349 13.17 -12.94 36.15
N GLU B 349 13.17 -12.92 36.14
CA GLU B 349 14.10 -12.24 35.26
CA GLU B 349 14.08 -12.18 35.25
C GLU B 349 13.37 -11.32 34.27
C GLU B 349 13.28 -11.24 34.36
N ALA B 350 12.17 -11.74 33.83
CA ALA B 350 11.36 -10.95 32.92
C ALA B 350 10.88 -9.67 33.62
N LEU B 351 10.41 -9.81 34.86
CA LEU B 351 9.94 -8.69 35.65
C LEU B 351 11.08 -7.73 36.01
N VAL B 352 12.25 -8.29 36.34
CA VAL B 352 13.46 -7.50 36.69
C VAL B 352 13.91 -6.64 35.51
N HIS B 353 14.01 -7.24 34.31
CA HIS B 353 14.40 -6.44 33.17
C HIS B 353 13.34 -5.38 32.88
N TYR B 354 12.07 -5.73 33.08
CA TYR B 354 11.01 -4.75 32.84
C TYR B 354 11.13 -3.57 33.83
N LEU B 355 11.24 -3.87 35.13
CA LEU B 355 11.38 -2.83 36.15
C LEU B 355 12.60 -1.96 35.90
N GLU B 356 13.73 -2.57 35.54
CA GLU B 356 14.94 -1.79 35.25
C GLU B 356 14.73 -0.83 34.06
N HIS B 357 13.99 -1.29 33.05
CA HIS B 357 13.64 -0.45 31.91
C HIS B 357 12.80 0.75 32.41
N GLN B 358 11.83 0.49 33.29
CA GLN B 358 11.02 1.58 33.84
C GLN B 358 11.84 2.60 34.65
N LYS B 359 12.77 2.11 35.48
CA LYS B 359 13.65 3.00 36.23
C LYS B 359 14.45 3.89 35.29
N THR B 360 15.02 3.30 34.24
CA THR B 360 15.79 4.06 33.25
C THR B 360 14.92 5.09 32.51
N VAL B 361 13.73 4.66 32.09
CA VAL B 361 12.80 5.53 31.38
C VAL B 361 12.47 6.76 32.25
N VAL B 362 12.02 6.51 33.47
CA VAL B 362 11.63 7.61 34.38
C VAL B 362 12.85 8.48 34.74
N ARG B 363 14.01 7.86 34.99
CA ARG B 363 15.25 8.60 35.29
C ARG B 363 15.62 9.52 34.12
N ARG B 364 15.69 8.96 32.91
CA ARG B 364 15.99 9.72 31.69
C ARG B 364 14.97 10.83 31.39
N ARG B 365 13.69 10.59 31.67
CA ARG B 365 12.64 11.57 31.46
C ARG B 365 12.86 12.75 32.42
N THR B 366 13.16 12.43 33.67
CA THR B 366 13.38 13.43 34.71
C THR B 366 14.57 14.33 34.34
N GLN B 367 15.64 13.70 33.84
CA GLN B 367 16.85 14.39 33.37
C GLN B 367 16.52 15.29 32.18
N TYR B 368 15.70 14.78 31.25
CA TYR B 368 15.28 15.56 30.09
C TYR B 368 14.45 16.76 30.54
N ASN B 369 13.49 16.52 31.43
CA ASN B 369 12.65 17.59 31.95
C ASN B 369 13.51 18.66 32.65
N LEU B 370 14.56 18.22 33.34
CA LEU B 370 15.48 19.11 34.05
C LEU B 370 16.29 19.98 33.09
N ARG B 371 16.89 19.37 32.05
CA ARG B 371 17.64 20.11 31.04
C ARG B 371 16.71 21.13 30.37
N LYS B 372 15.51 20.68 30.02
CA LYS B 372 14.50 21.52 29.36
C LYS B 372 14.06 22.70 30.23
N ALA B 373 13.82 22.44 31.52
CA ALA B 373 13.41 23.47 32.48
C ALA B 373 14.51 24.52 32.68
N LYS B 374 15.77 24.07 32.80
CA LYS B 374 16.91 24.99 32.94
C LYS B 374 17.13 25.83 31.68
N ASP B 375 16.96 25.22 30.52
CA ASP B 375 17.07 25.96 29.26
C ASP B 375 16.03 27.06 29.22
N ARG B 376 14.80 26.73 29.60
CA ARG B 376 13.70 27.67 29.59
C ARG B 376 13.90 28.78 30.65
N ALA B 377 14.40 28.41 31.84
CA ALA B 377 14.68 29.39 32.88
C ALA B 377 15.73 30.41 32.38
N HIS B 378 16.76 29.91 31.68
CA HIS B 378 17.80 30.73 31.08
C HIS B 378 17.19 31.73 30.07
N ILE B 379 16.23 31.27 29.26
CA ILE B 379 15.59 32.13 28.27
C ILE B 379 14.78 33.20 29.00
N LEU B 380 13.98 32.78 30.00
CA LEU B 380 13.18 33.72 30.77
C LEU B 380 14.02 34.82 31.41
N GLU B 381 15.20 34.44 31.93
CA GLU B 381 16.14 35.43 32.48
C GLU B 381 16.51 36.49 31.45
N GLY B 382 16.73 36.07 30.20
CA GLY B 382 17.07 36.98 29.11
C GLY B 382 15.88 37.87 28.77
N LEU B 383 14.68 37.30 28.77
CA LEU B 383 13.46 38.08 28.46
C LEU B 383 13.09 39.09 29.57
N ARG B 384 13.38 38.74 30.83
CA ARG B 384 13.12 39.65 31.95
C ARG B 384 14.01 40.92 31.80
N ILE B 385 15.29 40.70 31.50
CA ILE B 385 16.27 41.76 31.23
C ILE B 385 15.81 42.60 30.03
N ALA B 386 15.41 41.95 28.93
CA ALA B 386 14.91 42.66 27.74
C ALA B 386 13.70 43.54 28.09
N LEU B 387 12.71 42.96 28.78
CA LEU B 387 11.53 43.74 29.12
C LEU B 387 11.78 44.87 30.14
N ASP B 388 12.68 44.64 31.09
CA ASP B 388 13.03 45.65 32.09
C ASP B 388 13.85 46.79 31.50
N HIS B 389 14.42 46.57 30.32
CA HIS B 389 15.25 47.58 29.63
C HIS B 389 14.83 47.69 28.18
N ILE B 390 13.52 47.59 27.93
CA ILE B 390 13.01 47.51 26.55
C ILE B 390 13.42 48.66 25.61
N ASP B 391 13.46 49.89 26.13
CA ASP B 391 13.81 51.04 25.31
C ASP B 391 15.22 50.91 24.78
N GLU B 392 16.14 50.52 25.66
CA GLU B 392 17.51 50.36 25.26
C GLU B 392 17.69 49.13 24.35
N ILE B 393 16.92 48.07 24.60
CA ILE B 393 16.94 46.85 23.76
C ILE B 393 16.53 47.23 22.32
N ILE B 394 15.45 47.98 22.20
CA ILE B 394 14.93 48.37 20.89
C ILE B 394 15.90 49.32 20.16
N SER B 395 16.47 50.28 20.89
CA SER B 395 17.40 51.19 20.20
C SER B 395 18.65 50.43 19.76
N THR B 396 19.10 49.48 20.58
CA THR B 396 20.24 48.63 20.22
C THR B 396 19.97 47.91 18.90
N ILE B 397 18.76 47.35 18.76
CA ILE B 397 18.36 46.64 17.56
C ILE B 397 18.20 47.58 16.35
N ARG B 398 17.53 48.72 16.55
CA ARG B 398 17.34 49.70 15.45
C ARG B 398 18.63 50.29 14.88
N GLU B 399 19.64 50.48 15.73
N GLU B 399 19.62 50.47 15.75
CA GLU B 399 20.94 51.03 15.30
CA GLU B 399 20.93 51.01 15.37
C GLU B 399 21.76 49.99 14.52
C GLU B 399 21.87 49.95 14.78
N SER B 400 21.38 48.72 14.62
CA SER B 400 22.15 47.61 14.02
C SER B 400 21.71 47.29 12.59
N ASP B 401 22.67 47.23 11.68
N ASP B 401 22.67 47.23 11.68
CA ASP B 401 22.38 46.96 10.27
CA ASP B 401 22.39 46.96 10.26
C ASP B 401 21.96 45.50 10.02
C ASP B 401 21.93 45.51 10.05
N THR B 402 22.61 44.57 10.70
CA THR B 402 22.28 43.14 10.57
C THR B 402 21.90 42.59 11.93
N ASP B 403 21.31 41.41 11.97
CA ASP B 403 21.00 40.85 13.28
C ASP B 403 22.25 40.27 13.92
N LYS B 404 23.27 39.97 13.11
CA LYS B 404 24.55 39.50 13.64
C LYS B 404 25.12 40.64 14.51
N VAL B 405 25.07 41.86 14.00
CA VAL B 405 25.51 43.02 14.77
C VAL B 405 24.58 43.24 16.00
N ALA B 406 23.27 43.10 15.80
CA ALA B 406 22.29 43.23 16.90
C ALA B 406 22.60 42.21 18.02
N MET B 407 22.77 40.94 17.64
CA MET B 407 23.14 39.83 18.54
C MET B 407 24.38 40.16 19.37
N GLU B 408 25.45 40.61 18.69
N GLU B 408 25.43 40.63 18.67
CA GLU B 408 26.71 40.96 19.37
CA GLU B 408 26.71 41.02 19.24
C GLU B 408 26.54 42.11 20.37
C GLU B 408 26.56 42.10 20.31
N SER B 409 25.83 43.17 19.98
CA SER B 409 25.59 44.31 20.87
C SER B 409 24.74 43.93 22.08
N LEU B 410 23.67 43.16 21.84
CA LEU B 410 22.79 42.70 22.92
C LEU B 410 23.57 41.90 23.96
N GLN B 411 24.38 40.95 23.50
CA GLN B 411 25.17 40.10 24.40
C GLN B 411 26.16 40.86 25.27
N GLN B 412 26.87 41.81 24.66
CA GLN B 412 27.90 42.55 25.39
C GLN B 412 27.29 43.61 26.31
N ARG B 413 26.35 44.37 25.78
CA ARG B 413 25.70 45.43 26.54
C ARG B 413 24.89 44.90 27.71
N PHE B 414 24.16 43.79 27.50
CA PHE B 414 23.25 43.27 28.55
C PHE B 414 23.65 41.98 29.27
N LYS B 415 24.88 41.51 29.03
CA LYS B 415 25.38 40.28 29.65
C LYS B 415 24.44 39.11 29.29
N LEU B 416 24.22 38.90 28.01
CA LEU B 416 23.32 37.85 27.53
C LEU B 416 24.06 36.77 26.76
N SER B 417 23.57 35.53 26.85
CA SER B 417 24.14 34.47 26.03
C SER B 417 23.62 34.64 24.60
N GLU B 418 24.16 33.83 23.70
CA GLU B 418 23.69 33.84 22.32
C GLU B 418 22.23 33.41 22.28
N LYS B 419 21.90 32.36 23.03
CA LYS B 419 20.53 31.86 23.08
C LYS B 419 19.55 32.92 23.62
N GLN B 420 19.99 33.70 24.61
CA GLN B 420 19.12 34.74 25.18
C GLN B 420 18.91 35.85 24.15
N ALA B 421 19.99 36.30 23.53
CA ALA B 421 19.92 37.35 22.52
C ALA B 421 19.03 36.94 21.35
N GLN B 422 19.10 35.66 20.94
CA GLN B 422 18.26 35.14 19.84
C GLN B 422 16.77 35.15 20.17
N ALA B 423 16.45 34.71 21.38
CA ALA B 423 15.09 34.68 21.85
C ALA B 423 14.53 36.12 21.89
N ILE B 424 15.37 37.08 22.23
CA ILE B 424 14.96 38.47 22.31
C ILE B 424 14.65 38.98 20.89
N LEU B 425 15.53 38.68 19.93
CA LEU B 425 15.30 39.06 18.54
C LEU B 425 14.08 38.37 17.93
N ASP B 426 13.74 37.20 18.46
CA ASP B 426 12.58 36.44 17.99
C ASP B 426 11.27 36.87 18.64
N MET B 427 11.37 37.67 19.70
CA MET B 427 10.19 38.13 20.43
C MET B 427 9.31 39.04 19.57
N ARG B 428 8.01 38.75 19.55
CA ARG B 428 7.05 39.56 18.79
C ARG B 428 6.60 40.75 19.61
N LEU B 429 6.24 41.84 18.95
CA LEU B 429 5.80 43.07 19.63
C LEU B 429 4.66 42.84 20.65
N ARG B 430 3.74 41.91 20.37
CA ARG B 430 2.64 41.61 21.31
C ARG B 430 3.14 41.18 22.70
N ARG B 431 4.39 40.72 22.79
CA ARG B 431 4.97 40.31 24.09
C ARG B 431 5.30 41.50 24.99
N LEU B 432 5.08 42.72 24.48
CA LEU B 432 5.36 43.94 25.23
C LEU B 432 4.16 44.48 26.00
N THR B 433 3.04 43.77 25.95
CA THR B 433 1.84 44.20 26.65
C THR B 433 2.07 44.19 28.17
N GLY B 434 1.26 44.97 28.88
CA GLY B 434 1.44 45.24 30.29
C GLY B 434 1.49 44.10 31.28
N LEU B 435 0.75 43.04 30.98
CA LEU B 435 0.66 41.90 31.88
C LEU B 435 1.60 40.75 31.52
N GLU B 436 2.39 40.93 30.46
CA GLU B 436 3.33 39.91 30.01
C GLU B 436 4.53 39.78 30.92
N ARG B 437 4.96 40.92 31.46
CA ARG B 437 6.11 40.96 32.36
C ARG B 437 5.88 40.16 33.64
N ASP B 438 4.64 40.13 34.12
CA ASP B 438 4.26 39.39 35.32
C ASP B 438 4.05 37.93 34.98
N LYS B 439 3.47 37.68 33.80
CA LYS B 439 3.21 36.34 33.27
C LYS B 439 4.54 35.57 33.12
N ILE B 440 5.58 36.30 32.73
CA ILE B 440 6.92 35.77 32.56
C ILE B 440 7.53 35.51 33.93
N GLU B 441 7.27 36.43 34.86
CA GLU B 441 7.76 36.32 36.24
C GLU B 441 7.13 35.11 36.94
N ALA B 442 5.85 34.88 36.67
CA ALA B 442 5.11 33.75 37.27
C ALA B 442 5.66 32.42 36.76
N GLU B 443 5.86 32.33 35.45
CA GLU B 443 6.41 31.12 34.84
C GLU B 443 7.81 30.86 35.41
N TYR B 444 8.61 31.91 35.53
CA TYR B 444 9.96 31.80 36.04
C TYR B 444 9.99 31.21 37.46
N ASN B 445 9.16 31.76 38.34
CA ASN B 445 9.05 31.26 39.73
C ASN B 445 8.59 29.81 39.79
N GLU B 446 7.58 29.46 39.00
N GLU B 446 7.58 29.46 39.00
CA GLU B 446 7.10 28.07 38.94
CA GLU B 446 7.09 28.07 38.94
C GLU B 446 8.20 27.13 38.45
C GLU B 446 8.17 27.11 38.41
N LEU B 447 8.94 27.57 37.42
CA LEU B 447 10.06 26.79 36.87
C LEU B 447 11.15 26.48 37.90
N LEU B 448 11.53 27.48 38.69
CA LEU B 448 12.54 27.29 39.74
C LEU B 448 12.11 26.21 40.73
N ASN B 449 10.82 26.20 41.05
CA ASN B 449 10.26 25.21 41.95
C ASN B 449 10.32 23.82 41.30
N TYR B 450 9.87 23.77 40.05
CA TYR B 450 9.87 22.54 39.25
C TYR B 450 11.28 21.92 39.15
N ILE B 451 12.26 22.76 38.88
CA ILE B 451 13.66 22.34 38.82
C ILE B 451 14.09 21.70 40.13
N SER B 452 13.64 22.30 41.23
CA SER B 452 13.95 21.77 42.57
C SER B 452 13.31 20.39 42.73
N GLU B 453 12.03 20.27 42.35
CA GLU B 453 11.33 18.97 42.44
C GLU B 453 12.03 17.88 41.62
N LEU B 454 12.47 18.23 40.40
CA LEU B 454 13.19 17.28 39.53
C LEU B 454 14.53 16.90 40.16
N GLU B 455 15.26 17.89 40.70
CA GLU B 455 16.54 17.61 41.35
C GLU B 455 16.41 16.69 42.56
N THR B 456 15.29 16.81 43.28
CA THR B 456 14.98 15.94 44.42
C THR B 456 14.84 14.49 43.99
N ILE B 457 14.19 14.28 42.84
CA ILE B 457 14.02 12.94 42.26
C ILE B 457 15.36 12.35 41.85
N LEU B 458 16.18 13.12 41.13
CA LEU B 458 17.47 12.59 40.67
C LEU B 458 18.52 12.37 41.77
N ALA B 459 18.30 12.97 42.93
CA ALA B 459 19.23 12.87 44.07
C ALA B 459 18.89 11.69 44.98
N ASP B 460 17.68 11.15 44.85
CA ASP B 460 17.27 10.06 45.73
C ASP B 460 16.64 8.89 44.97
N GLU B 461 17.39 7.79 44.89
CA GLU B 461 16.96 6.56 44.21
C GLU B 461 15.64 6.03 44.73
N GLU B 462 15.37 6.25 46.02
CA GLU B 462 14.12 5.79 46.59
C GLU B 462 12.93 6.65 46.11
N VAL B 463 13.18 7.95 45.88
CA VAL B 463 12.12 8.85 45.41
C VAL B 463 11.81 8.51 43.95
N LEU B 464 12.85 8.20 43.17
CA LEU B 464 12.69 7.83 41.77
C LEU B 464 11.90 6.53 41.70
N LEU B 465 12.31 5.56 42.52
CA LEU B 465 11.63 4.26 42.56
C LEU B 465 10.16 4.41 42.95
N GLN B 466 9.87 5.26 43.94
CA GLN B 466 8.48 5.50 44.34
C GLN B 466 7.65 6.13 43.21
N LEU B 467 8.26 7.04 42.44
CA LEU B 467 7.59 7.65 41.31
C LEU B 467 7.21 6.57 40.26
N VAL B 468 8.09 5.58 40.04
CA VAL B 468 7.80 4.44 39.16
C VAL B 468 6.60 3.66 39.71
N ARG B 469 6.61 3.37 41.02
CA ARG B 469 5.49 2.64 41.63
C ARG B 469 4.16 3.38 41.46
N ASP B 470 4.18 4.69 41.67
CA ASP B 470 2.96 5.51 41.59
C ASP B 470 2.43 5.50 40.17
N GLU B 471 3.31 5.68 39.18
CA GLU B 471 2.88 5.67 37.78
C GLU B 471 2.35 4.29 37.36
N LEU B 472 3.00 3.22 37.77
CA LEU B 472 2.49 1.85 37.50
C LEU B 472 1.12 1.62 38.16
N THR B 473 0.98 2.08 39.39
CA THR B 473 -0.28 1.99 40.13
C THR B 473 -1.42 2.69 39.41
N GLU B 474 -1.15 3.89 38.89
N GLU B 474 -1.16 3.90 38.91
CA GLU B 474 -2.16 4.68 38.15
CA GLU B 474 -2.15 4.67 38.16
C GLU B 474 -2.59 3.93 36.88
C GLU B 474 -2.59 3.93 36.88
N ILE B 475 -1.63 3.30 36.21
CA ILE B 475 -1.92 2.51 34.99
C ILE B 475 -2.75 1.29 35.37
N ARG B 476 -2.39 0.65 36.48
CA ARG B 476 -3.13 -0.51 36.96
C ARG B 476 -4.60 -0.13 37.26
N ASP B 477 -4.79 0.99 37.96
CA ASP B 477 -6.16 1.44 38.28
C ASP B 477 -6.97 1.82 37.02
N ARG B 478 -6.30 2.36 36.01
CA ARG B 478 -7.02 2.74 34.80
C ARG B 478 -7.23 1.59 33.80
N PHE B 479 -6.25 0.70 33.64
CA PHE B 479 -6.34 -0.38 32.63
C PHE B 479 -6.47 -1.80 33.15
N GLY B 480 -6.17 -2.01 34.43
CA GLY B 480 -6.25 -3.33 35.04
C GLY B 480 -7.66 -3.86 34.97
N ASP B 481 -7.82 -5.15 34.66
CA ASP B 481 -9.14 -5.71 34.52
C ASP B 481 -9.21 -7.08 35.21
N ASP B 482 -10.38 -7.72 35.16
CA ASP B 482 -10.56 -9.01 35.84
C ASP B 482 -9.86 -10.14 35.10
N ARG B 483 -9.52 -11.16 35.86
CA ARG B 483 -8.96 -12.38 35.32
C ARG B 483 -10.05 -13.05 34.49
N ARG B 484 -9.68 -13.57 33.32
CA ARG B 484 -10.64 -14.26 32.45
C ARG B 484 -10.46 -15.78 32.54
N THR B 485 -9.21 -16.24 32.53
CA THR B 485 -8.93 -17.67 32.56
C THR B 485 -9.00 -18.21 33.99
N GLU B 486 -9.78 -19.26 34.21
CA GLU B 486 -9.87 -19.85 35.55
C GLU B 486 -8.86 -20.95 35.71
N ILE B 487 -8.03 -20.87 36.75
CA ILE B 487 -7.06 -21.93 37.06
C ILE B 487 -7.69 -22.89 38.06
N GLN B 488 -7.95 -24.13 37.66
CA GLN B 488 -8.56 -25.12 38.55
C GLN B 488 -7.54 -26.08 39.10
N LEU B 489 -7.61 -26.31 40.41
CA LEU B 489 -6.69 -27.22 41.10
C LEU B 489 -7.41 -28.53 41.32
N GLY B 490 -7.02 -29.59 40.60
CA GLY B 490 -5.93 -29.56 39.64
C GLY B 490 -5.67 -30.96 39.14
N LYS C 9 -17.92 -22.54 -0.47
CA LYS C 9 -17.86 -21.11 -0.05
C LYS C 9 -19.06 -20.71 0.79
N LEU C 10 -20.14 -21.46 0.65
CA LEU C 10 -21.39 -21.24 1.38
C LEU C 10 -21.25 -21.48 2.89
N ALA C 11 -21.76 -20.56 3.70
CA ALA C 11 -21.80 -20.73 5.15
C ALA C 11 -23.29 -20.81 5.42
N ASP C 12 -23.78 -22.04 5.54
CA ASP C 12 -25.21 -22.28 5.64
C ASP C 12 -25.76 -21.96 7.02
N CYS C 13 -27.08 -21.94 7.14
CA CYS C 13 -27.76 -21.72 8.42
C CYS C 13 -28.06 -23.10 9.06
N SER C 14 -28.43 -23.10 10.34
CA SER C 14 -28.73 -24.33 11.12
C SER C 14 -30.03 -25.00 10.69
N SER C 15 -31.09 -24.21 10.66
CA SER C 15 -32.40 -24.65 10.24
C SER C 15 -32.37 -25.22 8.82
N LYS C 16 -33.21 -26.22 8.57
CA LYS C 16 -33.32 -26.81 7.23
C LYS C 16 -34.75 -26.65 6.71
N SER C 17 -35.45 -25.63 7.24
CA SER C 17 -36.81 -25.31 6.86
C SER C 17 -36.79 -24.03 6.04
N PRO C 18 -36.84 -24.16 4.69
CA PRO C 18 -36.76 -23.08 3.72
C PRO C 18 -37.65 -21.87 3.99
N GLU C 19 -38.84 -22.10 4.55
N GLU C 19 -38.84 -22.08 4.55
CA GLU C 19 -39.79 -21.03 4.87
CA GLU C 19 -39.77 -20.98 4.84
C GLU C 19 -39.19 -19.93 5.73
C GLU C 19 -39.17 -19.90 5.73
N GLU C 20 -38.33 -20.31 6.67
CA GLU C 20 -37.69 -19.37 7.60
C GLU C 20 -36.23 -18.99 7.26
N CYS C 21 -35.64 -19.68 6.29
CA CYS C 21 -34.25 -19.45 5.92
C CYS C 21 -34.03 -18.37 4.87
N GLU C 22 -32.90 -17.67 5.00
CA GLU C 22 -32.51 -16.58 4.10
C GLU C 22 -31.05 -16.77 3.70
N ILE C 23 -30.74 -16.56 2.42
CA ILE C 23 -29.35 -16.62 1.94
C ILE C 23 -28.94 -15.21 1.46
N PHE C 24 -27.87 -14.67 2.03
CA PHE C 24 -27.37 -13.36 1.63
C PHE C 24 -26.25 -13.52 0.62
N LEU C 25 -26.39 -12.89 -0.54
CA LEU C 25 -25.35 -12.93 -1.57
C LEU C 25 -24.51 -11.65 -1.42
N VAL C 26 -23.26 -11.81 -0.99
N VAL C 26 -23.24 -11.84 -1.05
CA VAL C 26 -22.43 -10.63 -0.70
CA VAL C 26 -22.29 -10.72 -0.90
C VAL C 26 -21.25 -10.43 -1.65
C VAL C 26 -21.15 -10.83 -1.91
N GLU C 27 -20.75 -9.20 -1.73
N GLU C 27 -20.49 -9.71 -2.15
CA GLU C 27 -19.59 -8.87 -2.56
CA GLU C 27 -19.40 -9.63 -3.15
C GLU C 27 -18.26 -9.19 -1.90
C GLU C 27 -18.19 -10.55 -3.02
N GLY C 28 -17.60 -10.25 -2.37
N GLY C 28 -17.78 -10.87 -1.81
CA GLY C 28 -16.27 -10.65 -1.87
CA GLY C 28 -16.61 -11.72 -1.61
C GLY C 28 -16.20 -11.15 -0.44
C GLY C 28 -16.34 -11.91 -0.14
N ASP C 29 -15.09 -11.82 -0.12
N ASP C 29 -15.12 -12.28 0.20
CA ASP C 29 -14.83 -12.37 1.22
CA ASP C 29 -14.80 -12.51 1.62
C ASP C 29 -14.70 -11.29 2.29
C ASP C 29 -14.54 -11.27 2.46
N SER C 30 -14.23 -10.12 1.86
CA SER C 30 -14.06 -8.93 2.70
C SER C 30 -15.41 -8.61 3.37
N ALA C 31 -16.48 -8.72 2.60
CA ALA C 31 -17.83 -8.49 3.10
C ALA C 31 -18.34 -9.76 3.77
N GLY C 32 -17.92 -10.92 3.26
CA GLY C 32 -18.32 -12.22 3.80
C GLY C 32 -18.04 -12.38 5.29
N GLY C 33 -16.83 -12.00 5.72
CA GLY C 33 -16.41 -12.10 7.13
C GLY C 33 -17.28 -11.29 8.10
N SER C 34 -17.49 -10.00 7.79
CA SER C 34 -18.36 -9.14 8.60
C SER C 34 -19.78 -9.74 8.69
N THR C 35 -20.28 -10.18 7.53
N THR C 35 -20.30 -10.18 7.54
CA THR C 35 -21.60 -10.77 7.38
CA THR C 35 -21.65 -10.76 7.45
C THR C 35 -21.78 -12.07 8.17
C THR C 35 -21.78 -12.08 8.21
N LYS C 36 -20.79 -12.95 8.11
CA LYS C 36 -20.83 -14.25 8.81
C LYS C 36 -20.82 -14.07 10.32
N SER C 37 -20.11 -13.05 10.80
CA SER C 37 -20.04 -12.78 12.24
C SER C 37 -21.32 -12.13 12.73
N GLY C 38 -21.86 -11.22 11.93
CA GLY C 38 -23.05 -10.48 12.34
C GLY C 38 -24.39 -11.17 12.19
N ARG C 39 -24.46 -12.21 11.36
CA ARG C 39 -25.74 -12.88 11.06
C ARG C 39 -26.34 -13.68 12.22
N ASP C 40 -27.58 -14.10 12.02
CA ASP C 40 -28.22 -15.05 12.91
C ASP C 40 -28.02 -16.37 12.15
N SER C 41 -27.02 -17.15 12.54
CA SER C 41 -26.68 -18.39 11.82
C SER C 41 -27.75 -19.47 11.88
N ARG C 42 -28.76 -19.30 12.73
CA ARG C 42 -29.83 -20.29 12.77
C ARG C 42 -30.64 -20.23 11.47
N THR C 43 -30.88 -19.02 10.98
CA THR C 43 -31.73 -18.82 9.79
C THR C 43 -31.09 -18.08 8.60
N GLN C 44 -29.88 -17.59 8.77
CA GLN C 44 -29.24 -16.80 7.71
C GLN C 44 -27.98 -17.47 7.17
N ALA C 45 -27.98 -17.72 5.86
CA ALA C 45 -26.84 -18.31 5.16
C ALA C 45 -26.09 -17.19 4.39
N ILE C 46 -24.80 -17.37 4.17
CA ILE C 46 -24.02 -16.37 3.44
C ILE C 46 -23.28 -17.05 2.30
N LEU C 47 -23.43 -16.50 1.10
CA LEU C 47 -22.65 -16.97 -0.04
C LEU C 47 -21.87 -15.75 -0.58
N PRO C 48 -20.55 -15.71 -0.32
CA PRO C 48 -19.70 -14.65 -0.85
C PRO C 48 -19.38 -14.96 -2.30
N LEU C 49 -19.65 -13.97 -3.17
N LEU C 49 -19.54 -13.98 -3.18
CA LEU C 49 -19.39 -14.11 -4.60
CA LEU C 49 -19.21 -14.16 -4.59
C LEU C 49 -18.17 -13.29 -5.01
C LEU C 49 -17.72 -13.86 -4.82
N ARG C 50 -17.32 -13.89 -5.85
N ARG C 50 -17.31 -13.54 -6.05
CA ARG C 50 -16.10 -13.24 -6.33
CA ARG C 50 -15.92 -13.13 -6.28
C ARG C 50 -16.37 -12.24 -7.47
C ARG C 50 -15.84 -12.13 -7.43
N GLY C 51 -16.34 -10.95 -7.15
CA GLY C 51 -16.41 -9.88 -8.14
C GLY C 51 -17.58 -9.79 -9.07
N LYS C 52 -17.36 -9.17 -10.22
CA LYS C 52 -18.40 -8.99 -11.22
C LYS C 52 -18.80 -10.39 -11.65
N ILE C 53 -20.09 -10.71 -11.63
CA ILE C 53 -20.47 -12.04 -12.10
C ILE C 53 -20.72 -12.02 -13.61
N LEU C 54 -20.65 -13.18 -14.23
CA LEU C 54 -20.88 -13.35 -15.66
C LEU C 54 -22.18 -12.70 -16.11
N ASN C 55 -22.15 -11.99 -17.23
CA ASN C 55 -23.36 -11.42 -17.82
C ASN C 55 -23.98 -12.55 -18.66
N VAL C 56 -25.02 -13.21 -18.14
CA VAL C 56 -25.62 -14.36 -18.84
C VAL C 56 -26.35 -13.98 -20.14
N GLU C 57 -26.70 -12.70 -20.29
CA GLU C 57 -27.38 -12.19 -21.48
C GLU C 57 -26.42 -12.20 -22.69
N LYS C 58 -25.11 -12.10 -22.43
CA LYS C 58 -24.09 -12.08 -23.49
C LYS C 58 -23.31 -13.38 -23.64
N ALA C 59 -23.34 -14.22 -22.63
CA ALA C 59 -22.55 -15.45 -22.61
C ALA C 59 -23.26 -16.64 -23.25
N ARG C 60 -22.47 -17.60 -23.71
N ARG C 60 -22.49 -17.59 -23.76
CA ARG C 60 -22.98 -18.85 -24.28
CA ARG C 60 -23.09 -18.82 -24.29
C ARG C 60 -23.38 -19.80 -23.14
C ARG C 60 -23.43 -19.74 -23.14
N LEU C 61 -24.46 -20.56 -23.34
CA LEU C 61 -24.96 -21.48 -22.30
C LEU C 61 -23.88 -22.37 -21.69
N ASP C 62 -22.97 -22.89 -22.52
N ASP C 62 -22.98 -22.88 -22.51
CA ASP C 62 -21.90 -23.77 -22.04
CA ASP C 62 -21.91 -23.77 -22.06
C ASP C 62 -20.96 -23.06 -21.05
C ASP C 62 -20.99 -23.05 -21.05
N ARG C 63 -20.71 -21.79 -21.31
CA ARG C 63 -19.86 -20.97 -20.45
C ARG C 63 -20.59 -20.64 -19.14
N ILE C 64 -21.89 -20.36 -19.24
CA ILE C 64 -22.75 -20.05 -18.11
C ILE C 64 -22.77 -21.20 -17.10
N LEU C 65 -23.08 -22.41 -17.57
CA LEU C 65 -23.17 -23.60 -16.72
C LEU C 65 -21.84 -24.06 -16.16
N ASN C 66 -20.74 -23.55 -16.75
CA ASN C 66 -19.40 -23.94 -16.34
C ASN C 66 -18.75 -22.93 -15.37
N ASN C 67 -19.36 -21.76 -15.24
CA ASN C 67 -18.87 -20.71 -14.35
C ASN C 67 -19.05 -21.06 -12.86
N ASN C 68 -17.95 -20.97 -12.12
N ASN C 68 -17.95 -20.99 -12.12
CA ASN C 68 -17.90 -21.35 -10.71
CA ASN C 68 -17.91 -21.35 -10.70
C ASN C 68 -18.93 -20.64 -9.83
C ASN C 68 -18.95 -20.64 -9.83
N GLU C 69 -19.05 -19.32 -9.98
CA GLU C 69 -20.02 -18.51 -9.20
C GLU C 69 -21.47 -18.85 -9.52
N ILE C 70 -21.77 -19.09 -10.80
CA ILE C 70 -23.12 -19.49 -11.24
C ILE C 70 -23.47 -20.86 -10.61
N ARG C 71 -22.54 -21.81 -10.69
N ARG C 71 -22.55 -21.82 -10.69
CA ARG C 71 -22.72 -23.17 -10.14
CA ARG C 71 -22.75 -23.17 -10.14
C ARG C 71 -23.00 -23.14 -8.64
C ARG C 71 -22.97 -23.17 -8.64
N GLN C 72 -22.25 -22.31 -7.92
CA GLN C 72 -22.40 -22.21 -6.46
C GLN C 72 -23.77 -21.67 -6.08
N MET C 73 -24.30 -20.74 -6.86
CA MET C 73 -25.63 -20.21 -6.59
C MET C 73 -26.72 -21.24 -6.87
N ILE C 74 -26.58 -22.00 -7.95
CA ILE C 74 -27.57 -23.02 -8.32
C ILE C 74 -27.60 -24.11 -7.23
N THR C 75 -26.43 -24.60 -6.85
CA THR C 75 -26.28 -25.60 -5.80
C THR C 75 -26.85 -25.10 -4.48
N ALA C 76 -26.57 -23.85 -4.14
CA ALA C 76 -27.08 -23.23 -2.91
C ALA C 76 -28.61 -23.13 -2.92
N PHE C 77 -29.19 -22.69 -4.03
CA PHE C 77 -30.65 -22.53 -4.10
C PHE C 77 -31.38 -23.88 -4.15
N GLY C 78 -30.74 -24.87 -4.76
CA GLY C 78 -31.26 -26.25 -4.86
C GLY C 78 -32.47 -26.46 -5.76
N THR C 79 -32.83 -25.43 -6.54
CA THR C 79 -34.00 -25.47 -7.39
C THR C 79 -33.76 -25.91 -8.83
N GLY C 80 -32.49 -26.00 -9.24
CA GLY C 80 -32.16 -26.30 -10.63
C GLY C 80 -32.45 -25.06 -11.50
N ILE C 81 -32.24 -25.16 -12.81
CA ILE C 81 -32.47 -24.01 -13.70
C ILE C 81 -33.28 -24.27 -14.97
N GLY C 82 -33.76 -23.17 -15.58
CA GLY C 82 -34.53 -23.18 -16.81
C GLY C 82 -35.80 -24.01 -16.75
N GLY C 83 -35.83 -25.07 -17.55
CA GLY C 83 -36.95 -25.98 -17.60
C GLY C 83 -36.99 -27.00 -16.47
N ASP C 84 -35.87 -27.15 -15.75
CA ASP C 84 -35.81 -28.08 -14.62
C ASP C 84 -36.04 -27.36 -13.29
N PHE C 85 -36.34 -26.06 -13.37
CA PHE C 85 -36.57 -25.26 -12.18
C PHE C 85 -37.77 -25.74 -11.38
N ASP C 86 -37.50 -26.20 -10.16
CA ASP C 86 -38.53 -26.68 -9.27
C ASP C 86 -38.60 -25.77 -8.02
N LEU C 87 -39.51 -24.82 -8.06
CA LEU C 87 -39.70 -23.86 -6.97
C LEU C 87 -39.89 -24.52 -5.60
N ALA C 88 -40.47 -25.72 -5.59
CA ALA C 88 -40.70 -26.48 -4.36
C ALA C 88 -39.40 -26.94 -3.69
N LYS C 89 -38.33 -27.09 -4.47
CA LYS C 89 -37.03 -27.51 -3.91
C LYS C 89 -36.12 -26.37 -3.41
N ALA C 90 -36.63 -25.13 -3.45
CA ALA C 90 -35.89 -23.94 -2.97
C ALA C 90 -35.45 -24.14 -1.53
N ARG C 91 -34.17 -23.93 -1.24
CA ARG C 91 -33.69 -24.13 0.12
C ARG C 91 -33.87 -22.88 1.00
N TYR C 92 -34.28 -21.77 0.40
CA TYR C 92 -34.47 -20.52 1.12
C TYR C 92 -35.67 -19.84 0.48
N HIS C 93 -36.43 -19.12 1.29
CA HIS C 93 -37.58 -18.37 0.79
C HIS C 93 -37.25 -16.90 0.64
N LYS C 94 -36.02 -16.54 1.04
CA LYS C 94 -35.49 -15.19 0.84
C LYS C 94 -34.06 -15.31 0.32
N ILE C 95 -33.86 -14.87 -0.93
CA ILE C 95 -32.54 -14.81 -1.59
C ILE C 95 -32.27 -13.30 -1.58
N VAL C 96 -31.30 -12.88 -0.77
CA VAL C 96 -31.05 -11.46 -0.56
C VAL C 96 -29.76 -11.00 -1.24
N ILE C 97 -29.90 -10.07 -2.19
CA ILE C 97 -28.74 -9.49 -2.89
C ILE C 97 -28.21 -8.36 -1.98
N MET C 98 -27.00 -8.54 -1.50
CA MET C 98 -26.40 -7.56 -0.62
C MET C 98 -25.05 -7.16 -1.20
N THR C 99 -25.06 -6.20 -2.10
N THR C 99 -25.09 -6.22 -2.13
CA THR C 99 -23.80 -5.74 -2.67
CA THR C 99 -23.88 -5.75 -2.78
C THR C 99 -23.42 -4.42 -2.00
C THR C 99 -23.33 -4.59 -2.00
N ASP C 100 -22.14 -4.07 -2.06
N ASP C 100 -22.13 -4.19 -2.39
CA ASP C 100 -21.63 -2.83 -1.47
CA ASP C 100 -21.47 -3.05 -1.82
C ASP C 100 -22.43 -1.66 -2.08
C ASP C 100 -22.36 -1.86 -2.12
N ALA C 101 -22.78 -0.66 -1.26
N ALA C 101 -22.29 -0.81 -1.32
CA ALA C 101 -23.61 0.47 -1.70
CA ALA C 101 -23.14 0.37 -1.53
C ALA C 101 -22.86 1.53 -2.52
C ALA C 101 -22.59 1.31 -2.60
N ASP C 102 -22.80 1.31 -3.82
N ASP C 102 -21.65 0.81 -3.41
CA ASP C 102 -22.12 2.25 -4.75
CA ASP C 102 -21.03 1.63 -4.47
C ASP C 102 -22.41 1.82 -6.19
C ASP C 102 -21.60 1.33 -5.89
N VAL C 103 -21.69 2.38 -7.17
N VAL C 103 -21.30 2.20 -6.87
CA VAL C 103 -21.95 2.05 -8.58
CA VAL C 103 -21.84 2.04 -8.23
C VAL C 103 -21.54 0.63 -9.01
C VAL C 103 -21.59 0.65 -8.82
N ASP C 104 -20.44 0.08 -8.48
CA ASP C 104 -20.08 -1.29 -8.89
C ASP C 104 -20.97 -2.34 -8.23
N GLY C 105 -21.43 -2.03 -6.99
CA GLY C 105 -22.41 -2.86 -6.29
C GLY C 105 -23.72 -2.84 -7.09
N ALA C 106 -24.12 -1.65 -7.56
CA ALA C 106 -25.30 -1.51 -8.44
C ALA C 106 -25.11 -2.38 -9.68
N HIS C 107 -23.93 -2.28 -10.32
CA HIS C 107 -23.67 -3.11 -11.52
C HIS C 107 -23.83 -4.61 -11.20
N ILE C 108 -23.20 -5.07 -10.10
CA ILE C 108 -23.30 -6.50 -9.74
C ILE C 108 -24.77 -6.92 -9.50
N ARG C 109 -25.56 -5.99 -8.96
CA ARG C 109 -26.98 -6.26 -8.74
C ARG C 109 -27.70 -6.50 -10.09
N THR C 110 -27.39 -5.71 -11.12
CA THR C 110 -28.03 -5.89 -12.44
C THR C 110 -27.62 -7.23 -13.05
N LEU C 111 -26.38 -7.63 -12.80
CA LEU C 111 -25.85 -8.90 -13.33
C LEU C 111 -26.53 -10.09 -12.66
N LEU C 112 -26.75 -9.99 -11.34
CA LEU C 112 -27.43 -11.03 -10.58
C LEU C 112 -28.90 -11.14 -11.03
N LEU C 113 -29.56 -9.99 -11.19
CA LEU C 113 -30.95 -9.96 -11.60
C LEU C 113 -31.12 -10.52 -13.00
N THR C 114 -30.11 -10.29 -13.84
CA THR C 114 -30.12 -10.82 -15.21
C THR C 114 -30.09 -12.34 -15.17
N PHE C 115 -29.24 -12.89 -14.31
CA PHE C 115 -29.14 -14.32 -14.17
C PHE C 115 -30.45 -14.92 -13.62
N PHE C 116 -30.98 -14.33 -12.56
CA PHE C 116 -32.22 -14.82 -11.96
C PHE C 116 -33.40 -14.77 -12.95
N TYR C 117 -33.52 -13.65 -13.65
CA TYR C 117 -34.60 -13.46 -14.60
C TYR C 117 -34.58 -14.42 -15.78
N ARG C 118 -33.38 -14.74 -16.28
CA ARG C 118 -33.24 -15.64 -17.43
C ARG C 118 -33.17 -17.13 -17.07
N PHE C 119 -32.83 -17.45 -15.83
CA PHE C 119 -32.64 -18.85 -15.45
C PHE C 119 -33.45 -19.35 -14.28
N MET C 120 -34.01 -18.43 -13.51
CA MET C 120 -34.79 -18.78 -12.31
C MET C 120 -35.93 -17.79 -12.17
N ARG C 121 -36.56 -17.46 -13.29
CA ARG C 121 -37.65 -16.50 -13.30
C ARG C 121 -38.78 -16.76 -12.27
N PRO C 122 -39.19 -18.04 -12.07
CA PRO C 122 -40.28 -18.26 -11.07
C PRO C 122 -39.87 -17.85 -9.64
N LEU C 123 -38.57 -17.93 -9.35
CA LEU C 123 -38.02 -17.51 -8.06
C LEU C 123 -38.38 -16.04 -7.82
N ILE C 124 -38.29 -15.23 -8.86
CA ILE C 124 -38.68 -13.82 -8.79
C ILE C 124 -40.21 -13.70 -8.69
N GLU C 125 -40.90 -14.45 -9.53
CA GLU C 125 -42.39 -14.45 -9.55
C GLU C 125 -42.97 -14.82 -8.17
N ALA C 126 -42.35 -15.82 -7.52
CA ALA C 126 -42.78 -16.25 -6.17
C ALA C 126 -42.45 -15.24 -5.06
N GLY C 127 -41.72 -14.16 -5.41
CA GLY C 127 -41.34 -13.13 -4.43
C GLY C 127 -40.19 -13.53 -3.50
N TYR C 128 -39.38 -14.49 -3.94
CA TYR C 128 -38.24 -14.97 -3.16
C TYR C 128 -36.96 -14.11 -3.29
N VAL C 129 -36.93 -13.15 -4.22
CA VAL C 129 -35.71 -12.33 -4.42
C VAL C 129 -35.84 -10.93 -3.82
N TYR C 130 -34.88 -10.59 -2.96
CA TYR C 130 -34.88 -9.31 -2.26
C TYR C 130 -33.57 -8.56 -2.46
N ILE C 131 -33.59 -7.27 -2.22
CA ILE C 131 -32.42 -6.42 -2.31
C ILE C 131 -32.21 -5.80 -0.93
N ALA C 132 -31.04 -6.02 -0.36
CA ALA C 132 -30.70 -5.44 0.94
C ALA C 132 -30.32 -4.00 0.72
N GLN C 133 -30.42 -3.22 1.80
CA GLN C 133 -30.09 -1.81 1.72
C GLN C 133 -29.05 -1.39 2.76
N PRO C 134 -27.78 -1.79 2.57
CA PRO C 134 -26.74 -1.39 3.51
C PRO C 134 -26.55 0.13 3.44
N PRO C 135 -26.08 0.75 4.54
CA PRO C 135 -25.92 2.22 4.58
C PRO C 135 -24.95 2.71 3.52
N THR C 136 -25.20 3.91 3.01
CA THR C 136 -24.42 4.57 1.94
C THR C 136 -22.99 5.04 2.27
N GLY C 137 -22.70 5.25 3.55
CA GLY C 137 -21.37 5.77 3.94
C GLY C 137 -20.13 4.87 3.88
N TYR C 138 -20.21 3.69 3.25
CA TYR C 138 -19.05 2.79 3.21
C TYR C 138 -18.81 2.18 1.84
N LYS C 139 -17.71 2.47 1.15
N LYS C 139 -17.48 2.03 1.64
CA LYS C 139 -17.64 1.93 -0.24
CA LYS C 139 -16.73 1.40 0.53
C LYS C 139 -17.13 0.47 -0.22
C LYS C 139 -17.19 -0.02 0.21
N GLY C 140 -17.90 -0.37 0.53
N GLY C 140 -17.36 -0.82 1.27
CA GLY C 140 -17.54 -1.76 0.71
CA GLY C 140 -17.79 -2.19 1.14
C GLY C 140 -18.13 -2.23 2.03
C GLY C 140 -18.26 -2.62 2.50
N LEU C 141 -18.61 -3.47 2.06
N LEU C 141 -18.96 -3.75 2.58
CA LEU C 141 -19.20 -4.00 3.27
CA LEU C 141 -19.43 -4.18 3.89
C LEU C 141 -18.14 -4.46 4.27
C LEU C 141 -18.20 -4.44 4.76
N GLY C 142 -16.88 -4.54 3.82
N GLY C 142 -17.08 -4.78 4.13
CA GLY C 142 -15.76 -4.96 4.67
CA GLY C 142 -15.82 -5.08 4.84
C GLY C 142 -15.24 -3.82 5.55
C GLY C 142 -15.29 -3.89 5.61
N GLU C 143 -15.78 -2.62 5.32
N GLU C 143 -15.85 -2.71 5.31
CA GLU C 143 -15.42 -1.44 6.09
CA GLU C 143 -15.48 -1.48 5.99
C GLU C 143 -16.31 -1.37 7.34
C GLU C 143 -16.35 -1.31 7.25
N MET C 144 -17.46 -2.04 7.29
CA MET C 144 -18.40 -2.01 8.42
C MET C 144 -18.09 -3.07 9.46
N ASN C 145 -18.34 -2.74 10.72
CA ASN C 145 -18.27 -3.71 11.79
C ASN C 145 -19.50 -4.66 11.70
N ALA C 146 -19.32 -5.88 12.18
CA ALA C 146 -20.36 -6.91 12.14
C ALA C 146 -21.69 -6.49 12.79
N ASP C 147 -21.62 -5.81 13.93
CA ASP C 147 -22.84 -5.35 14.63
C ASP C 147 -23.61 -4.30 13.82
N GLN C 148 -22.89 -3.39 13.17
CA GLN C 148 -23.54 -2.37 12.35
C GLN C 148 -24.17 -2.96 11.09
N LEU C 149 -23.53 -3.97 10.52
CA LEU C 149 -24.11 -4.66 9.38
C LEU C 149 -25.37 -5.40 9.83
N TRP C 150 -25.29 -6.10 10.96
CA TRP C 150 -26.48 -6.78 11.52
C TRP C 150 -27.63 -5.81 11.73
N GLU C 151 -27.38 -4.76 12.52
CA GLU C 151 -28.41 -3.78 12.89
C GLU C 151 -29.06 -3.03 11.73
N THR C 152 -28.23 -2.55 10.81
CA THR C 152 -28.73 -1.75 9.69
C THR C 152 -29.27 -2.53 8.52
N THR C 153 -28.78 -3.76 8.32
CA THR C 153 -29.10 -4.47 7.09
C THR C 153 -29.63 -5.90 7.19
N MET C 154 -29.25 -6.65 8.23
CA MET C 154 -29.65 -8.05 8.30
C MET C 154 -30.70 -8.43 9.36
N ASN C 155 -30.84 -7.60 10.39
CA ASN C 155 -31.76 -7.85 11.50
C ASN C 155 -33.21 -7.61 11.07
N PRO C 156 -34.04 -8.67 11.06
CA PRO C 156 -35.45 -8.52 10.66
C PRO C 156 -36.22 -7.40 11.38
N GLU C 157 -35.80 -7.05 12.59
CA GLU C 157 -36.47 -5.99 13.37
C GLU C 157 -36.27 -4.58 12.83
N HIS C 158 -35.09 -4.32 12.26
CA HIS C 158 -34.77 -2.98 11.78
C HIS C 158 -34.48 -2.83 10.29
N ARG C 159 -34.11 -3.92 9.62
CA ARG C 159 -33.75 -3.85 8.19
C ARG C 159 -34.89 -3.38 7.28
N ALA C 160 -34.52 -2.89 6.10
CA ALA C 160 -35.48 -2.47 5.09
C ALA C 160 -35.14 -3.18 3.79
N LEU C 161 -35.68 -4.38 3.61
CA LEU C 161 -35.43 -5.14 2.39
C LEU C 161 -36.44 -4.77 1.32
N LEU C 162 -35.98 -4.78 0.07
CA LEU C 162 -36.83 -4.49 -1.09
C LEU C 162 -37.18 -5.80 -1.74
N GLN C 163 -38.46 -6.09 -1.88
CA GLN C 163 -38.87 -7.31 -2.53
C GLN C 163 -38.97 -7.05 -4.02
N VAL C 164 -38.26 -7.87 -4.79
CA VAL C 164 -38.26 -7.71 -6.25
C VAL C 164 -39.59 -8.21 -6.85
N LYS C 165 -40.30 -7.30 -7.53
CA LYS C 165 -41.58 -7.63 -8.15
C LYS C 165 -41.53 -7.53 -9.68
N LEU C 166 -42.10 -8.53 -10.34
CA LEU C 166 -42.20 -8.56 -11.80
C LEU C 166 -43.62 -8.16 -12.18
N GLU C 167 -43.76 -6.99 -12.81
CA GLU C 167 -45.08 -6.44 -13.18
C GLU C 167 -45.49 -6.62 -14.64
N ASP C 168 -44.52 -6.72 -15.54
CA ASP C 168 -44.78 -6.81 -16.97
C ASP C 168 -43.65 -7.59 -17.64
N ALA C 169 -43.87 -8.88 -17.86
CA ALA C 169 -42.89 -9.77 -18.45
C ALA C 169 -42.36 -9.37 -19.84
N ILE C 170 -43.15 -8.63 -20.61
CA ILE C 170 -42.76 -8.15 -21.94
C ILE C 170 -41.81 -6.96 -21.85
N GLU C 171 -42.17 -6.00 -21.00
CA GLU C 171 -41.35 -4.80 -20.75
C GLU C 171 -40.04 -5.23 -20.09
N ALA C 172 -40.11 -6.21 -19.17
CA ALA C 172 -38.93 -6.76 -18.50
C ALA C 172 -38.00 -7.42 -19.53
N ASP C 173 -38.57 -8.26 -20.40
CA ASP C 173 -37.81 -8.92 -21.45
C ASP C 173 -37.02 -7.91 -22.30
N GLN C 174 -37.65 -6.81 -22.66
CA GLN C 174 -37.04 -5.77 -23.49
C GLN C 174 -35.92 -5.03 -22.74
N THR C 175 -36.16 -4.79 -21.45
CA THR C 175 -35.22 -4.13 -20.54
C THR C 175 -33.92 -4.93 -20.37
N PHE C 176 -34.03 -6.25 -20.11
CA PHE C 176 -32.85 -7.09 -19.97
C PHE C 176 -32.07 -7.18 -21.29
N GLU C 177 -32.78 -7.26 -22.42
CA GLU C 177 -32.11 -7.31 -23.71
C GLU C 177 -31.40 -6.00 -24.01
N MET C 178 -32.09 -4.89 -23.80
CA MET C 178 -31.55 -3.56 -24.05
C MET C 178 -30.31 -3.24 -23.18
N LEU C 179 -30.46 -3.37 -21.86
CA LEU C 179 -29.39 -3.02 -20.93
C LEU C 179 -28.23 -4.01 -20.92
N MET C 180 -28.55 -5.30 -20.99
CA MET C 180 -27.55 -6.35 -20.81
C MET C 180 -27.11 -7.10 -22.05
N GLY C 181 -27.79 -6.86 -23.17
CA GLY C 181 -27.52 -7.58 -24.42
C GLY C 181 -26.32 -7.10 -25.20
N ASP C 182 -26.03 -7.80 -26.30
N ASP C 182 -26.06 -7.81 -26.30
CA ASP C 182 -24.85 -7.49 -27.12
CA ASP C 182 -24.91 -7.55 -27.18
C ASP C 182 -24.92 -6.28 -28.05
C ASP C 182 -24.92 -6.24 -27.97
N VAL C 183 -26.10 -5.69 -28.22
CA VAL C 183 -26.23 -4.51 -29.05
C VAL C 183 -25.91 -3.23 -28.29
N VAL C 184 -24.72 -2.70 -28.54
CA VAL C 184 -24.25 -1.51 -27.83
C VAL C 184 -25.13 -0.28 -28.06
N GLU C 185 -25.51 -0.05 -29.32
CA GLU C 185 -26.26 1.17 -29.68
C GLU C 185 -27.55 1.47 -28.87
N ASN C 186 -28.31 0.43 -28.53
CA ASN C 186 -29.56 0.61 -27.76
C ASN C 186 -29.26 1.03 -26.34
N ARG C 187 -28.15 0.49 -25.84
CA ARG C 187 -27.65 0.85 -24.53
C ARG C 187 -27.16 2.32 -24.60
N ARG C 188 -26.44 2.69 -25.65
CA ARG C 188 -25.97 4.09 -25.80
C ARG C 188 -27.15 5.06 -25.92
N GLN C 189 -28.22 4.63 -26.61
CA GLN C 189 -29.40 5.49 -26.79
C GLN C 189 -30.14 5.64 -25.46
N PHE C 190 -30.34 4.53 -24.75
CA PHE C 190 -30.95 4.56 -23.42
C PHE C 190 -30.19 5.53 -22.51
N ILE C 191 -28.86 5.43 -22.52
CA ILE C 191 -28.03 6.34 -21.70
C ILE C 191 -28.24 7.81 -22.09
N GLU C 192 -28.17 8.10 -23.38
CA GLU C 192 -28.36 9.47 -23.88
C GLU C 192 -29.78 10.01 -23.52
N ASP C 193 -30.81 9.19 -23.71
CA ASP C 193 -32.17 9.58 -23.39
C ASP C 193 -32.45 9.78 -21.89
N ASN C 194 -31.71 9.09 -21.02
CA ASN C 194 -32.02 9.15 -19.58
C ASN C 194 -31.00 9.80 -18.66
N ALA C 195 -29.81 10.08 -19.18
CA ALA C 195 -28.74 10.68 -18.39
C ALA C 195 -29.07 12.10 -17.94
N VAL C 196 -28.91 12.35 -16.65
CA VAL C 196 -29.09 13.66 -16.06
C VAL C 196 -27.70 14.08 -15.53
N TYR C 197 -26.93 14.75 -16.39
CA TYR C 197 -25.58 15.19 -16.04
C TYR C 197 -25.60 16.42 -15.14
N ASN D 9 -41.59 -0.97 0.37
CA ASN D 9 -40.49 -1.98 0.39
C ASN D 9 -40.64 -3.10 -0.63
N GLU D 10 -41.09 -2.70 -1.81
CA GLU D 10 -41.28 -3.58 -2.92
C GLU D 10 -40.66 -2.85 -4.10
N ARG D 11 -39.90 -3.57 -4.92
CA ARG D 11 -39.18 -2.92 -6.00
C ARG D 11 -39.48 -3.58 -7.34
N ASN D 12 -39.99 -2.79 -8.27
CA ASN D 12 -40.27 -3.28 -9.61
C ASN D 12 -38.93 -3.65 -10.30
N ILE D 13 -38.81 -4.87 -10.80
CA ILE D 13 -37.57 -5.34 -11.43
C ILE D 13 -37.08 -4.47 -12.61
N THR D 14 -38.03 -3.92 -13.38
CA THR D 14 -37.71 -3.08 -14.54
C THR D 14 -37.14 -1.74 -14.12
N SER D 15 -37.73 -1.14 -13.09
CA SER D 15 -37.26 0.14 -12.57
C SER D 15 -35.90 0.00 -11.92
N GLU D 16 -35.70 -1.11 -11.22
CA GLU D 16 -34.45 -1.41 -10.54
C GLU D 16 -33.31 -1.56 -11.55
N MET D 17 -33.59 -2.27 -12.65
CA MET D 17 -32.61 -2.51 -13.70
C MET D 17 -32.21 -1.23 -14.39
N ARG D 18 -33.21 -0.42 -14.75
CA ARG D 18 -32.98 0.85 -15.42
C ARG D 18 -32.20 1.82 -14.56
N GLU D 19 -32.62 2.00 -13.30
CA GLU D 19 -31.92 2.96 -12.41
C GLU D 19 -30.53 2.47 -11.97
N SER D 20 -30.40 1.19 -11.60
CA SER D 20 -29.08 0.66 -11.21
C SER D 20 -28.11 0.68 -12.40
N PHE D 21 -28.57 0.25 -13.57
CA PHE D 21 -27.70 0.23 -14.73
C PHE D 21 -27.28 1.62 -15.19
N LEU D 22 -28.22 2.57 -15.19
CA LEU D 22 -27.91 3.95 -15.52
C LEU D 22 -26.91 4.54 -14.51
N ASP D 23 -27.09 4.25 -13.23
N ASP D 23 -27.10 4.28 -13.22
CA ASP D 23 -26.22 4.74 -12.17
CA ASP D 23 -26.18 4.80 -12.21
C ASP D 23 -24.78 4.31 -12.48
C ASP D 23 -24.75 4.31 -12.49
N TYR D 24 -24.60 3.01 -12.76
CA TYR D 24 -23.31 2.47 -13.11
C TYR D 24 -22.75 3.09 -14.41
N ALA D 25 -23.55 3.04 -15.48
CA ALA D 25 -23.13 3.59 -16.78
C ALA D 25 -22.66 5.04 -16.71
N MET D 26 -23.46 5.88 -16.07
N MET D 26 -23.46 5.91 -16.09
CA MET D 26 -23.14 7.30 -15.93
CA MET D 26 -23.11 7.33 -15.97
C MET D 26 -21.84 7.59 -15.17
C MET D 26 -21.80 7.56 -15.20
N SER D 27 -21.61 6.80 -14.12
CA SER D 27 -20.42 6.92 -13.28
C SER D 27 -19.13 6.49 -14.03
N VAL D 28 -19.21 5.40 -14.79
CA VAL D 28 -18.08 4.91 -15.58
C VAL D 28 -17.74 5.91 -16.69
N ILE D 29 -18.79 6.51 -17.23
CA ILE D 29 -18.64 7.53 -18.28
C ILE D 29 -18.01 8.83 -17.76
N VAL D 30 -18.56 9.43 -16.69
CA VAL D 30 -18.07 10.73 -16.24
C VAL D 30 -17.00 10.69 -15.17
N ALA D 31 -16.79 9.53 -14.57
CA ALA D 31 -15.86 9.46 -13.46
C ALA D 31 -15.06 8.16 -13.42
N ARG D 32 -14.62 7.69 -14.58
CA ARG D 32 -13.77 6.49 -14.62
C ARG D 32 -13.00 6.27 -15.90
N ALA D 33 -13.72 5.99 -16.98
CA ALA D 33 -13.11 5.53 -18.21
C ALA D 33 -12.77 6.54 -19.28
N LEU D 34 -13.35 7.75 -19.19
CA LEU D 34 -13.17 8.77 -20.22
C LEU D 34 -12.34 9.96 -19.73
N PRO D 35 -11.47 10.48 -20.60
CA PRO D 35 -10.64 11.61 -20.21
C PRO D 35 -11.36 12.93 -20.32
N ASP D 36 -10.95 13.90 -19.49
CA ASP D 36 -11.51 15.26 -19.61
C ASP D 36 -10.79 15.96 -20.79
N VAL D 37 -11.54 16.69 -21.61
CA VAL D 37 -10.96 17.36 -22.78
C VAL D 37 -9.93 18.42 -22.40
N ARG D 38 -10.08 18.98 -21.18
CA ARG D 38 -9.23 20.09 -20.74
C ARG D 38 -7.83 19.66 -20.30
N ASP D 39 -7.72 18.62 -19.49
CA ASP D 39 -6.41 18.15 -19.04
C ASP D 39 -5.99 16.79 -19.58
N GLY D 40 -6.89 16.14 -20.32
CA GLY D 40 -6.64 14.83 -20.93
C GLY D 40 -6.62 13.70 -19.92
N LEU D 41 -7.10 13.96 -18.70
CA LEU D 41 -7.00 12.95 -17.65
C LEU D 41 -8.31 12.29 -17.21
N LYS D 42 -8.18 11.06 -16.74
CA LYS D 42 -9.29 10.35 -16.12
C LYS D 42 -9.06 10.56 -14.61
N PRO D 43 -10.07 10.31 -13.77
CA PRO D 43 -9.93 10.50 -12.33
C PRO D 43 -8.70 9.81 -11.67
N VAL D 44 -8.43 8.55 -11.98
CA VAL D 44 -7.33 7.89 -11.30
C VAL D 44 -5.99 8.58 -11.59
N HIS D 45 -5.76 8.99 -12.83
CA HIS D 45 -4.51 9.65 -13.18
C HIS D 45 -4.42 11.03 -12.56
N ARG D 46 -5.52 11.76 -12.55
CA ARG D 46 -5.54 13.08 -11.96
C ARG D 46 -5.20 13.00 -10.46
N ARG D 47 -5.80 12.02 -9.78
CA ARG D 47 -5.57 11.83 -8.35
C ARG D 47 -4.14 11.40 -8.04
N ILE D 48 -3.57 10.57 -8.92
CA ILE D 48 -2.16 10.17 -8.75
C ILE D 48 -1.27 11.40 -8.86
N LEU D 49 -1.49 12.22 -9.88
CA LEU D 49 -0.62 13.40 -10.07
C LEU D 49 -0.83 14.45 -8.96
N TYR D 50 -2.09 14.68 -8.58
CA TYR D 50 -2.39 15.57 -7.48
C TYR D 50 -1.72 15.07 -6.19
N GLY D 51 -1.73 13.75 -5.98
CA GLY D 51 -1.12 13.13 -4.79
C GLY D 51 0.37 13.40 -4.78
N LEU D 52 1.03 13.20 -5.92
CA LEU D 52 2.46 13.53 -6.08
C LEU D 52 2.71 15.00 -5.79
N ASN D 53 1.81 15.87 -6.25
CA ASN D 53 1.95 17.31 -6.00
C ASN D 53 1.89 17.66 -4.51
N GLU D 54 0.85 17.14 -3.84
CA GLU D 54 0.62 17.37 -2.41
C GLU D 54 1.66 16.74 -1.48
N GLN D 55 2.32 15.68 -1.92
N GLN D 55 2.30 15.67 -1.95
CA GLN D 55 3.36 15.08 -1.10
CA GLN D 55 3.34 14.95 -1.22
C GLN D 55 4.74 15.58 -1.48
C GLN D 55 4.72 15.59 -1.47
N GLY D 56 4.76 16.66 -2.28
CA GLY D 56 6.01 17.34 -2.69
C GLY D 56 6.99 16.49 -3.50
N MET D 57 6.44 15.55 -4.25
N MET D 57 6.43 15.54 -4.25
CA MET D 57 7.26 14.61 -5.01
CA MET D 57 7.23 14.60 -5.05
C MET D 57 7.67 15.16 -6.38
C MET D 57 7.65 15.17 -6.40
N THR D 58 8.34 16.31 -6.33
CA THR D 58 8.83 17.03 -7.49
C THR D 58 10.11 16.37 -8.03
N PRO D 59 10.50 16.70 -9.28
CA PRO D 59 11.68 16.07 -9.92
C PRO D 59 13.03 16.33 -9.26
N ASP D 60 13.15 17.41 -8.47
CA ASP D 60 14.39 17.74 -7.76
C ASP D 60 14.51 17.00 -6.42
N LYS D 61 13.50 16.21 -6.05
CA LYS D 61 13.52 15.43 -4.81
C LYS D 61 13.78 13.96 -5.10
N SER D 62 14.15 13.24 -4.06
CA SER D 62 14.44 11.82 -4.16
C SER D 62 13.16 11.04 -4.52
N TYR D 63 13.33 9.90 -5.16
CA TYR D 63 12.20 9.05 -5.50
C TYR D 63 11.53 8.56 -4.22
N LYS D 64 10.20 8.42 -4.24
N LYS D 64 10.21 8.41 -4.27
CA LYS D 64 9.46 7.93 -3.07
CA LYS D 64 9.42 7.95 -3.15
C LYS D 64 8.96 6.53 -3.39
C LYS D 64 8.81 6.58 -3.43
N LYS D 65 8.83 5.69 -2.36
N LYS D 65 8.79 5.75 -2.40
CA LYS D 65 8.38 4.32 -2.59
CA LYS D 65 8.25 4.40 -2.46
C LYS D 65 6.95 4.31 -3.13
C LYS D 65 6.89 4.38 -3.16
N SER D 66 6.74 3.55 -4.20
CA SER D 66 5.42 3.44 -4.85
C SER D 66 4.30 3.04 -3.90
N ALA D 67 4.55 2.04 -3.05
CA ALA D 67 3.52 1.63 -2.08
C ALA D 67 3.00 2.80 -1.25
N ARG D 68 3.88 3.73 -0.92
CA ARG D 68 3.48 4.88 -0.11
C ARG D 68 2.65 5.89 -0.89
N ILE D 69 3.10 6.21 -2.10
CA ILE D 69 2.34 7.09 -2.98
C ILE D 69 0.93 6.54 -3.17
N VAL D 70 0.85 5.22 -3.44
CA VAL D 70 -0.42 4.54 -3.70
C VAL D 70 -1.32 4.56 -2.46
N GLY D 71 -0.73 4.23 -1.30
CA GLY D 71 -1.50 4.26 -0.05
C GLY D 71 -2.12 5.63 0.21
N ASP D 72 -1.37 6.70 -0.06
N ASP D 72 -1.37 6.69 -0.09
CA ASP D 72 -1.85 8.08 0.13
CA ASP D 72 -1.82 8.07 0.11
C ASP D 72 -3.01 8.45 -0.81
C ASP D 72 -3.01 8.43 -0.80
N VAL D 73 -2.87 8.08 -2.08
CA VAL D 73 -3.90 8.35 -3.06
C VAL D 73 -5.21 7.62 -2.72
N MET D 74 -5.09 6.35 -2.32
CA MET D 74 -6.23 5.51 -1.94
C MET D 74 -7.00 6.11 -0.77
N GLY D 75 -6.26 6.53 0.26
CA GLY D 75 -6.86 7.09 1.47
C GLY D 75 -7.58 8.41 1.23
N LYS D 76 -6.88 9.33 0.58
CA LYS D 76 -7.40 10.68 0.36
C LYS D 76 -8.27 10.93 -0.86
N TYR D 77 -8.01 10.24 -1.97
CA TYR D 77 -8.76 10.59 -3.17
C TYR D 77 -9.47 9.51 -3.98
N HIS D 78 -8.92 8.30 -3.99
CA HIS D 78 -9.42 7.29 -4.89
C HIS D 78 -9.90 6.04 -4.15
N PRO D 79 -11.23 5.93 -3.95
CA PRO D 79 -11.75 4.82 -3.15
C PRO D 79 -11.84 3.51 -3.94
N HIS D 80 -10.73 3.10 -4.54
CA HIS D 80 -10.75 1.86 -5.31
C HIS D 80 -9.51 1.02 -5.03
N GLY D 81 -9.32 -0.09 -5.75
CA GLY D 81 -8.18 -0.99 -5.50
C GLY D 81 -6.81 -0.39 -5.70
N ASP D 82 -5.85 -0.86 -4.89
CA ASP D 82 -4.45 -0.43 -5.02
C ASP D 82 -3.88 -0.81 -6.41
N SER D 83 -4.27 -1.98 -6.93
CA SER D 83 -3.73 -2.39 -8.25
C SER D 83 -4.16 -1.47 -9.41
N SER D 84 -5.40 -0.95 -9.39
CA SER D 84 -5.84 -0.03 -10.44
C SER D 84 -5.00 1.23 -10.38
N ILE D 85 -4.72 1.71 -9.18
CA ILE D 85 -3.92 2.92 -8.99
C ILE D 85 -2.46 2.71 -9.41
N TYR D 86 -1.86 1.65 -8.88
CA TYR D 86 -0.46 1.35 -9.19
C TYR D 86 -0.23 1.11 -10.69
N GLU D 87 -1.08 0.32 -11.32
CA GLU D 87 -0.91 0.03 -12.76
C GLU D 87 -1.09 1.28 -13.62
N ALA D 88 -1.98 2.17 -13.20
CA ALA D 88 -2.17 3.41 -13.91
C ALA D 88 -0.90 4.27 -13.78
N MET D 89 -0.31 4.32 -12.58
CA MET D 89 0.91 5.09 -12.36
C MET D 89 2.07 4.51 -13.16
N VAL D 90 2.11 3.18 -13.21
CA VAL D 90 3.15 2.46 -13.95
C VAL D 90 3.13 2.85 -15.44
N ARG D 91 1.96 2.89 -16.03
CA ARG D 91 1.88 3.21 -17.46
C ARG D 91 2.37 4.61 -17.75
N MET D 92 2.05 5.54 -16.84
CA MET D 92 2.49 6.93 -16.95
C MET D 92 4.03 7.08 -16.93
N ALA D 93 4.72 6.07 -16.43
CA ALA D 93 6.20 6.09 -16.37
C ALA D 93 6.87 5.33 -17.53
N GLN D 94 6.06 4.70 -18.39
CA GLN D 94 6.59 3.88 -19.52
C GLN D 94 6.78 4.73 -20.77
N ASP D 95 8.01 4.80 -21.26
CA ASP D 95 8.25 5.64 -22.42
C ASP D 95 7.76 5.00 -23.73
N PHE D 96 7.36 3.74 -23.67
CA PHE D 96 6.76 3.10 -24.84
C PHE D 96 5.24 3.26 -24.80
N SER D 97 4.71 3.80 -23.69
CA SER D 97 3.26 4.00 -23.55
C SER D 97 2.85 5.46 -23.63
N TYR D 98 3.57 6.33 -22.93
CA TYR D 98 3.30 7.75 -22.94
C TYR D 98 4.29 8.51 -23.80
N ARG D 99 3.74 9.25 -24.77
CA ARG D 99 4.51 10.12 -25.65
C ARG D 99 5.33 11.15 -24.84
N TYR D 100 4.75 11.66 -23.73
CA TYR D 100 5.44 12.56 -22.75
C TYR D 100 5.17 11.96 -21.36
N PRO D 101 6.07 11.07 -20.88
CA PRO D 101 5.79 10.39 -19.59
C PRO D 101 5.51 11.39 -18.48
N LEU D 102 4.54 11.05 -17.63
CA LEU D 102 4.10 11.91 -16.55
C LEU D 102 4.69 11.49 -15.19
N VAL D 103 5.20 10.27 -15.12
CA VAL D 103 5.82 9.76 -13.90
C VAL D 103 7.24 9.32 -14.23
N ASP D 104 8.15 9.69 -13.35
CA ASP D 104 9.55 9.29 -13.43
C ASP D 104 9.70 8.11 -12.45
N GLY D 105 9.86 6.92 -13.02
CA GLY D 105 9.94 5.72 -12.23
C GLY D 105 11.35 5.18 -12.07
N GLN D 106 11.62 4.66 -10.88
CA GLN D 106 12.90 4.04 -10.54
C GLN D 106 12.65 2.54 -10.30
N GLY D 107 13.32 1.69 -11.08
CA GLY D 107 13.12 0.23 -10.92
C GLY D 107 12.45 -0.43 -12.12
N ASN D 108 11.97 -1.65 -11.93
CA ASN D 108 11.32 -2.38 -13.01
C ASN D 108 9.90 -1.86 -13.24
N PHE D 109 9.71 -1.09 -14.31
CA PHE D 109 8.37 -0.54 -14.69
C PHE D 109 7.74 -1.22 -15.91
N GLY D 110 8.15 -2.47 -16.15
CA GLY D 110 7.57 -3.24 -17.25
C GLY D 110 8.30 -2.99 -18.59
N SER D 111 7.91 -3.73 -19.60
CA SER D 111 8.58 -3.63 -20.91
C SER D 111 7.61 -3.79 -22.05
N MET D 112 8.11 -3.57 -23.27
N MET D 112 8.10 -3.56 -23.27
CA MET D 112 7.35 -3.74 -24.50
CA MET D 112 7.33 -3.75 -24.50
C MET D 112 6.94 -5.20 -24.76
C MET D 112 6.89 -5.20 -24.72
N ASP D 113 7.47 -6.13 -23.97
CA ASP D 113 7.11 -7.55 -24.10
C ASP D 113 5.92 -7.95 -23.20
N GLY D 114 5.31 -6.96 -22.55
CA GLY D 114 4.17 -7.24 -21.70
C GLY D 114 4.54 -7.75 -20.32
N ASP D 115 5.82 -7.70 -19.98
CA ASP D 115 6.30 -8.04 -18.64
C ASP D 115 5.67 -6.96 -17.76
N GLY D 116 5.16 -7.32 -16.60
CA GLY D 116 4.59 -6.28 -15.74
C GLY D 116 5.67 -5.54 -14.95
N ALA D 117 5.27 -4.47 -14.27
CA ALA D 117 6.19 -3.80 -13.40
C ALA D 117 6.50 -4.70 -12.20
N ALA D 118 7.59 -4.40 -11.50
CA ALA D 118 7.86 -5.07 -10.23
C ALA D 118 6.76 -4.63 -9.26
N ALA D 119 6.56 -5.42 -8.20
CA ALA D 119 5.56 -5.13 -7.17
C ALA D 119 5.81 -3.75 -6.60
N MET D 120 4.74 -3.08 -6.18
CA MET D 120 4.87 -1.71 -5.68
C MET D 120 5.75 -1.56 -4.43
N ARG D 121 5.99 -2.67 -3.74
N ARG D 121 6.00 -2.63 -3.68
CA ARG D 121 6.88 -2.70 -2.57
CA ARG D 121 6.92 -2.47 -2.54
C ARG D 121 8.35 -2.50 -2.95
C ARG D 121 8.34 -2.16 -3.03
N PHE D 122 8.67 -2.65 -4.23
CA PHE D 122 10.05 -2.47 -4.77
C PHE D 122 10.33 -1.18 -5.53
N THR D 123 9.36 -0.67 -6.28
CA THR D 123 9.61 0.48 -7.12
C THR D 123 9.43 1.81 -6.41
N GLU D 124 9.97 2.85 -7.04
CA GLU D 124 9.89 4.20 -6.55
C GLU D 124 9.53 5.15 -7.70
N ALA D 125 8.98 6.31 -7.38
CA ALA D 125 8.53 7.26 -8.39
C ALA D 125 8.53 8.69 -7.89
N ARG D 126 8.47 9.60 -8.85
CA ARG D 126 8.28 11.04 -8.61
C ARG D 126 7.73 11.63 -9.92
N MET D 127 7.46 12.93 -9.93
CA MET D 127 6.98 13.57 -11.14
C MET D 127 8.08 13.73 -12.14
N THR D 128 7.71 13.77 -13.42
CA THR D 128 8.67 14.15 -14.45
C THR D 128 8.56 15.68 -14.49
N LYS D 129 9.53 16.33 -15.12
CA LYS D 129 9.51 17.78 -15.25
C LYS D 129 8.32 18.30 -16.04
N ILE D 130 7.88 17.56 -17.07
CA ILE D 130 6.71 18.01 -17.83
C ILE D 130 5.43 17.99 -16.98
N THR D 131 5.33 17.04 -16.03
CA THR D 131 4.17 16.99 -15.14
C THR D 131 4.01 18.28 -14.30
N LEU D 132 5.13 18.94 -14.00
CA LEU D 132 5.09 20.22 -13.31
C LEU D 132 4.21 21.22 -14.08
N GLU D 133 4.24 21.11 -15.41
CA GLU D 133 3.42 21.96 -16.25
C GLU D 133 1.95 21.58 -16.20
N LEU D 134 1.63 20.33 -15.86
CA LEU D 134 0.22 19.96 -15.71
C LEU D 134 -0.32 20.57 -14.44
N LEU D 135 0.53 20.63 -13.41
CA LEU D 135 0.16 21.11 -12.07
C LEU D 135 0.42 22.60 -11.80
N ARG D 136 1.18 23.25 -12.66
CA ARG D 136 1.57 24.65 -12.47
C ARG D 136 0.38 25.57 -12.20
N ASP D 137 0.44 26.34 -11.11
CA ASP D 137 -0.60 27.34 -10.75
C ASP D 137 -1.85 26.71 -10.14
N ILE D 138 -1.81 25.41 -9.85
CA ILE D 138 -2.97 24.75 -9.27
C ILE D 138 -3.42 25.38 -7.93
N ASN D 139 -2.47 26.00 -7.21
CA ASN D 139 -2.78 26.65 -5.93
C ASN D 139 -3.00 28.15 -6.06
N LYS D 140 -3.31 28.59 -7.26
CA LYS D 140 -3.61 30.00 -7.49
C LYS D 140 -5.02 30.18 -7.97
N ASP D 141 -5.94 29.39 -7.41
CA ASP D 141 -7.36 29.46 -7.72
C ASP D 141 -7.63 29.52 -9.25
N THR D 142 -6.93 28.65 -9.98
CA THR D 142 -7.04 28.55 -11.43
C THR D 142 -8.08 27.52 -11.83
N ILE D 143 -8.32 26.55 -10.95
CA ILE D 143 -9.27 25.48 -11.21
C ILE D 143 -10.13 25.24 -9.95
N ASP D 144 -11.35 24.74 -10.13
CA ASP D 144 -12.25 24.48 -8.99
C ASP D 144 -11.92 23.19 -8.23
N PHE D 145 -11.79 23.25 -6.91
CA PHE D 145 -11.62 22.06 -6.10
C PHE D 145 -13.00 21.59 -5.68
N ILE D 146 -13.10 20.31 -5.33
CA ILE D 146 -14.38 19.71 -4.93
C ILE D 146 -14.11 18.86 -3.70
N ASP D 147 -15.15 18.47 -2.97
CA ASP D 147 -14.94 17.57 -1.84
C ASP D 147 -14.55 16.22 -2.38
N ASN D 148 -13.66 15.52 -1.66
CA ASN D 148 -13.26 14.16 -2.04
C ASN D 148 -14.41 13.21 -1.72
N TYR D 149 -14.21 11.90 -1.90
CA TYR D 149 -15.29 10.93 -1.71
C TYR D 149 -15.92 10.83 -0.31
N ASP D 150 -15.17 11.10 0.75
CA ASP D 150 -15.70 10.99 2.11
C ASP D 150 -15.86 12.34 2.83
N GLY D 151 -15.59 13.42 2.11
CA GLY D 151 -15.73 14.77 2.66
C GLY D 151 -14.64 15.21 3.61
N ASN D 152 -13.56 14.43 3.72
CA ASN D 152 -12.46 14.80 4.59
C ASN D 152 -11.32 15.49 3.86
N GLU D 153 -11.39 15.52 2.52
CA GLU D 153 -10.32 16.15 1.76
C GLU D 153 -10.87 16.93 0.58
N ARG D 154 -10.00 17.69 -0.08
CA ARG D 154 -10.39 18.44 -1.25
C ARG D 154 -9.52 17.93 -2.39
N GLU D 155 -10.09 17.85 -3.59
CA GLU D 155 -9.32 17.42 -4.76
C GLU D 155 -9.64 18.32 -5.97
N PRO D 156 -8.73 18.40 -6.96
CA PRO D 156 -9.02 19.22 -8.15
C PRO D 156 -10.02 18.59 -9.09
N SER D 157 -10.96 19.41 -9.59
CA SER D 157 -11.91 18.91 -10.58
C SER D 157 -11.15 18.66 -11.89
N VAL D 158 -10.08 19.45 -12.10
CA VAL D 158 -9.33 19.40 -13.37
C VAL D 158 -7.99 20.04 -13.06
N LEU D 159 -6.97 19.70 -13.83
CA LEU D 159 -5.65 20.30 -13.63
C LEU D 159 -5.45 21.50 -14.56
N PRO D 160 -4.60 22.48 -14.15
CA PRO D 160 -4.38 23.65 -15.03
C PRO D 160 -3.91 23.22 -16.42
N ALA D 161 -3.08 22.16 -16.50
CA ALA D 161 -2.68 21.57 -17.80
C ALA D 161 -2.11 22.57 -18.77
N ARG D 162 -0.93 23.11 -18.46
CA ARG D 162 -0.34 24.17 -19.26
C ARG D 162 0.21 23.74 -20.65
N PHE D 163 0.04 22.46 -20.97
CA PHE D 163 0.31 21.95 -22.33
C PHE D 163 -0.90 21.04 -22.70
N PRO D 164 -1.22 20.88 -24.01
CA PRO D 164 -2.41 20.12 -24.47
C PRO D 164 -2.23 18.60 -24.31
N ASN D 165 -2.44 18.15 -23.09
CA ASN D 165 -2.17 16.77 -22.72
C ASN D 165 -3.10 15.72 -23.33
N LEU D 166 -4.38 16.02 -23.51
CA LEU D 166 -5.28 15.04 -24.13
C LEU D 166 -4.67 14.53 -25.45
N LEU D 167 -4.37 15.49 -26.34
CA LEU D 167 -3.80 15.13 -27.65
C LEU D 167 -2.37 14.69 -27.55
N ALA D 168 -1.60 15.28 -26.62
CA ALA D 168 -0.17 14.94 -26.54
C ALA D 168 0.04 13.48 -26.18
N ASN D 169 -0.62 13.01 -25.13
CA ASN D 169 -0.47 11.61 -24.68
C ASN D 169 -1.57 10.66 -25.14
N GLY D 170 -2.65 11.23 -25.66
CA GLY D 170 -3.76 10.41 -26.17
C GLY D 170 -4.51 9.79 -25.03
N ALA D 171 -5.42 8.86 -25.34
CA ALA D 171 -6.18 8.17 -24.29
C ALA D 171 -6.90 7.00 -24.90
N SER D 172 -7.12 5.96 -24.10
CA SER D 172 -7.98 4.88 -24.52
C SER D 172 -8.80 4.48 -23.32
N GLY D 173 -10.06 4.14 -23.54
CA GLY D 173 -10.90 3.76 -22.40
C GLY D 173 -12.14 3.06 -22.89
N ILE D 174 -12.57 2.05 -22.13
CA ILE D 174 -13.77 1.27 -22.43
C ILE D 174 -14.78 1.63 -21.34
N ALA D 175 -15.87 2.28 -21.73
CA ALA D 175 -16.89 2.71 -20.79
C ALA D 175 -18.11 1.81 -20.92
N VAL D 176 -19.30 2.41 -20.95
CA VAL D 176 -20.55 1.67 -21.11
C VAL D 176 -21.29 2.45 -22.19
N GLY D 177 -21.77 1.74 -23.21
CA GLY D 177 -22.44 2.36 -24.35
C GLY D 177 -21.48 3.08 -25.28
N MET D 178 -20.22 3.23 -24.87
CA MET D 178 -19.23 3.94 -25.70
C MET D 178 -17.80 3.66 -25.21
N ALA D 179 -16.82 4.14 -25.97
CA ALA D 179 -15.40 3.97 -25.63
C ALA D 179 -14.68 5.14 -26.26
N THR D 180 -13.36 5.20 -26.06
CA THR D 180 -12.57 6.27 -26.65
C THR D 180 -11.20 5.74 -27.05
N ASN D 181 -10.64 6.30 -28.12
CA ASN D 181 -9.33 5.89 -28.59
C ASN D 181 -8.75 7.12 -29.30
N ILE D 182 -7.91 7.87 -28.58
CA ILE D 182 -7.30 9.08 -29.05
C ILE D 182 -5.81 8.81 -29.11
N PRO D 183 -5.19 8.98 -30.29
CA PRO D 183 -3.76 8.72 -30.42
C PRO D 183 -2.92 9.88 -29.87
N PRO D 184 -1.65 9.60 -29.49
CA PRO D 184 -0.75 10.67 -29.02
C PRO D 184 -0.24 11.52 -30.18
N HIS D 185 0.30 12.70 -29.85
CA HIS D 185 0.73 13.66 -30.86
C HIS D 185 2.03 14.34 -30.46
N ASN D 186 2.69 14.95 -31.43
CA ASN D 186 3.92 15.69 -31.19
C ASN D 186 3.61 17.02 -30.54
N LEU D 187 4.30 17.30 -29.43
CA LEU D 187 4.04 18.51 -28.63
C LEU D 187 4.35 19.83 -29.36
N THR D 188 5.43 19.85 -30.12
CA THR D 188 5.77 21.07 -30.88
C THR D 188 4.67 21.37 -31.89
N GLU D 189 4.23 20.34 -32.62
CA GLU D 189 3.12 20.48 -33.59
C GLU D 189 1.81 20.96 -32.90
N LEU D 190 1.43 20.31 -31.79
CA LEU D 190 0.18 20.70 -31.10
C LEU D 190 0.19 22.14 -30.66
N ILE D 191 1.27 22.57 -30.01
CA ILE D 191 1.38 23.95 -29.55
C ILE D 191 1.39 24.91 -30.73
N ASN D 192 2.05 24.53 -31.83
CA ASN D 192 1.98 25.40 -33.01
C ASN D 192 0.55 25.49 -33.50
N GLY D 193 -0.17 24.36 -33.46
CA GLY D 193 -1.59 24.32 -33.80
C GLY D 193 -2.43 25.24 -32.91
N VAL D 194 -2.20 25.18 -31.59
CA VAL D 194 -2.92 26.04 -30.64
C VAL D 194 -2.60 27.52 -30.94
N LEU D 195 -1.33 27.79 -31.21
CA LEU D 195 -0.93 29.17 -31.52
C LEU D 195 -1.64 29.69 -32.78
N SER D 196 -1.75 28.84 -33.81
CA SER D 196 -2.42 29.21 -35.06
C SER D 196 -3.91 29.48 -34.77
N LEU D 197 -4.56 28.56 -34.05
CA LEU D 197 -5.94 28.74 -33.65
C LEU D 197 -6.17 30.06 -32.90
N SER D 198 -5.22 30.40 -32.03
CA SER D 198 -5.37 31.59 -31.16
C SER D 198 -5.38 32.87 -31.98
N LYS D 199 -4.78 32.83 -33.18
CA LYS D 199 -4.72 34.00 -34.06
C LYS D 199 -5.83 33.98 -35.11
N ASN D 200 -6.64 32.92 -35.12
CA ASN D 200 -7.71 32.77 -36.11
C ASN D 200 -8.74 31.76 -35.65
N PRO D 201 -9.79 32.24 -34.97
CA PRO D 201 -10.85 31.38 -34.47
C PRO D 201 -11.54 30.58 -35.58
N ASP D 202 -11.51 31.10 -36.80
CA ASP D 202 -12.20 30.45 -37.92
C ASP D 202 -11.29 29.54 -38.76
N ILE D 203 -10.11 29.20 -38.22
CA ILE D 203 -9.15 28.31 -38.89
C ILE D 203 -9.84 26.99 -39.23
N SER D 204 -9.49 26.42 -40.40
CA SER D 204 -10.06 25.16 -40.84
C SER D 204 -9.20 24.01 -40.32
N ILE D 205 -9.76 22.80 -40.32
CA ILE D 205 -9.02 21.57 -39.99
C ILE D 205 -7.82 21.39 -40.92
N ALA D 206 -8.04 21.55 -42.23
CA ALA D 206 -6.92 21.47 -43.19
C ALA D 206 -5.79 22.43 -42.84
N GLU D 207 -6.14 23.65 -42.43
N GLU D 207 -6.10 23.67 -42.43
CA GLU D 207 -5.14 24.64 -42.03
CA GLU D 207 -5.01 24.59 -42.07
C GLU D 207 -4.37 24.19 -40.76
C GLU D 207 -4.33 24.13 -40.77
N LEU D 208 -5.11 23.66 -39.79
CA LEU D 208 -4.51 23.15 -38.54
C LEU D 208 -3.55 22.01 -38.87
N MET D 209 -3.88 21.24 -39.93
CA MET D 209 -3.00 20.15 -40.39
C MET D 209 -1.66 20.58 -40.99
N GLU D 210 -1.47 21.88 -41.20
CA GLU D 210 -0.14 22.38 -41.62
C GLU D 210 0.80 22.39 -40.42
N ASP D 211 0.22 22.48 -39.22
CA ASP D 211 0.98 22.36 -37.97
C ASP D 211 0.97 20.91 -37.43
N ILE D 212 -0.22 20.30 -37.37
CA ILE D 212 -0.40 18.97 -36.77
C ILE D 212 -0.52 17.96 -37.91
N GLU D 213 0.60 17.34 -38.24
N GLU D 213 0.62 17.34 -38.25
CA GLU D 213 0.71 16.42 -39.38
CA GLU D 213 0.70 16.41 -39.38
C GLU D 213 -0.05 15.10 -39.22
C GLU D 213 -0.14 15.16 -39.20
N GLY D 214 -0.21 14.67 -37.96
CA GLY D 214 -0.94 13.46 -37.66
C GLY D 214 -0.43 12.99 -36.32
N PRO D 215 -0.86 11.78 -35.91
CA PRO D 215 -0.35 11.29 -34.63
C PRO D 215 1.17 11.14 -34.61
N ASP D 216 1.74 11.10 -33.42
CA ASP D 216 3.18 10.89 -33.28
C ASP D 216 3.32 9.93 -32.11
N PHE D 217 3.55 8.64 -32.41
CA PHE D 217 3.60 7.63 -31.35
C PHE D 217 4.93 7.55 -30.61
N PRO D 218 4.88 7.20 -29.31
CA PRO D 218 6.15 7.13 -28.58
C PRO D 218 7.08 6.08 -29.18
N THR D 219 6.49 5.07 -29.80
CA THR D 219 7.19 3.92 -30.41
C THR D 219 7.63 4.18 -31.87
N ALA D 220 7.52 5.43 -32.32
CA ALA D 220 7.92 5.81 -33.69
C ALA D 220 7.14 5.04 -34.79
N GLY D 221 7.84 4.33 -35.66
CA GLY D 221 7.17 3.58 -36.74
C GLY D 221 6.71 4.48 -37.88
N LEU D 222 5.81 3.96 -38.71
CA LEU D 222 5.29 4.66 -39.88
C LEU D 222 3.79 4.66 -39.89
N ILE D 223 3.22 5.71 -40.46
CA ILE D 223 1.78 5.77 -40.73
C ILE D 223 1.68 5.81 -42.26
N LEU D 224 0.75 5.02 -42.81
CA LEU D 224 0.60 4.96 -44.29
C LEU D 224 -0.47 5.88 -44.82
N GLY D 225 -0.03 6.96 -45.46
CA GLY D 225 -0.94 7.92 -46.07
C GLY D 225 -1.61 8.85 -45.07
N LYS D 226 -2.32 9.84 -45.58
CA LYS D 226 -2.98 10.82 -44.75
C LYS D 226 -4.50 10.81 -44.75
N SER D 227 -5.12 9.90 -45.50
CA SER D 227 -6.59 9.93 -45.58
C SER D 227 -7.30 9.51 -44.29
N GLY D 228 -6.75 8.53 -43.57
CA GLY D 228 -7.35 8.09 -42.32
C GLY D 228 -7.15 9.16 -41.24
N ILE D 229 -5.99 9.79 -41.24
CA ILE D 229 -5.70 10.91 -40.34
C ILE D 229 -6.69 12.06 -40.59
N ARG D 230 -6.83 12.43 -41.87
N ARG D 230 -6.86 12.41 -41.87
CA ARG D 230 -7.73 13.52 -42.25
CA ARG D 230 -7.74 13.49 -42.26
C ARG D 230 -9.16 13.23 -41.80
C ARG D 230 -9.18 13.21 -41.81
N ARG D 231 -9.63 12.02 -42.05
N ARG D 231 -9.69 12.03 -42.11
CA ARG D 231 -10.99 11.65 -41.65
CA ARG D 231 -11.05 11.68 -41.64
C ARG D 231 -11.16 11.77 -40.12
C ARG D 231 -11.19 11.73 -40.11
N ALA D 232 -10.18 11.25 -39.38
CA ALA D 232 -10.18 11.28 -37.90
C ALA D 232 -10.21 12.74 -37.37
N TYR D 233 -9.41 13.62 -37.96
CA TYR D 233 -9.36 15.01 -37.55
C TYR D 233 -10.62 15.79 -37.92
N GLU D 234 -11.24 15.43 -39.05
N GLU D 234 -11.26 15.42 -39.03
CA GLU D 234 -12.48 16.07 -39.49
CA GLU D 234 -12.46 16.15 -39.43
C GLU D 234 -13.70 15.66 -38.68
C GLU D 234 -13.75 15.65 -38.74
N THR D 235 -13.81 14.36 -38.42
CA THR D 235 -15.02 13.79 -37.81
C THR D 235 -14.88 13.19 -36.41
N GLY D 236 -13.66 12.97 -35.93
CA GLY D 236 -13.47 12.29 -34.65
C GLY D 236 -13.23 10.78 -34.84
N ARG D 237 -13.48 10.27 -36.05
CA ARG D 237 -13.32 8.83 -36.33
C ARG D 237 -12.58 8.57 -37.64
N GLY D 238 -11.70 7.59 -37.64
CA GLY D 238 -10.94 7.24 -38.83
C GLY D 238 -9.99 6.10 -38.54
N SER D 239 -9.64 5.35 -39.57
CA SER D 239 -8.73 4.23 -39.41
C SER D 239 -7.35 4.68 -39.85
N ILE D 240 -6.34 4.49 -39.00
CA ILE D 240 -4.97 4.90 -39.34
C ILE D 240 -4.09 3.66 -39.41
N GLN D 241 -3.51 3.41 -40.59
CA GLN D 241 -2.65 2.23 -40.79
C GLN D 241 -1.25 2.50 -40.30
N MET D 242 -0.78 1.68 -39.37
CA MET D 242 0.58 1.84 -38.80
C MET D 242 1.45 0.66 -39.26
N ARG D 243 2.72 0.94 -39.52
CA ARG D 243 3.67 -0.13 -39.87
C ARG D 243 4.93 0.00 -39.05
N SER D 244 5.54 -1.15 -38.82
CA SER D 244 6.83 -1.24 -38.21
C SER D 244 7.85 -0.56 -39.12
N ARG D 245 9.01 -0.21 -38.58
CA ARG D 245 10.09 0.27 -39.41
C ARG D 245 10.93 -0.97 -39.68
N ALA D 246 10.97 -1.39 -40.93
CA ALA D 246 11.70 -2.62 -41.30
C ALA D 246 12.50 -2.37 -42.56
N VAL D 247 13.69 -2.96 -42.61
CA VAL D 247 14.55 -2.86 -43.79
C VAL D 247 15.01 -4.26 -44.18
N ILE D 248 15.44 -4.39 -45.44
CA ILE D 248 16.02 -5.62 -45.95
C ILE D 248 17.51 -5.35 -46.13
N GLU D 249 18.34 -6.23 -45.57
CA GLU D 249 19.78 -6.05 -45.68
C GLU D 249 20.46 -7.42 -45.84
N GLU D 250 21.66 -7.41 -46.40
CA GLU D 250 22.47 -8.62 -46.63
C GLU D 250 23.03 -9.12 -45.34
N ARG D 251 23.23 -10.44 -45.25
CA ARG D 251 23.82 -11.00 -44.03
C ARG D 251 25.02 -11.91 -44.31
N GLY D 252 25.55 -11.90 -45.53
CA GLY D 252 26.69 -12.75 -45.87
C GLY D 252 26.27 -13.96 -46.68
N GLY D 253 27.17 -14.45 -47.53
CA GLY D 253 26.94 -15.63 -48.37
C GLY D 253 25.76 -15.53 -49.33
N GLY D 254 25.49 -14.31 -49.80
CA GLY D 254 24.38 -14.09 -50.71
C GLY D 254 22.99 -14.16 -50.06
N ARG D 255 22.97 -14.17 -48.73
CA ARG D 255 21.71 -14.24 -47.97
C ARG D 255 21.27 -12.88 -47.42
N GLN D 256 19.98 -12.79 -47.06
CA GLN D 256 19.36 -11.57 -46.54
C GLN D 256 18.54 -11.78 -45.28
N ARG D 257 18.23 -10.67 -44.63
CA ARG D 257 17.41 -10.66 -43.45
C ARG D 257 16.55 -9.40 -43.46
N ILE D 258 15.43 -9.49 -42.76
CA ILE D 258 14.53 -8.37 -42.55
C ILE D 258 14.83 -7.91 -41.14
N VAL D 259 15.10 -6.62 -40.98
CA VAL D 259 15.42 -6.09 -39.65
C VAL D 259 14.39 -5.04 -39.25
N VAL D 260 13.71 -5.30 -38.13
CA VAL D 260 12.66 -4.43 -37.61
C VAL D 260 13.22 -3.68 -36.40
N THR D 261 13.21 -2.36 -36.47
CA THR D 261 13.75 -1.51 -35.41
C THR D 261 12.68 -0.66 -34.69
N GLU D 262 11.46 -0.62 -35.21
CA GLU D 262 10.38 0.10 -34.55
C GLU D 262 9.10 -0.67 -34.79
N ILE D 263 8.28 -0.79 -33.75
CA ILE D 263 7.02 -1.54 -33.92
C ILE D 263 5.80 -0.62 -33.76
N PRO D 264 4.61 -1.09 -34.18
CA PRO D 264 3.47 -0.19 -34.05
C PRO D 264 3.08 0.05 -32.58
N PHE D 265 2.44 1.18 -32.34
CA PHE D 265 2.03 1.59 -31.00
C PHE D 265 1.13 0.54 -30.36
N GLN D 266 1.40 0.21 -29.10
CA GLN D 266 0.56 -0.76 -28.35
C GLN D 266 0.69 -2.23 -28.78
N VAL D 267 1.65 -2.53 -29.64
CA VAL D 267 1.87 -3.90 -30.05
C VAL D 267 2.86 -4.53 -29.10
N ASN D 268 2.50 -5.68 -28.54
CA ASN D 268 3.41 -6.42 -27.66
C ASN D 268 4.47 -7.10 -28.57
N LYS D 269 5.74 -6.73 -28.39
CA LYS D 269 6.85 -7.28 -29.20
C LYS D 269 6.98 -8.81 -29.08
N ALA D 270 7.04 -9.34 -27.87
CA ALA D 270 7.12 -10.80 -27.69
C ALA D 270 5.96 -11.50 -28.41
N ARG D 271 4.74 -10.98 -28.25
N ARG D 271 4.73 -10.99 -28.25
CA ARG D 271 3.55 -11.58 -28.87
CA ARG D 271 3.57 -11.60 -28.92
C ARG D 271 3.64 -11.58 -30.38
C ARG D 271 3.61 -11.49 -30.44
N MET D 272 4.09 -10.45 -30.94
N MET D 272 4.17 -10.41 -31.00
CA MET D 272 4.24 -10.31 -32.39
CA MET D 272 4.25 -10.33 -32.45
C MET D 272 5.21 -11.37 -32.94
C MET D 272 5.21 -11.41 -32.94
N ILE D 273 6.32 -11.58 -32.22
CA ILE D 273 7.34 -12.57 -32.57
C ILE D 273 6.79 -14.00 -32.51
N GLU D 274 6.04 -14.33 -31.46
N GLU D 274 6.04 -14.31 -31.46
CA GLU D 274 5.43 -15.66 -31.36
CA GLU D 274 5.38 -15.62 -31.29
C GLU D 274 4.43 -15.89 -32.50
C GLU D 274 4.41 -15.89 -32.45
N LYS D 275 3.71 -14.84 -32.87
CA LYS D 275 2.77 -14.92 -33.99
C LYS D 275 3.52 -15.31 -35.28
N ILE D 276 4.66 -14.67 -35.54
CA ILE D 276 5.49 -15.01 -36.71
C ILE D 276 5.98 -16.45 -36.54
N ALA D 277 6.48 -16.81 -35.36
CA ALA D 277 6.96 -18.19 -35.10
C ALA D 277 5.88 -19.23 -35.40
N GLU D 278 4.66 -18.89 -35.00
CA GLU D 278 3.49 -19.74 -35.22
C GLU D 278 3.16 -19.88 -36.71
N LEU D 279 3.25 -18.79 -37.47
CA LEU D 279 3.04 -18.86 -38.92
C LEU D 279 4.08 -19.72 -39.63
N VAL D 280 5.34 -19.61 -39.21
CA VAL D 280 6.45 -20.41 -39.77
C VAL D 280 6.20 -21.89 -39.42
N ARG D 281 6.00 -22.15 -38.12
CA ARG D 281 5.73 -23.49 -37.59
C ARG D 281 4.58 -24.19 -38.34
N ASP D 282 3.46 -23.48 -38.53
CA ASP D 282 2.30 -24.05 -39.22
C ASP D 282 2.41 -23.92 -40.73
N LYS D 283 3.61 -23.57 -41.21
CA LYS D 283 3.88 -23.40 -42.64
C LYS D 283 2.86 -22.53 -43.37
N LYS D 284 2.39 -21.47 -42.70
CA LYS D 284 1.43 -20.54 -43.32
C LYS D 284 2.15 -19.35 -43.96
N ILE D 285 3.48 -19.35 -43.88
CA ILE D 285 4.34 -18.33 -44.49
C ILE D 285 5.65 -19.01 -44.88
N ASP D 286 6.11 -18.73 -46.10
CA ASP D 286 7.31 -19.37 -46.64
C ASP D 286 8.56 -18.45 -46.66
N GLY D 287 9.75 -19.06 -46.56
CA GLY D 287 11.00 -18.31 -46.71
C GLY D 287 11.79 -17.90 -45.49
N ILE D 288 11.22 -18.07 -44.30
CA ILE D 288 11.89 -17.65 -43.07
C ILE D 288 12.72 -18.77 -42.49
N THR D 289 14.02 -18.51 -42.28
CA THR D 289 14.94 -19.52 -41.72
C THR D 289 15.33 -19.32 -40.26
N ASP D 290 15.09 -18.13 -39.72
CA ASP D 290 15.39 -17.86 -38.29
C ASP D 290 14.64 -16.62 -37.84
N LEU D 291 14.44 -16.51 -36.53
CA LEU D 291 13.70 -15.41 -35.97
C LEU D 291 14.33 -15.12 -34.62
N ARG D 292 14.87 -13.93 -34.45
CA ARG D 292 15.53 -13.59 -33.18
C ARG D 292 15.19 -12.18 -32.72
N ASP D 293 14.96 -12.04 -31.43
CA ASP D 293 14.79 -10.71 -30.88
C ASP D 293 16.18 -10.34 -30.36
N GLU D 294 16.82 -9.36 -31.01
CA GLU D 294 18.16 -8.89 -30.63
C GLU D 294 18.11 -7.54 -29.94
N THR D 295 16.93 -7.20 -29.43
CA THR D 295 16.72 -5.95 -28.73
C THR D 295 17.66 -5.87 -27.53
N SER D 296 18.23 -4.70 -27.30
CA SER D 296 19.02 -4.52 -26.11
C SER D 296 18.92 -3.06 -25.75
N LEU D 297 19.31 -2.80 -24.52
CA LEU D 297 19.31 -1.49 -23.95
C LEU D 297 20.26 -0.59 -24.73
N ARG D 298 21.31 -1.20 -25.26
CA ARG D 298 22.36 -0.49 -25.96
C ARG D 298 22.12 -0.40 -27.47
N THR D 299 21.50 -1.42 -28.08
CA THR D 299 21.21 -1.38 -29.53
C THR D 299 19.80 -0.86 -29.84
N GLY D 300 18.90 -0.85 -28.86
CA GLY D 300 17.50 -0.46 -29.07
C GLY D 300 16.74 -1.69 -29.62
N VAL D 301 15.49 -1.50 -30.05
CA VAL D 301 14.67 -2.58 -30.61
C VAL D 301 15.29 -3.14 -31.90
N ARG D 302 15.42 -4.46 -31.98
CA ARG D 302 16.00 -5.07 -33.17
C ARG D 302 15.49 -6.49 -33.30
N VAL D 303 14.52 -6.68 -34.19
CA VAL D 303 13.99 -8.01 -34.45
C VAL D 303 14.48 -8.45 -35.84
N VAL D 304 15.13 -9.61 -35.87
CA VAL D 304 15.73 -10.12 -37.10
C VAL D 304 14.96 -11.31 -37.65
N ILE D 305 14.59 -11.23 -38.92
CA ILE D 305 13.94 -12.31 -39.64
C ILE D 305 14.85 -12.74 -40.80
N ASP D 306 15.59 -13.82 -40.60
CA ASP D 306 16.48 -14.36 -41.66
C ASP D 306 15.64 -15.00 -42.77
N VAL D 307 16.02 -14.71 -44.00
CA VAL D 307 15.34 -15.17 -45.19
C VAL D 307 16.17 -16.23 -45.91
N ARG D 308 15.51 -17.28 -46.40
CA ARG D 308 16.18 -18.37 -47.13
C ARG D 308 16.89 -17.79 -48.38
N LYS D 309 18.10 -18.29 -48.66
CA LYS D 309 18.87 -17.84 -49.83
C LYS D 309 18.02 -17.85 -51.10
N ASP D 310 18.14 -16.78 -51.90
CA ASP D 310 17.40 -16.63 -53.16
C ASP D 310 15.89 -16.36 -53.08
N ALA D 311 15.32 -16.37 -51.87
CA ALA D 311 13.90 -16.04 -51.69
C ALA D 311 13.75 -14.52 -51.75
N ASN D 312 12.58 -14.05 -52.18
CA ASN D 312 12.34 -12.62 -52.25
C ASN D 312 11.96 -12.09 -50.86
N ALA D 313 12.88 -11.33 -50.25
CA ALA D 313 12.68 -10.79 -48.89
C ALA D 313 11.53 -9.79 -48.82
N SER D 314 11.36 -9.01 -49.89
CA SER D 314 10.28 -8.03 -49.99
C SER D 314 8.91 -8.70 -50.01
N VAL D 315 8.81 -9.84 -50.70
CA VAL D 315 7.57 -10.62 -50.72
C VAL D 315 7.24 -11.12 -49.32
N ILE D 316 8.24 -11.67 -48.64
CA ILE D 316 8.10 -12.17 -47.28
C ILE D 316 7.64 -11.04 -46.33
N LEU D 317 8.25 -9.85 -46.48
CA LEU D 317 7.90 -8.71 -45.65
C LEU D 317 6.44 -8.30 -45.88
N ASN D 318 6.02 -8.15 -47.14
CA ASN D 318 4.61 -7.87 -47.43
C ASN D 318 3.65 -8.91 -46.83
N ASN D 319 4.04 -10.18 -46.84
CA ASN D 319 3.27 -11.24 -46.20
C ASN D 319 3.18 -11.07 -44.68
N LEU D 320 4.29 -10.69 -44.04
CA LEU D 320 4.29 -10.47 -42.59
C LEU D 320 3.36 -9.30 -42.25
N TYR D 321 3.35 -8.28 -43.10
CA TYR D 321 2.46 -7.14 -42.90
C TYR D 321 0.98 -7.53 -42.99
N LYS D 322 0.65 -8.45 -43.90
CA LYS D 322 -0.73 -8.90 -44.07
C LYS D 322 -1.16 -9.82 -42.95
N GLN D 323 -0.22 -10.60 -42.42
CA GLN D 323 -0.58 -11.65 -41.50
C GLN D 323 -0.20 -11.51 -40.05
N THR D 324 0.51 -10.44 -39.71
CA THR D 324 0.94 -10.28 -38.32
C THR D 324 0.76 -8.83 -37.87
N PRO D 325 0.91 -8.56 -36.55
CA PRO D 325 0.86 -7.18 -36.06
C PRO D 325 1.99 -6.23 -36.54
N LEU D 326 2.88 -6.72 -37.41
N LEU D 326 2.91 -6.72 -37.38
CA LEU D 326 3.95 -5.89 -38.00
CA LEU D 326 3.95 -5.84 -37.96
C LEU D 326 3.28 -4.68 -38.67
C LEU D 326 3.27 -4.66 -38.68
N GLN D 327 2.05 -4.88 -39.14
CA GLN D 327 1.21 -3.81 -39.66
C GLN D 327 -0.04 -3.89 -38.72
N THR D 328 -0.48 -2.75 -38.18
CA THR D 328 -1.62 -2.71 -37.26
C THR D 328 -2.37 -1.39 -37.50
N SER D 329 -3.67 -1.37 -37.31
CA SER D 329 -4.39 -0.10 -37.46
C SER D 329 -4.76 0.49 -36.11
N PHE D 330 -4.90 1.82 -36.06
CA PHE D 330 -5.32 2.51 -34.87
C PHE D 330 -6.69 3.08 -35.24
N GLY D 331 -7.76 2.59 -34.61
CA GLY D 331 -9.10 3.08 -34.90
C GLY D 331 -9.38 4.31 -34.04
N VAL D 332 -9.24 5.50 -34.63
CA VAL D 332 -9.49 6.73 -33.87
C VAL D 332 -10.98 6.89 -33.56
N ASN D 333 -11.31 7.28 -32.33
CA ASN D 333 -12.67 7.44 -31.84
C ASN D 333 -12.53 8.46 -30.72
N MET D 334 -12.52 9.74 -31.11
CA MET D 334 -12.20 10.81 -30.15
C MET D 334 -13.32 11.26 -29.26
N ILE D 335 -13.56 10.49 -28.20
CA ILE D 335 -14.60 10.81 -27.23
C ILE D 335 -13.95 11.32 -25.93
N ALA D 336 -14.39 12.49 -25.47
CA ALA D 336 -13.88 13.05 -24.22
C ALA D 336 -15.01 13.77 -23.53
N LEU D 337 -14.80 14.05 -22.24
CA LEU D 337 -15.78 14.78 -21.46
C LEU D 337 -15.63 16.26 -21.78
N VAL D 338 -16.72 16.87 -22.23
CA VAL D 338 -16.76 18.29 -22.56
C VAL D 338 -17.93 18.79 -21.72
N ASN D 339 -17.66 19.74 -20.81
N ASN D 339 -17.66 19.73 -20.82
CA ASN D 339 -18.65 20.26 -19.88
CA ASN D 339 -18.68 20.25 -19.91
C ASN D 339 -19.29 19.11 -19.11
C ASN D 339 -19.31 19.09 -19.13
N GLY D 340 -18.46 18.15 -18.68
CA GLY D 340 -18.93 16.97 -17.92
C GLY D 340 -19.74 15.89 -18.64
N ARG D 341 -19.89 16.02 -19.96
N ARG D 341 -19.85 16.01 -19.96
CA ARG D 341 -20.63 15.06 -20.77
CA ARG D 341 -20.63 15.04 -20.75
C ARG D 341 -19.73 14.45 -21.85
C ARG D 341 -19.79 14.46 -21.88
N PRO D 342 -19.93 13.16 -22.18
CA PRO D 342 -19.13 12.51 -23.25
C PRO D 342 -19.47 13.10 -24.61
N LYS D 343 -18.47 13.43 -25.40
CA LYS D 343 -18.77 14.00 -26.71
C LYS D 343 -17.73 13.53 -27.72
N LEU D 344 -18.19 13.10 -28.90
CA LEU D 344 -17.32 12.77 -30.01
C LEU D 344 -16.87 14.12 -30.56
N ILE D 345 -15.56 14.36 -30.61
CA ILE D 345 -15.05 15.67 -31.04
C ILE D 345 -14.02 15.55 -32.16
N ASN D 346 -13.91 16.61 -32.97
CA ASN D 346 -12.92 16.62 -34.04
C ASN D 346 -11.65 17.30 -33.56
N LEU D 347 -10.61 17.40 -34.39
CA LEU D 347 -9.34 18.01 -33.99
C LEU D 347 -9.51 19.46 -33.51
N LYS D 348 -10.24 20.26 -34.29
CA LYS D 348 -10.46 21.67 -33.92
C LYS D 348 -11.19 21.82 -32.58
N GLU D 349 -12.27 21.07 -32.38
N GLU D 349 -12.27 21.07 -32.37
CA GLU D 349 -13.00 21.13 -31.12
CA GLU D 349 -13.01 21.15 -31.11
C GLU D 349 -12.04 20.88 -29.94
C GLU D 349 -12.15 20.79 -29.88
N ALA D 350 -11.27 19.80 -30.04
CA ALA D 350 -10.33 19.40 -28.99
C ALA D 350 -9.42 20.59 -28.65
N LEU D 351 -8.83 21.20 -29.68
CA LEU D 351 -7.98 22.40 -29.50
C LEU D 351 -8.73 23.64 -28.96
N VAL D 352 -9.96 23.88 -29.42
CA VAL D 352 -10.77 25.03 -28.94
C VAL D 352 -11.06 24.92 -27.44
N HIS D 353 -11.48 23.74 -27.00
CA HIS D 353 -11.73 23.57 -25.57
C HIS D 353 -10.46 23.72 -24.77
N TYR D 354 -9.34 23.21 -25.30
CA TYR D 354 -8.08 23.33 -24.59
C TYR D 354 -7.68 24.80 -24.44
N LEU D 355 -7.75 25.56 -25.55
CA LEU D 355 -7.41 26.98 -25.54
C LEU D 355 -8.29 27.80 -24.56
N GLU D 356 -9.59 27.55 -24.56
N GLU D 356 -9.59 27.54 -24.54
CA GLU D 356 -10.47 28.25 -23.63
CA GLU D 356 -10.51 28.24 -23.62
C GLU D 356 -10.00 27.95 -22.21
C GLU D 356 -10.24 27.88 -22.15
N HIS D 357 -9.67 26.69 -21.93
CA HIS D 357 -9.21 26.26 -20.59
C HIS D 357 -8.00 27.09 -20.20
N GLN D 358 -7.07 27.26 -21.14
CA GLN D 358 -5.85 28.04 -20.89
C GLN D 358 -6.13 29.53 -20.60
N LYS D 359 -7.08 30.10 -21.34
CA LYS D 359 -7.46 31.52 -21.14
C LYS D 359 -8.06 31.70 -19.75
N THR D 360 -8.95 30.79 -19.37
CA THR D 360 -9.58 30.82 -18.06
C THR D 360 -8.53 30.65 -16.94
N VAL D 361 -7.62 29.69 -17.11
CA VAL D 361 -6.57 29.41 -16.13
C VAL D 361 -5.71 30.65 -15.88
N VAL D 362 -5.16 31.22 -16.96
CA VAL D 362 -4.32 32.39 -16.89
C VAL D 362 -5.07 33.63 -16.36
N ARG D 363 -6.35 33.79 -16.72
CA ARG D 363 -7.13 34.92 -16.19
C ARG D 363 -7.33 34.76 -14.68
N ARG D 364 -7.81 33.59 -14.26
CA ARG D 364 -8.02 33.28 -12.83
C ARG D 364 -6.73 33.45 -12.03
N ARG D 365 -5.61 32.95 -12.56
CA ARG D 365 -4.31 33.07 -11.89
C ARG D 365 -3.94 34.55 -11.71
N THR D 366 -4.20 35.35 -12.75
CA THR D 366 -3.89 36.78 -12.71
C THR D 366 -4.77 37.49 -11.68
N GLN D 367 -6.04 37.12 -11.63
CA GLN D 367 -6.98 37.67 -10.64
C GLN D 367 -6.57 37.25 -9.22
N TYR D 368 -6.15 36.00 -9.05
CA TYR D 368 -5.70 35.49 -7.75
C TYR D 368 -4.44 36.24 -7.32
N ASN D 369 -3.45 36.34 -8.22
CA ASN D 369 -2.20 37.04 -7.91
C ASN D 369 -2.44 38.51 -7.50
N LEU D 370 -3.41 39.16 -8.15
CA LEU D 370 -3.77 40.55 -7.86
C LEU D 370 -4.36 40.68 -6.46
N ARG D 371 -5.32 39.82 -6.10
CA ARG D 371 -5.91 39.81 -4.77
C ARG D 371 -4.83 39.63 -3.69
N LYS D 372 -3.96 38.63 -3.85
N LYS D 372 -3.97 38.62 -3.88
CA LYS D 372 -2.93 38.35 -2.86
CA LYS D 372 -2.89 38.31 -2.94
C LYS D 372 -1.86 39.45 -2.78
C LYS D 372 -1.90 39.46 -2.80
N ALA D 373 -1.49 40.03 -3.94
CA ALA D 373 -0.55 41.15 -3.97
C ALA D 373 -1.16 42.38 -3.27
N LYS D 374 -2.45 42.66 -3.50
CA LYS D 374 -3.13 43.77 -2.82
C LYS D 374 -3.20 43.52 -1.31
N ASP D 375 -3.51 42.29 -0.93
CA ASP D 375 -3.55 41.94 0.49
C ASP D 375 -2.22 42.17 1.16
N ARG D 376 -1.16 41.67 0.51
CA ARG D 376 0.18 41.78 1.05
C ARG D 376 0.66 43.25 1.08
N ALA D 377 0.30 44.02 0.07
CA ALA D 377 0.68 45.44 0.03
C ALA D 377 -0.01 46.19 1.21
N HIS D 378 -1.23 45.79 1.51
CA HIS D 378 -2.00 46.33 2.61
C HIS D 378 -1.26 46.03 3.91
N ILE D 379 -0.82 44.77 4.09
CA ILE D 379 -0.04 44.43 5.27
C ILE D 379 1.24 45.28 5.35
N LEU D 380 2.00 45.38 4.25
CA LEU D 380 3.25 46.16 4.24
C LEU D 380 3.02 47.65 4.51
N GLU D 381 1.88 48.18 4.09
CA GLU D 381 1.54 49.58 4.40
C GLU D 381 1.44 49.75 5.94
N GLY D 382 0.90 48.73 6.62
CA GLY D 382 0.78 48.68 8.07
C GLY D 382 2.14 48.62 8.73
N LEU D 383 3.02 47.75 8.21
CA LEU D 383 4.38 47.65 8.75
C LEU D 383 5.19 48.93 8.55
N ARG D 384 5.03 49.57 7.39
CA ARG D 384 5.72 50.84 7.05
C ARG D 384 5.31 52.01 7.98
N ILE D 385 4.01 52.08 8.31
CA ILE D 385 3.47 53.03 9.29
C ILE D 385 4.10 52.73 10.66
N ALA D 386 4.14 51.44 11.04
CA ALA D 386 4.77 51.04 12.30
C ALA D 386 6.25 51.47 12.36
N LEU D 387 7.00 51.26 11.27
CA LEU D 387 8.42 51.66 11.24
C LEU D 387 8.59 53.19 11.33
N ASP D 388 7.71 53.91 10.63
CA ASP D 388 7.70 55.36 10.60
C ASP D 388 7.42 55.98 11.99
N HIS D 389 6.74 55.22 12.85
CA HIS D 389 6.36 55.72 14.18
C HIS D 389 6.65 54.66 15.23
N ILE D 390 7.81 54.04 15.13
CA ILE D 390 8.11 52.93 16.01
C ILE D 390 8.01 53.29 17.50
N ASP D 391 8.47 54.48 17.90
CA ASP D 391 8.41 54.90 19.31
C ASP D 391 6.98 54.91 19.83
N GLU D 392 6.08 55.51 19.07
N GLU D 392 6.09 55.50 19.05
CA GLU D 392 4.67 55.55 19.46
CA GLU D 392 4.68 55.61 19.38
C GLU D 392 4.04 54.17 19.46
C GLU D 392 3.93 54.26 19.33
N ILE D 393 4.38 53.35 18.45
CA ILE D 393 3.81 51.99 18.33
C ILE D 393 4.13 51.19 19.60
N ILE D 394 5.39 51.27 20.02
CA ILE D 394 5.86 50.60 21.24
C ILE D 394 5.11 51.10 22.48
N SER D 395 4.99 52.43 22.64
CA SER D 395 4.26 53.04 23.78
C SER D 395 2.82 52.58 23.84
N THR D 396 2.16 52.56 22.68
CA THR D 396 0.79 52.11 22.58
C THR D 396 0.64 50.64 23.03
N ILE D 397 1.57 49.78 22.63
CA ILE D 397 1.53 48.37 23.02
C ILE D 397 1.85 48.19 24.51
N ARG D 398 2.88 48.90 24.97
CA ARG D 398 3.29 48.83 26.37
C ARG D 398 2.21 49.30 27.36
N GLU D 399 1.45 50.33 27.00
N GLU D 399 1.46 50.32 26.95
CA GLU D 399 0.41 50.82 27.90
CA GLU D 399 0.37 50.92 27.73
C GLU D 399 -0.77 49.83 27.98
C GLU D 399 -0.94 50.16 27.59
N SER D 400 -0.89 48.98 26.96
CA SER D 400 -2.04 48.06 26.83
C SER D 400 -1.89 46.83 27.71
N ASP D 401 -2.93 46.50 28.46
CA ASP D 401 -2.93 45.33 29.34
C ASP D 401 -2.95 44.00 28.58
N THR D 402 -3.73 43.95 27.52
CA THR D 402 -3.93 42.72 26.75
C THR D 402 -3.70 42.96 25.26
N ASP D 403 -3.61 41.84 24.51
CA ASP D 403 -3.48 41.88 23.06
C ASP D 403 -4.68 42.55 22.41
N LYS D 404 -5.89 42.23 22.88
CA LYS D 404 -7.13 42.81 22.36
C LYS D 404 -7.16 44.34 22.51
N VAL D 405 -6.72 44.83 23.67
CA VAL D 405 -6.67 46.28 23.90
C VAL D 405 -5.61 46.91 23.00
N ALA D 406 -4.43 46.27 22.90
CA ALA D 406 -3.35 46.77 22.02
C ALA D 406 -3.82 46.84 20.55
N MET D 407 -4.56 45.82 20.14
CA MET D 407 -5.13 45.75 18.80
C MET D 407 -6.06 46.93 18.53
N GLU D 408 -6.93 47.20 19.49
CA GLU D 408 -7.89 48.27 19.36
C GLU D 408 -7.21 49.63 19.37
N SER D 409 -6.24 49.82 20.27
CA SER D 409 -5.48 51.07 20.36
C SER D 409 -4.67 51.37 19.09
N LEU D 410 -4.03 50.34 18.51
CA LEU D 410 -3.26 50.50 17.25
C LEU D 410 -4.20 50.90 16.12
N GLN D 411 -5.35 50.24 16.03
CA GLN D 411 -6.32 50.57 14.98
C GLN D 411 -6.83 52.00 15.12
N GLN D 412 -7.13 52.39 16.36
CA GLN D 412 -7.63 53.73 16.66
C GLN D 412 -6.60 54.82 16.38
N ARG D 413 -5.45 54.72 17.05
CA ARG D 413 -4.40 55.74 16.92
C ARG D 413 -3.75 55.86 15.54
N PHE D 414 -3.53 54.73 14.86
CA PHE D 414 -2.88 54.79 13.56
C PHE D 414 -3.78 54.55 12.36
N LYS D 415 -5.09 54.56 12.57
CA LYS D 415 -6.05 54.33 11.48
C LYS D 415 -5.69 53.07 10.68
N LEU D 416 -5.44 51.98 11.40
CA LEU D 416 -5.06 50.73 10.79
C LEU D 416 -6.23 49.76 10.78
N SER D 417 -6.23 48.84 9.81
CA SER D 417 -7.24 47.81 9.80
C SER D 417 -6.85 46.79 10.87
N GLU D 418 -7.75 45.85 11.14
CA GLU D 418 -7.47 44.79 12.08
C GLU D 418 -6.33 43.89 11.59
N LYS D 419 -6.30 43.61 10.27
CA LYS D 419 -5.22 42.81 9.72
C LYS D 419 -3.87 43.51 9.88
N GLN D 420 -3.85 44.82 9.68
CA GLN D 420 -2.59 45.56 9.84
C GLN D 420 -2.11 45.56 11.29
N ALA D 421 -3.04 45.75 12.22
CA ALA D 421 -2.69 45.82 13.64
C ALA D 421 -2.17 44.48 14.10
N GLN D 422 -2.80 43.41 13.64
N GLN D 422 -2.82 43.41 13.63
CA GLN D 422 -2.37 42.07 14.02
CA GLN D 422 -2.41 42.03 13.93
C GLN D 422 -0.97 41.78 13.43
C GLN D 422 -0.98 41.79 13.43
N ALA D 423 -0.70 42.24 12.20
CA ALA D 423 0.65 42.07 11.59
C ALA D 423 1.75 42.79 12.37
N ILE D 424 1.45 44.00 12.83
CA ILE D 424 2.40 44.78 13.64
C ILE D 424 2.67 44.04 14.98
N LEU D 425 1.61 43.54 15.61
CA LEU D 425 1.78 42.81 16.87
C LEU D 425 2.54 41.49 16.64
N ASP D 426 2.44 40.95 15.42
CA ASP D 426 3.14 39.69 15.11
C ASP D 426 4.61 39.87 14.71
N MET D 427 5.00 41.11 14.47
CA MET D 427 6.33 41.41 14.01
C MET D 427 7.38 41.17 15.11
N ARG D 428 8.42 40.42 14.76
CA ARG D 428 9.52 40.12 15.68
C ARG D 428 10.48 41.30 15.76
N LEU D 429 11.14 41.48 16.91
CA LEU D 429 12.07 42.60 17.09
C LEU D 429 13.20 42.60 16.06
N ARG D 430 13.58 41.42 15.57
CA ARG D 430 14.62 41.38 14.54
C ARG D 430 14.24 42.15 13.27
N ARG D 431 12.94 42.36 13.03
CA ARG D 431 12.48 43.08 11.83
C ARG D 431 12.82 44.57 11.89
N LEU D 432 13.34 44.99 13.04
CA LEU D 432 13.68 46.40 13.26
C LEU D 432 15.12 46.76 12.88
N THR D 433 15.93 45.76 12.55
CA THR D 433 17.31 46.00 12.10
C THR D 433 17.30 46.68 10.74
N GLY D 434 18.38 47.39 10.43
CA GLY D 434 18.55 48.13 9.17
C GLY D 434 18.21 47.28 7.96
N LEU D 435 18.82 46.10 7.83
CA LEU D 435 18.52 45.24 6.67
C LEU D 435 17.05 44.84 6.56
N GLU D 436 16.43 44.55 7.70
CA GLU D 436 15.02 44.12 7.72
C GLU D 436 14.05 45.24 7.37
N ARG D 437 14.33 46.44 7.85
CA ARG D 437 13.50 47.61 7.50
C ARG D 437 13.56 47.84 5.99
N ASP D 438 14.77 47.75 5.42
CA ASP D 438 14.96 47.92 3.98
C ASP D 438 14.21 46.86 3.20
N LYS D 439 14.17 45.62 3.71
CA LYS D 439 13.45 44.52 3.05
C LYS D 439 11.95 44.80 2.98
N ILE D 440 11.40 45.36 4.04
CA ILE D 440 9.99 45.72 4.07
C ILE D 440 9.67 46.74 2.99
N GLU D 441 10.53 47.76 2.87
CA GLU D 441 10.35 48.81 1.87
C GLU D 441 10.52 48.26 0.44
N ALA D 442 11.58 47.47 0.21
CA ALA D 442 11.86 46.88 -1.12
C ALA D 442 10.75 45.95 -1.59
N GLU D 443 10.22 45.12 -0.68
CA GLU D 443 9.15 44.22 -1.06
C GLU D 443 7.92 45.02 -1.47
N TYR D 444 7.67 46.13 -0.78
CA TYR D 444 6.50 46.96 -1.09
C TYR D 444 6.63 47.60 -2.48
N ASN D 445 7.78 48.21 -2.75
CA ASN D 445 8.01 48.85 -4.04
C ASN D 445 7.89 47.87 -5.22
N GLU D 446 8.45 46.67 -5.06
CA GLU D 446 8.36 45.61 -6.09
C GLU D 446 6.89 45.20 -6.26
N LEU D 447 6.17 45.11 -5.13
CA LEU D 447 4.76 44.73 -5.15
C LEU D 447 3.86 45.75 -5.91
N LEU D 448 4.12 47.05 -5.74
CA LEU D 448 3.37 48.08 -6.48
C LEU D 448 3.57 47.90 -8.00
N ASN D 449 4.81 47.60 -8.41
N ASN D 449 4.80 47.62 -8.41
CA ASN D 449 5.11 47.35 -9.82
CA ASN D 449 5.10 47.37 -9.83
C ASN D 449 4.35 46.12 -10.32
C ASN D 449 4.37 46.11 -10.33
N TYR D 450 4.44 45.04 -9.54
CA TYR D 450 3.75 43.78 -9.86
C TYR D 450 2.23 43.97 -10.01
N ILE D 451 1.62 44.70 -9.06
CA ILE D 451 0.17 45.01 -9.13
C ILE D 451 -0.18 45.75 -10.44
N SER D 452 0.70 46.67 -10.83
N SER D 452 0.69 46.68 -10.84
CA SER D 452 0.52 47.45 -12.06
CA SER D 452 0.49 47.44 -12.07
C SER D 452 0.53 46.54 -13.29
C SER D 452 0.53 46.53 -13.30
N GLU D 453 1.44 45.57 -13.31
CA GLU D 453 1.56 44.62 -14.41
C GLU D 453 0.34 43.71 -14.49
N LEU D 454 -0.22 43.32 -13.34
CA LEU D 454 -1.39 42.43 -13.32
C LEU D 454 -2.67 43.12 -13.81
N GLU D 455 -2.82 44.39 -13.42
CA GLU D 455 -3.96 45.19 -13.81
C GLU D 455 -4.00 45.42 -15.32
N THR D 456 -2.82 45.60 -15.90
CA THR D 456 -2.68 45.77 -17.34
C THR D 456 -3.23 44.51 -18.03
N ILE D 457 -2.79 43.34 -17.57
CA ILE D 457 -3.24 42.06 -18.14
C ILE D 457 -4.76 41.94 -18.09
N LEU D 458 -5.35 42.25 -16.94
CA LEU D 458 -6.79 42.14 -16.78
C LEU D 458 -7.59 43.21 -17.51
N ALA D 459 -6.95 44.33 -17.85
CA ALA D 459 -7.68 45.42 -18.52
C ALA D 459 -7.75 45.26 -20.05
N ASP D 460 -6.97 44.32 -20.60
CA ASP D 460 -6.91 44.13 -22.05
C ASP D 460 -6.89 42.64 -22.44
N GLU D 461 -7.98 42.15 -23.04
CA GLU D 461 -8.09 40.73 -23.45
C GLU D 461 -6.98 40.27 -24.40
N GLU D 462 -6.48 41.19 -25.22
N GLU D 462 -6.48 41.19 -25.22
CA GLU D 462 -5.42 40.84 -26.17
CA GLU D 462 -5.42 40.88 -26.17
C GLU D 462 -4.09 40.64 -25.46
C GLU D 462 -4.08 40.67 -25.47
N VAL D 463 -3.88 41.37 -24.36
CA VAL D 463 -2.63 41.23 -23.58
C VAL D 463 -2.67 39.87 -22.85
N LEU D 464 -3.85 39.49 -22.37
CA LEU D 464 -4.04 38.21 -21.70
C LEU D 464 -3.81 37.07 -22.68
N LEU D 465 -4.43 37.19 -23.85
CA LEU D 465 -4.29 36.17 -24.87
C LEU D 465 -2.82 36.05 -25.26
N GLN D 466 -2.15 37.19 -25.40
CA GLN D 466 -0.75 37.17 -25.77
C GLN D 466 0.10 36.51 -24.68
N LEU D 467 -0.27 36.68 -23.42
CA LEU D 467 0.46 36.02 -22.33
C LEU D 467 0.29 34.48 -22.44
N VAL D 468 -0.92 34.03 -22.77
CA VAL D 468 -1.19 32.60 -22.98
C VAL D 468 -0.27 32.08 -24.08
N ARG D 469 -0.17 32.82 -25.20
CA ARG D 469 0.73 32.47 -26.31
C ARG D 469 2.18 32.36 -25.86
N ASP D 470 2.64 33.38 -25.14
CA ASP D 470 4.03 33.40 -24.67
C ASP D 470 4.36 32.23 -23.74
N GLU D 471 3.46 31.92 -22.82
CA GLU D 471 3.67 30.81 -21.90
C GLU D 471 3.66 29.46 -22.68
N LEU D 472 2.72 29.30 -23.62
CA LEU D 472 2.73 28.09 -24.47
C LEU D 472 4.02 27.98 -25.27
N THR D 473 4.49 29.12 -25.79
CA THR D 473 5.72 29.16 -26.58
C THR D 473 6.93 28.69 -25.77
N GLU D 474 7.03 29.16 -24.52
N GLU D 474 7.02 29.14 -24.51
CA GLU D 474 8.11 28.77 -23.60
CA GLU D 474 8.12 28.77 -23.61
C GLU D 474 8.10 27.27 -23.36
C GLU D 474 8.10 27.27 -23.31
N ILE D 475 6.90 26.73 -23.12
CA ILE D 475 6.74 25.29 -22.90
C ILE D 475 7.15 24.56 -24.18
N ARG D 476 6.71 25.06 -25.34
CA ARG D 476 7.10 24.45 -26.62
C ARG D 476 8.62 24.39 -26.76
N ASP D 477 9.28 25.51 -26.47
CA ASP D 477 10.75 25.56 -26.57
C ASP D 477 11.49 24.67 -25.58
N ARG D 478 10.93 24.50 -24.40
CA ARG D 478 11.62 23.68 -23.40
C ARG D 478 11.32 22.18 -23.51
N PHE D 479 10.09 21.84 -23.84
CA PHE D 479 9.67 20.42 -23.91
C PHE D 479 9.39 19.83 -25.30
N GLY D 480 9.21 20.68 -26.30
CA GLY D 480 8.93 20.21 -27.67
C GLY D 480 10.10 19.39 -28.14
N ASP D 481 9.82 18.32 -28.88
CA ASP D 481 10.85 17.42 -29.38
C ASP D 481 10.56 17.03 -30.83
N ASP D 482 11.45 16.26 -31.45
CA ASP D 482 11.26 15.84 -32.83
C ASP D 482 10.11 14.84 -33.02
N ARG D 483 9.52 14.87 -34.20
CA ARG D 483 8.52 13.90 -34.59
C ARG D 483 9.21 12.53 -34.66
N ARG D 484 8.56 11.48 -34.15
CA ARG D 484 9.12 10.14 -34.19
C ARG D 484 8.49 9.30 -35.31
N THR D 485 7.16 9.36 -35.42
CA THR D 485 6.44 8.56 -36.39
C THR D 485 6.51 9.18 -37.77
N GLU D 486 6.95 8.42 -38.76
CA GLU D 486 7.01 8.95 -40.13
C GLU D 486 5.67 8.74 -40.83
N ILE D 487 5.12 9.82 -41.37
CA ILE D 487 3.88 9.72 -42.14
C ILE D 487 4.27 9.60 -43.62
N GLN D 488 4.10 8.41 -44.19
CA GLN D 488 4.46 8.16 -45.59
C GLN D 488 3.31 8.37 -46.54
N LEU D 489 3.55 9.23 -47.54
CA LEU D 489 2.60 9.64 -48.60
C LEU D 489 1.81 10.90 -48.23
MN MN H . 13.76 -10.47 -2.53
MN MN H . 15.07 -8.30 -0.04
C1 GOL I . -7.70 -18.30 13.95
O1 GOL I . -7.82 -16.95 13.49
C2 GOL I . -7.40 -18.37 15.44
O2 GOL I . -8.17 -17.44 16.22
C3 GOL I . -5.91 -18.15 15.66
O3 GOL I . -5.34 -19.44 15.90
C1 GOL J . 13.55 -1.38 15.82
O1 GOL J . 12.14 -1.65 15.82
C2 GOL J . 14.22 -2.68 15.46
O2 GOL J . 14.55 -3.40 16.66
C3 GOL J . 15.50 -2.43 14.67
O3 GOL J . 15.93 -3.73 14.26
C1 GOL K . -12.21 -13.11 23.32
O1 GOL K . -12.89 -13.89 22.35
C2 GOL K . -13.13 -11.97 23.75
O2 GOL K . -14.15 -12.47 24.62
C3 GOL K . -12.32 -10.92 24.47
O3 GOL K . -13.15 -9.82 24.87
C1 GOL L . -26.46 -22.03 28.96
O1 GOL L . -26.76 -22.95 27.91
C2 GOL L . -25.22 -22.54 29.69
O2 GOL L . -25.13 -21.85 30.94
C3 GOL L . -23.95 -22.28 28.86
O3 GOL L . -23.91 -20.89 28.55
C1 GOL M . 2.32 13.69 17.71
O1 GOL M . 1.79 14.28 16.52
C2 GOL M . 3.85 13.71 17.73
O2 GOL M . 4.35 13.52 16.40
C3 GOL M . 4.35 12.59 18.64
O3 GOL M . 5.67 12.18 18.26
C1 GOL N . -17.75 -38.42 35.87
O1 GOL N . -16.35 -38.16 35.83
C2 GOL N . -17.98 -39.91 35.61
O2 GOL N . -17.85 -40.11 34.20
C3 GOL N . -19.36 -40.32 36.12
O3 GOL N . -20.39 -39.91 35.21
CL CL O . -23.24 -36.55 33.44
MN MN P . -17.50 -0.78 -3.64
MN MN P . -17.15 -4.26 -3.67
MN MN Q . 3.33 58.88 9.29
C1 GOL R . -14.19 13.99 -9.93
O1 GOL R . -14.73 12.71 -10.26
C2 GOL R . -12.88 14.21 -10.71
O2 GOL R . -12.96 13.46 -11.92
C3 GOL R . -11.73 13.67 -9.87
O3 GOL R . -10.50 13.70 -10.60
C1 GOL S . 21.92 -10.51 -51.65
C1 GOL S . 22.06 -10.48 -52.26
O1 GOL S . 21.82 -11.09 -52.96
O1 GOL S . 20.67 -10.18 -52.36
C2 GOL S . 23.37 -10.09 -51.41
C2 GOL S . 22.62 -9.89 -50.98
O2 GOL S . 23.83 -10.66 -50.18
O2 GOL S . 23.21 -10.94 -50.20
C3 GOL S . 23.44 -8.58 -51.34
C3 GOL S . 23.71 -8.88 -51.33
O3 GOL S . 22.37 -8.02 -52.10
O3 GOL S . 24.72 -9.50 -52.11
C1 GOL T . 1.36 55.14 1.62
O1 GOL T . 2.45 54.30 1.16
C2 GOL T . 0.02 54.40 1.68
O2 GOL T . -0.93 55.05 0.82
C3 GOL T . -0.56 54.45 3.09
O3 GOL T . 0.34 53.85 4.03
C1 GOL U . 1.85 -3.57 -25.55
O1 GOL U . 0.58 -2.92 -25.69
C2 GOL U . 2.68 -2.84 -24.51
O2 GOL U . 4.05 -2.72 -24.93
C3 GOL U . 2.55 -3.63 -23.22
O3 GOL U . 1.25 -3.30 -22.70
C4 6EJ V . -4.03 -15.37 -6.07
C4 6EJ V . -2.26 -15.08 -6.96
C5 6EJ V . -2.80 -14.86 -6.42
C5 6EJ V . -3.33 -14.67 -6.19
C6 6EJ V . -1.85 -15.46 -7.33
C6 6EJ V . -4.49 -15.47 -5.85
C7 6EJ V . -0.69 -14.85 -7.60
C7 6EJ V . -5.45 -14.94 -5.09
C8 6EJ V . -0.30 -13.55 -7.02
C8 6EJ V . -5.43 -13.58 -4.55
C17 6EJ V . -2.18 -7.96 -2.18
C17 6EJ V . -1.51 -7.27 -4.05
C20 6EJ V . -3.17 -7.99 -4.91
C20 6EJ V . -0.09 -9.53 -2.97
C22 6EJ V . -2.67 -4.89 -1.08
C22 6EJ V . 0.28 -4.68 -3.08
C24 6EJ V . -0.95 -3.16 -0.52
C24 6EJ V . -0.61 -2.63 -2.00
C28 6EJ V . -0.14 0.82 0.11
C28 6EJ V . -0.03 0.24 0.74
C3 6EJ V . -4.83 -14.66 -5.19
C3 6EJ V . -1.22 -14.20 -7.19
C33 6EJ V . -3.17 -12.91 -5.02
C33 6EJ V . -2.31 -12.49 -5.88
C34 6EJ V . -2.42 -13.65 -5.89
C34 6EJ V . -3.31 -13.40 -5.67
C25 6EJ V . -0.64 -1.84 -0.26
C25 6EJ V . -0.41 -1.54 -1.20
C2 6EJ V . -4.39 -13.46 -4.68
C2 6EJ V . -1.26 -12.93 -6.66
C23 6EJ V . -2.26 -3.48 -0.79
C23 6EJ V . 0.44 -3.48 -2.19
C30 6EJ V . -1.68 -0.92 -0.29
C30 6EJ V . 0.83 -1.37 -0.64
C19 6EJ V . -2.59 -6.72 -4.31
C19 6EJ V . 0.02 -8.19 -2.28
C16 6EJ V . -2.82 -9.17 -2.82
C16 6EJ V . -1.55 -8.66 -4.63
C11 6EJ V . -1.16 -11.78 -5.43
C11 6EJ V . -3.94 -11.50 -4.55
C27 6EJ V . 0.71 -0.25 0.77
C27 6EJ V . -1.04 0.54 -0.36
C12 6EJ V . -2.45 -11.67 -4.64
C12 6EJ V . -2.59 -11.21 -5.19
C18 6EJ V . -2.73 -6.67 -2.80
C18 6EJ V . -0.27 -7.04 -3.22
C14 6EJ V . -3.22 -10.39 -4.85
C14 6EJ V . -1.46 -10.99 -4.20
N32 6EJ V . -3.23 -2.54 -0.80
N32 6EJ V . 1.63 -3.27 -1.64
N31 6EJ V . -2.94 -1.26 -0.55
N31 6EJ V . 1.85 -2.21 -0.84
N10 6EJ V . -1.21 -13.01 -6.17
N10 6EJ V . -4.31 -12.85 -4.89
N15 6EJ V . -2.62 -9.19 -4.27
N15 6EJ V . -1.38 -9.67 -3.60
N21 6EJ V . -2.04 -5.50 -2.26
N21 6EJ V . -0.41 -5.79 -2.46
O9 6EJ V . 0.78 -13.05 -7.30
O9 6EJ V . -6.36 -13.17 -3.86
O26 6EJ V . 0.66 -1.47 0.03
O26 6EJ V . -1.47 -0.67 -0.99
O29 6EJ V . -1.50 0.42 -0.05
O29 6EJ V . 1.14 -0.32 0.19
F1 6EJ V . -5.18 -12.78 -3.82
F1 6EJ V . -0.24 -12.09 -6.89
#